data_6GMY
#
_entry.id   6GMY
#
loop_
_entity.id
_entity.type
_entity.pdbx_description
1 polymer "Tc-DNA (5'-(*(TCJ)P*(TTK)P*(TCJ)P*(TCS)P*(TCS)P*(TCJ)P*(TTK)P*(TTK)P*(TCY)P*(TCJ))-3')"
2 polymer "RNA (5'-R(*GP*UP*AP*AP*GP*CP*CP*GP*AP*G)-3')"
#
loop_
_entity_poly.entity_id
_entity_poly.type
_entity_poly.pdbx_seq_one_letter_code
_entity_poly.pdbx_strand_id
1 'polydeoxyribonucleotide' (F7H)(EAN)(TCJ)(F4Q)(F4Q)(TCJ)(EAN)(EAN)(TCY)(TCJ) A
2 'polyribonucleotide' GUAAGCCGAG B
#
loop_
_chem_comp.id
_chem_comp.type
_chem_comp.name
_chem_comp.formula
A RNA linking ADENOSINE-5'-MONOPHOSPHATE 'C10 H14 N5 O7 P'
C RNA linking CYTIDINE-5'-MONOPHOSPHATE 'C9 H14 N3 O8 P'
EAN DNA linking '[(1~{S},2~{R},4~{R},6~{S},8~{R})-8-[5-methyl-2,4-bis(oxidanylidene)pyrimidin-1-yl]-6-oxidanyl-9-oxatricyclo[4.3.0.0^{2,4}]nonan-2-yl] dihydrogen phosphate' 'C13 H17 N2 O8 P'
F4Q DNA linking '[(1~{S},2~{R},4~{R},6~{S},8~{R})-8-(2-azanyl-6-oxidanylidene-1~{H}-purin-9-yl)-6-oxidanyl-9-oxatricyclo[4.3.0.0^{2,4}]nonan-2-yl] dihydrogen phosphate' 'C13 H16 N5 O7 P'
F7H DNA linking 4-azanyl-1-[(1~{S},2~{R},4~{S},6~{S},8~{R})-2,6-bis(oxidanyl)-9-oxatricyclo[4.3.0.0^{2,4}]nonan-8-yl]-5-methyl-pyrimidin-2-one 'C13 H17 N3 O4'
G RNA linking GUANOSINE-5'-MONOPHOSPHATE 'C10 H14 N5 O8 P'
TCJ DNA linking '[(1~{S},2~{R},4~{R},6~{S},8~{R})-8-(4-azanyl-5-methyl-2-oxidanylidene-pyrimidin-1-yl)-6-oxidanyl-9-oxatricyclo[4.3.0.0^{2,4}]nonan-2-yl] dihydrogen phosphate' 'C13 H18 N3 O7 P'
TCY DNA linking '(2R,3aS,4aR,5aR,5bS)-2-(6-amino-9H-purin-9-yl)-3a-hydroxyhexahydrocyclopropa[4,5]cyclopenta[1,2-b]furan-5a(4H)-yl dihydrogen phosphate' 'C13 H16 N5 O6 P'
U RNA linking URIDINE-5'-MONOPHOSPHATE 'C9 H13 N2 O9 P'
#
# COMPACT_ATOMS: atom_id res chain seq x y z
O5' F7H A 1 14.52 10.41 2.55
C5' F7H A 1 14.26 9.99 1.24
C4' F7H A 1 15.35 9.20 0.53
O4' F7H A 1 16.01 8.31 1.46
C1' F7H A 1 15.97 6.97 0.98
N1 F7H A 1 15.08 6.12 1.85
C6 F7H A 1 14.23 6.69 2.80
C5 F7H A 1 13.47 5.90 3.61
C7 F7H A 1 12.53 6.50 4.65
C4 F7H A 1 13.59 4.45 3.43
N4 F7H A 1 12.90 3.59 4.18
N3 F7H A 1 14.41 3.94 2.51
C2 F7H A 1 15.16 4.73 1.68
O2 F7H A 1 15.87 4.23 0.82
C3' F7H A 1 14.70 8.35 -0.53
C2' F7H A 1 15.46 7.03 -0.47
C7' F7H A 1 13.21 8.24 -0.12
C6' F7H A 1 12.94 9.37 0.87
C8' F7H A 1 13.26 10.76 0.42
O3' F7H A 1 14.86 9.03 -1.78
HO5' F7H A 1 15.32 10.95 2.55
H4' F7H A 1 16.08 9.87 0.08
H1' F7H A 1 16.97 6.53 0.98
H6 F7H A 1 14.18 7.76 2.91
H71 F7H A 1 12.71 7.58 4.74
H72 F7H A 1 12.71 6.03 5.62
H73 F7H A 1 11.50 6.33 4.35
H41 F7H A 1 13.02 2.61 4.01
H42 F7H A 1 12.26 3.91 4.88
H2' F7H A 1 14.82 6.18 -0.71
H2'' F7H A 1 16.31 7.05 -1.15
H7' F7H A 1 13.02 7.29 0.37
H7'' F7H A 1 12.57 8.35 -0.99
H6' F7H A 1 12.17 9.23 1.63
H8' F7H A 1 13.50 10.92 -0.62
H8'' F7H A 1 12.77 11.59 0.93
C7 EAN A 2 10.68 5.93 0.49
C6 EAN A 2 12.36 4.71 -0.94
C5 EAN A 2 11.48 4.70 0.11
C4 EAN A 2 11.28 3.47 0.90
C2 EAN A 2 12.92 2.37 -0.63
P EAN A 2 14.64 8.38 -3.25
O1P EAN A 2 15.81 7.55 -3.57
O2P EAN A 2 14.25 9.48 -4.15
O5' EAN A 2 13.34 7.42 -3.07
C5' EAN A 2 13.00 6.45 -4.03
C4' EAN A 2 13.89 5.21 -4.13
O4' EAN A 2 14.41 4.94 -2.81
C1' EAN A 2 14.09 3.60 -2.42
N1 EAN A 2 13.08 3.59 -1.31
O4 EAN A 2 10.56 3.35 1.88
N3 EAN A 2 12.02 2.37 0.44
O2 EAN A 2 13.52 1.35 -0.95
C3' EAN A 2 13.03 4.03 -4.54
C2' EAN A 2 13.56 2.90 -3.67
C7' EAN A 2 11.58 4.46 -4.24
C6' EAN A 2 11.57 5.97 -4.07
C8' EAN A 2 12.10 6.80 -5.20
O3' EAN A 2 13.21 3.76 -5.93
H73 EAN A 2 11.08 6.36 1.41
H71 EAN A 2 10.72 6.66 -0.31
H72 EAN A 2 9.64 5.65 0.65
H6 EAN A 2 12.48 5.63 -1.50
H4' EAN A 2 14.70 5.36 -4.84
H1' EAN A 2 14.99 3.09 -2.08
H3 EAN A 2 11.91 1.51 0.94
H2' EAN A 2 12.79 2.17 -3.44
H2'' EAN A 2 14.41 2.41 -4.17
H7' EAN A 2 11.23 4.00 -3.31
H7'' EAN A 2 10.93 4.17 -5.06
H6' EAN A 2 10.85 6.42 -3.40
H8' EAN A 2 12.30 6.31 -6.15
H8'' EAN A 2 11.78 7.85 -5.27
P TCJ A 3 12.68 2.39 -6.63
O1P TCJ A 3 13.79 1.41 -6.60
O2P TCJ A 3 12.07 2.76 -7.93
O5' TCJ A 3 11.50 1.85 -5.67
C5' TCJ A 3 10.93 0.58 -5.90
C4' TCJ A 3 11.62 -0.64 -5.29
O4' TCJ A 3 12.18 -0.26 -4.02
C1' TCJ A 3 11.70 -1.12 -2.99
N1 TCJ A 3 10.76 -0.39 -2.07
C6 TCJ A 3 10.22 0.85 -2.39
C5 TCJ A 3 9.36 1.48 -1.54
C7 TCJ A 3 8.74 2.83 -1.88
C4 TCJ A 3 9.08 0.82 -0.26
N4 TCJ A 3 8.28 1.35 0.65
N3 TCJ A 3 9.64 -0.36 0.02
C2 TCJ A 3 10.46 -1.02 -0.85
O2 TCJ A 3 10.91 -2.13 -0.56
C3' TCJ A 3 10.59 -1.71 -5.05
C2' TCJ A 3 11.00 -2.28 -3.69
C7' TCJ A 3 9.23 -0.98 -5.04
C6' TCJ A 3 9.45 0.39 -5.71
C8' TCJ A 3 10.02 0.37 -7.09
O3' TCJ A 3 10.67 -2.67 -6.11
H4' TCJ A 3 12.41 -1.00 -5.96
H1' TCJ A 3 12.54 -1.51 -2.40
H6 TCJ A 3 10.47 1.31 -3.33
H73 TCJ A 3 9.02 3.13 -2.90
H71 TCJ A 3 9.09 3.58 -1.19
H72 TCJ A 3 7.65 2.75 -1.83
H41 TCJ A 3 8.12 0.84 1.51
H42 TCJ A 3 7.82 2.24 0.50
H2' TCJ A 3 10.13 -2.65 -3.14
H2'' TCJ A 3 11.72 -3.09 -3.84
H7' TCJ A 3 8.88 -0.82 -4.03
H7'' TCJ A 3 8.49 -1.54 -5.61
H6' TCJ A 3 8.84 1.23 -5.40
H8' TCJ A 3 10.06 -0.59 -7.62
H8'' TCJ A 3 9.84 1.26 -7.72
C8 F4Q A 4 7.50 -2.80 -2.04
C2 F4Q A 4 6.09 -3.99 1.95
C4 F4Q A 4 6.94 -3.68 -0.11
C5 F4Q A 4 6.52 -2.36 -0.20
C6 F4Q A 4 5.83 -1.76 0.91
P F4Q A 4 10.01 -4.15 -6.05
O1P F4Q A 4 10.82 -5.00 -5.14
O2P F4Q A 4 9.77 -4.60 -7.44
O5' F4Q A 4 8.57 -3.91 -5.36
C5' F4Q A 4 7.76 -4.99 -4.99
C4' F4Q A 4 8.23 -5.89 -3.86
O4' F4Q A 4 8.92 -5.09 -2.89
C1' F4Q A 4 8.30 -5.22 -1.61
N9 F4Q A 4 7.60 -3.95 -1.29
N7 F4Q A 4 6.89 -1.82 -1.43
O6 F4Q A 4 5.42 -0.61 1.03
N1 F4Q A 4 5.67 -2.67 1.97
N2 F4Q A 4 5.79 -4.73 3.02
N3 F4Q A 4 6.76 -4.54 0.92
C3' F4Q A 4 7.01 -6.49 -3.19
C2' F4Q A 4 7.35 -6.40 -1.70
C7' F4Q A 4 5.82 -5.60 -3.62
C6' F4Q A 4 6.27 -4.78 -4.83
C8' F4Q A 4 6.78 -5.54 -6.01
O3' F4Q A 4 6.84 -7.84 -3.62
H8 F4Q A 4 7.90 -2.73 -3.03
H4' F4Q A 4 8.87 -6.67 -4.23
H1' F4Q A 4 9.05 -5.41 -0.84
H1 F4Q A 4 5.18 -2.33 2.79
H22 F4Q A 4 6.07 -5.70 3.04
H21 F4Q A 4 5.28 -4.32 3.79
H2' F4Q A 4 6.47 -6.27 -1.09
H2'' F4Q A 4 7.90 -7.31 -1.40
H7' F4Q A 4 5.53 -4.92 -2.82
H7'' F4Q A 4 4.97 -6.21 -3.91
H6' F4Q A 4 5.85 -3.80 -5.00
H8' F4Q A 4 6.65 -6.63 -6.02
H8'' F4Q A 4 6.76 -5.05 -6.99
C8 F4Q A 5 3.66 -5.40 -0.21
C2 F4Q A 5 1.74 -4.10 3.52
C4 F4Q A 5 2.74 -5.06 1.74
C5 F4Q A 5 2.78 -3.89 1.01
C6 F4Q A 5 2.25 -2.68 1.57
P F4Q A 5 5.86 -8.89 -2.85
O1P F4Q A 5 6.56 -9.38 -1.63
O2P F4Q A 5 5.34 -9.87 -3.83
O5' F4Q A 5 4.64 -7.96 -2.38
C5' F4Q A 5 3.43 -8.50 -1.89
C4' F4Q A 5 3.41 -8.96 -0.43
O4' F4Q A 5 4.27 -8.12 0.36
C1' F4Q A 5 3.51 -7.45 1.37
N9 F4Q A 5 3.31 -6.03 0.97
N7 F4Q A 5 3.37 -4.12 -0.23
O6 F4Q A 5 2.22 -1.55 1.08
N1 F4Q A 5 1.73 -2.89 2.86
N2 F4Q A 5 1.22 -4.11 4.75
N3 F4Q A 5 2.24 -5.23 3.00
C3' F4Q A 5 2.00 -8.80 0.10
C2' F4Q A 5 2.20 -8.21 1.48
C7' F4Q A 5 1.29 -7.86 -0.89
C6' F4Q A 5 2.14 -7.77 -2.15
C8' F4Q A 5 2.42 -9.06 -2.86
O3' F4Q A 5 1.37 -10.08 0.14
H8 F4Q A 5 4.14 -5.91 -1.02
H4' F4Q A 5 3.73 -10.00 -0.34
H1' F4Q A 5 4.04 -7.48 2.33
H1 F4Q A 5 1.33 -2.09 3.33
H22 F4Q A 5 1.19 -4.96 5.28
H21 F4Q A 5 0.85 -3.27 5.14
H2' F4Q A 5 1.38 -7.56 1.77
H2'' F4Q A 5 2.31 -9.01 2.22
H7' F4Q A 5 1.19 -6.86 -0.47
H7'' F4Q A 5 0.31 -8.24 -1.15
H6' F4Q A 5 2.16 -6.86 -2.73
H8' F4Q A 5 1.85 -9.94 -2.55
H8'' F4Q A 5 2.67 -9.02 -3.92
P TCJ A 6 -0.03 -10.38 0.89
O1P TCJ A 6 0.28 -10.75 2.29
O2P TCJ A 6 -0.80 -11.30 0.03
O5' TCJ A 6 -0.80 -8.97 0.90
C5' TCJ A 6 -2.02 -8.82 1.62
C4' TCJ A 6 -1.96 -8.29 3.04
O4' TCJ A 6 -0.91 -7.32 3.17
C1' TCJ A 6 -1.44 -6.08 3.70
N1 TCJ A 6 -1.40 -5.00 2.65
C6 TCJ A 6 -1.01 -5.25 1.33
C5 TCJ A 6 -0.88 -4.23 0.43
C7 TCJ A 6 -0.47 -4.49 -1.00
C4 TCJ A 6 -1.16 -2.89 0.92
N4 TCJ A 6 -1.00 -1.81 0.14
N3 TCJ A 6 -1.57 -2.67 2.18
C2 TCJ A 6 -1.72 -3.70 3.07
O2 TCJ A 6 -2.15 -3.48 4.20
C3' TCJ A 6 -3.27 -7.59 3.34
C2' TCJ A 6 -2.85 -6.38 4.16
C7' TCJ A 6 -3.85 -7.25 1.95
C6' TCJ A 6 -3.19 -8.17 0.93
C8' TCJ A 6 -3.23 -9.64 1.21
O3' TCJ A 6 -4.12 -8.47 4.05
H4' TCJ A 6 -1.80 -9.10 3.75
H1' TCJ A 6 -0.83 -5.76 4.55
H6 TCJ A 6 -0.79 -6.26 1.02
H73 TCJ A 6 -0.63 -5.55 -1.24
H71 TCJ A 6 0.58 -4.24 -1.13
H72 TCJ A 6 -1.08 -3.88 -1.67
H41 TCJ A 6 -1.20 -0.90 0.52
H42 TCJ A 6 -0.70 -1.91 -0.82
H2' TCJ A 6 -3.52 -5.54 4.00
H2'' TCJ A 6 -2.82 -6.65 5.22
H7' TCJ A 6 -3.64 -6.21 1.68
H7'' TCJ A 6 -4.93 -7.41 1.93
H6' TCJ A 6 -3.11 -7.84 -0.10
H8' TCJ A 6 -3.89 -9.99 2.02
H8'' TCJ A 6 -3.10 -10.33 0.37
C7 EAN A 7 -4.78 -3.94 0.20
C6 EAN A 7 -5.34 -3.30 2.55
C5 EAN A 7 -5.06 -2.90 1.27
C4 EAN A 7 -5.02 -1.47 0.92
C2 EAN A 7 -5.64 -0.99 3.29
P EAN A 7 -5.48 -8.00 4.81
O1P EAN A 7 -5.10 -7.52 6.17
O2P EAN A 7 -6.47 -9.08 4.67
O5' EAN A 7 -5.99 -6.74 3.95
C5' EAN A 7 -7.10 -5.98 4.38
C4' EAN A 7 -6.86 -4.88 5.41
O4' EAN A 7 -5.61 -4.22 5.12
C1' EAN A 7 -5.83 -2.80 4.99
N1 EAN A 7 -5.62 -2.38 3.56
O4 EAN A 7 -4.72 -1.03 -0.18
N3 EAN A 7 -5.34 -0.61 1.97
O2 EAN A 7 -5.93 -0.15 4.14
C3' EAN A 7 -7.95 -3.87 5.28
C2' EAN A 7 -7.24 -2.54 5.49
C7' EAN A 7 -8.52 -4.05 3.86
C6' EAN A 7 -8.05 -5.42 3.36
C8' EAN A 7 -8.49 -6.58 4.19
O3' EAN A 7 -8.94 -4.13 6.28
H73 EAN A 7 -3.71 -4.18 0.18
H71 EAN A 7 -5.08 -3.55 -0.77
H72 EAN A 7 -5.35 -4.85 0.41
H6 EAN A 7 -5.35 -4.35 2.77
H4' EAN A 7 -6.83 -5.29 6.41
H1' EAN A 7 -5.12 -2.27 5.62
H3 EAN A 7 -5.35 0.37 1.77
H2' EAN A 7 -7.73 -1.73 4.96
H2'' EAN A 7 -7.20 -2.32 6.57
H7' EAN A 7 -8.12 -3.28 3.18
H7'' EAN A 7 -9.60 -4.01 3.86
H6' EAN A 7 -7.87 -5.57 2.30
H8' EAN A 7 -9.23 -6.39 4.97
H8'' EAN A 7 -8.55 -7.55 3.70
C7 EAN A 8 -8.75 -1.92 0.70
C6 EAN A 8 -9.14 -0.17 2.44
C5 EAN A 8 -8.74 -0.48 1.18
C4 EAN A 8 -8.30 0.59 0.26
C2 EAN A 8 -8.81 2.22 2.08
P EAN A 8 -10.17 -3.17 6.65
O1P EAN A 8 -9.72 -2.23 7.69
O2P EAN A 8 -11.34 -4.04 6.89
O5' EAN A 8 -10.47 -2.34 5.30
C5' EAN A 8 -11.42 -1.30 5.31
C4' EAN A 8 -10.92 0.11 5.62
O4' EAN A 8 -9.59 0.27 5.14
C1' EAN A 8 -9.51 1.47 4.35
N1 EAN A 8 -9.16 1.14 2.92
O4 EAN A 8 -7.85 0.41 -0.87
N3 EAN A 8 -8.41 1.88 0.78
O2 EAN A 8 -8.88 3.38 2.44
C3' EAN A 8 -11.81 1.10 4.91
C2' EAN A 8 -10.84 2.19 4.50
C7' EAN A 8 -12.42 0.29 3.74
C6' EAN A 8 -12.36 -1.19 4.13
C8' EAN A 8 -12.89 -1.59 5.49
O3' EAN A 8 -12.82 1.56 5.80
H73 EAN A 8 -8.83 -1.95 -0.38
H71 EAN A 8 -9.59 -2.45 1.14
H72 EAN A 8 -7.82 -2.41 1.01
H6 EAN A 8 -9.45 -0.97 3.10
H4' EAN A 8 -10.95 0.29 6.71
H1' EAN A 8 -8.70 2.11 4.74
H3 EAN A 8 -8.14 2.64 0.17
H2' EAN A 8 -11.13 2.70 3.60
H2'' EAN A 8 -10.74 2.91 5.33
H7' EAN A 8 -11.83 0.43 2.83
H7'' EAN A 8 -13.45 0.57 3.57
H6' EAN A 8 -12.33 -1.95 3.35
H8' EAN A 8 -13.49 -0.86 6.04
H8'' EAN A 8 -13.17 -2.63 5.64
O1P TCY A 9 -12.99 4.06 5.89
P TCY A 9 -13.76 2.86 5.52
O2P TCY A 9 -15.07 2.60 6.16
C8' TCY A 9 -16.32 3.63 3.28
O5' TCY A 9 -13.98 2.87 3.92
C5' TCY A 9 -14.82 3.82 3.30
C6' TCY A 9 -15.52 3.40 2.03
C4' TCY A 9 -14.28 5.23 3.08
C3' TCY A 9 -14.84 5.77 1.77
C7' TCY A 9 -15.41 4.54 1.03
O3' TCY A 9 -15.87 6.73 2.03
C2' TCY A 9 -13.63 6.40 1.10
C1' TCY A 9 -12.44 5.64 1.67
O4' TCY A 9 -12.85 5.17 2.96
N9 TCY A 9 -12.06 4.48 0.82
C4 TCY A 9 -11.50 4.57 -0.42
N3 TCY A 9 -11.22 5.73 -1.09
C2 TCY A 9 -10.69 5.48 -2.29
N1 TCY A 9 -10.41 4.29 -2.83
C6 TCY A 9 -10.68 3.16 -2.14
N6 TCY A 9 -10.35 2.00 -2.73
C5 TCY A 9 -11.27 3.29 -0.85
N7 TCY A 9 -11.69 2.37 0.12
C8 TCY A 9 -12.15 3.13 1.08
H8' TCY A 9 -16.94 4.52 3.32
H8'A TCY A 9 -16.70 2.76 3.81
H6' TCY A 9 -15.39 2.38 1.67
H4' TCY A 9 -14.56 5.89 3.90
H7' TCY A 9 -14.75 4.24 0.21
H7'A TCY A 9 -16.40 4.76 0.63
H2' TCY A 9 -13.67 6.33 0.02
H2'A TCY A 9 -13.55 7.45 1.41
H1' TCY A 9 -11.59 6.31 1.77
H2 TCY A 9 -10.46 6.32 -2.90
HN6 TCY A 9 -9.94 2.03 -3.65
HN6A TCY A 9 -10.51 1.12 -2.26
H8 TCY A 9 -12.57 2.73 1.99
P TCJ A 10 -16.47 7.73 0.89
O1P TCJ A 10 -15.50 8.83 0.67
O2P TCJ A 10 -17.87 8.06 1.28
O5' TCJ A 10 -16.55 6.85 -0.45
C5' TCJ A 10 -16.83 7.45 -1.70
C4' TCJ A 10 -15.65 8.02 -2.49
O4' TCJ A 10 -14.53 7.14 -2.38
C1' TCJ A 10 -13.88 7.02 -3.66
N1 TCJ A 10 -13.63 5.58 -4.01
C6 TCJ A 10 -14.07 4.53 -3.22
C5 TCJ A 10 -13.79 3.24 -3.53
C7 TCJ A 10 -14.27 2.08 -2.67
C4 TCJ A 10 -13.02 3.01 -4.74
N4 TCJ A 10 -12.66 1.79 -5.15
N3 TCJ A 10 -12.60 4.03 -5.51
C2 TCJ A 10 -12.87 5.33 -5.18
O2 TCJ A 10 -12.46 6.25 -5.87
C3' TCJ A 10 -16.04 8.07 -3.95
C2' TCJ A 10 -14.76 7.71 -4.70
C7' TCJ A 10 -17.15 7.01 -4.09
C6' TCJ A 10 -17.73 6.76 -2.70
C8' TCJ A 10 -18.25 7.94 -1.96
O3' TCJ A 10 -16.50 9.36 -4.31
H4' TCJ A 10 -15.39 9.02 -2.13
H1' TCJ A 10 -12.91 7.52 -3.61
H6 TCJ A 10 -14.68 4.74 -2.35
H73 TCJ A 10 -14.85 1.39 -3.28
H71 TCJ A 10 -14.90 2.46 -1.85
H72 TCJ A 10 -13.41 1.56 -2.24
H41 TCJ A 10 -12.12 1.70 -6.00
H42 TCJ A 10 -12.94 0.97 -4.63
H2' TCJ A 10 -14.95 7.08 -5.56
H2'' TCJ A 10 -14.25 8.63 -5.03
H7' TCJ A 10 -16.74 6.08 -4.47
H7'' TCJ A 10 -17.93 7.37 -4.77
H6' TCJ A 10 -18.13 5.78 -2.46
H8' TCJ A 10 -18.37 8.88 -2.50
H8'' TCJ A 10 -18.99 7.76 -1.17
H3T TCJ A 10 -16.39 9.46 -5.26
O5' F7H A 1 15.82 9.11 3.25
C5' F7H A 1 15.42 9.00 1.91
C4' F7H A 1 16.41 8.39 0.91
O4' F7H A 1 17.20 7.39 1.59
C1' F7H A 1 17.07 6.12 0.94
N1 F7H A 1 16.24 5.17 1.75
C6 F7H A 1 15.49 5.60 2.84
C5 F7H A 1 14.70 4.75 3.54
C7 F7H A 1 13.86 5.22 4.71
C4 F7H A 1 14.69 3.35 3.10
N4 F7H A 1 13.95 2.43 3.73
N3 F7H A 1 15.43 2.95 2.05
C2 F7H A 1 16.23 3.82 1.37
O2 F7H A 1 16.94 3.42 0.45
C3' F7H A 1 15.63 7.69 -0.18
C2' F7H A 1 16.40 6.40 -0.40
C7' F7H A 1 14.19 7.52 0.38
C6' F7H A 1 14.06 8.45 1.59
C8' F7H A 1 14.35 9.91 1.38
O3' F7H A 1 15.61 8.49 -1.36
HO5' F7H A 1 15.65 10.01 3.56
H4' F7H A 1 17.06 9.15 0.48
H1' F7H A 1 18.04 5.68 0.77
H6 F7H A 1 15.55 6.63 3.15
H71 F7H A 1 14.30 4.85 5.64
H72 F7H A 1 12.85 4.85 4.61
H73 F7H A 1 13.84 6.31 4.73
H41 F7H A 1 13.96 1.48 3.39
H42 F7H A 1 13.38 2.68 4.52
H2' F7H A 1 15.74 5.59 -0.70
H2'' F7H A 1 17.17 6.55 -1.15
H7' F7H A 1 14.03 6.49 0.71
H7'' F7H A 1 13.45 7.79 -0.37
H6' F7H A 1 13.39 8.17 2.40
H8' F7H A 1 14.46 10.28 0.35
H8'' F7H A 1 13.93 10.63 2.09
C7 EAN A 2 11.40 5.53 0.83
C6 EAN A 2 12.97 4.15 -0.56
C5 EAN A 2 12.06 4.21 0.46
C4 EAN A 2 11.70 3.00 1.20
C2 EAN A 2 13.29 1.76 -0.26
P EAN A 2 15.06 7.97 -2.82
O1P EAN A 2 16.20 7.42 -3.57
O2P EAN A 2 14.27 9.09 -3.40
O5' EAN A 2 14.03 6.78 -2.49
C5' EAN A 2 13.59 5.87 -3.49
C4' EAN A 2 14.39 4.58 -3.71
O4' EAN A 2 15.00 4.20 -2.47
C1' EAN A 2 14.56 2.89 -2.08
N1 EAN A 2 13.59 2.96 -0.94
O4 EAN A 2 10.89 2.95 2.12
N3 EAN A 2 12.37 1.85 0.77
O2 EAN A 2 13.82 0.70 -0.56
C3' EAN A 2 13.44 3.49 -4.12
C2' EAN A 2 13.91 2.28 -3.33
C7' EAN A 2 12.03 3.99 -3.74
C6' EAN A 2 12.13 5.50 -3.51
C8' EAN A 2 12.69 6.34 -4.62
O3' EAN A 2 13.55 3.30 -5.52
H73 EAN A 2 11.56 6.26 0.05
H71 EAN A 2 10.34 5.37 0.97
H72 EAN A 2 11.83 5.90 1.76
H6 EAN A 2 13.23 5.06 -1.06
H4' EAN A 2 15.15 4.74 -4.47
H1' EAN A 2 15.42 2.27 -1.77
H3 EAN A 2 12.15 1.00 1.26
H2' EAN A 2 13.10 1.61 -3.06
H2'' EAN A 2 14.68 1.74 -3.89
H7' EAN A 2 11.69 3.52 -2.82
H7'' EAN A 2 11.32 3.79 -4.55
H6' EAN A 2 11.45 5.97 -2.79
H8' EAN A 2 12.81 5.87 -5.60
H8'' EAN A 2 12.44 7.41 -4.63
P TCJ A 3 12.92 2.07 -6.34
O1P TCJ A 3 13.96 1.02 -6.47
O2P TCJ A 3 12.28 2.63 -7.55
O5' TCJ A 3 11.74 1.49 -5.40
C5' TCJ A 3 11.15 0.23 -5.69
C4' TCJ A 3 11.80 -1.01 -5.10
O4' TCJ A 3 12.42 -0.69 -3.84
C1' TCJ A 3 11.91 -1.54 -2.81
N1 TCJ A 3 11.06 -0.75 -1.86
C6 TCJ A 3 10.55 0.49 -2.18
C5 TCJ A 3 9.73 1.16 -1.33
C7 TCJ A 3 9.17 2.54 -1.68
C4 TCJ A 3 9.42 0.50 -0.07
N4 TCJ A 3 8.59 1.05 0.83
N3 TCJ A 3 9.94 -0.69 0.24
C2 TCJ A 3 10.78 -1.36 -0.62
O2 TCJ A 3 11.26 -2.45 -0.31
C3' TCJ A 3 10.73 -2.05 -4.85
C2' TCJ A 3 11.10 -2.64 -3.49
C7' TCJ A 3 9.39 -1.26 -4.87
C6' TCJ A 3 9.66 0.08 -5.55
C8' TCJ A 3 10.28 0.07 -6.92
O3' TCJ A 3 10.75 -3.03 -5.89
H4' TCJ A 3 12.56 -1.41 -5.78
H1' TCJ A 3 12.74 -1.98 -2.25
H6 TCJ A 3 10.82 0.95 -3.13
H73 TCJ A 3 9.58 3.28 -1.00
H71 TCJ A 3 8.09 2.52 -1.60
H72 TCJ A 3 9.45 2.80 -2.71
H41 TCJ A 3 8.40 0.55 1.69
H42 TCJ A 3 8.15 1.94 0.65
H2' TCJ A 3 10.23 -2.92 -2.91
H2'' TCJ A 3 11.76 -3.50 -3.65
H7' TCJ A 3 9.04 -1.07 -3.85
H7'' TCJ A 3 8.63 -1.80 -5.43
H6' TCJ A 3 9.05 0.94 -5.28
H8' TCJ A 3 10.32 -0.89 -7.45
H8'' TCJ A 3 10.16 0.96 -7.55
C8 F4Q A 4 7.55 -2.89 -1.80
C2 F4Q A 4 6.12 -3.72 2.26
C4 F4Q A 4 6.98 -3.59 0.18
C5 F4Q A 4 6.56 -2.30 -0.02
C6 F4Q A 4 5.87 -1.60 1.05
P F4Q A 4 9.97 -4.47 -5.80
O1P F4Q A 4 10.82 -5.41 -5.03
O2P F4Q A 4 9.57 -4.82 -7.19
O5' F4Q A 4 8.64 -4.18 -4.97
C5' F4Q A 4 7.80 -5.25 -4.58
C4' F4Q A 4 8.22 -6.10 -3.38
O4' F4Q A 4 8.95 -5.27 -2.46
C1' F4Q A 4 8.30 -5.29 -1.19
N9 F4Q A 4 7.62 -3.98 -0.97
N7 F4Q A 4 6.93 -1.86 -1.29
O6 F4Q A 4 5.43 -0.45 1.06
N1 F4Q A 4 5.70 -2.41 2.17
N2 F4Q A 4 5.83 -4.36 3.39
N3 F4Q A 4 6.80 -4.37 1.29
C3' F4Q A 4 6.98 -6.62 -2.69
C2' F4Q A 4 7.32 -6.45 -1.22
C7' F4Q A 4 5.83 -5.71 -3.19
C6' F4Q A 4 6.32 -5.00 -4.47
C8' F4Q A 4 6.84 -5.86 -5.58
O3' F4Q A 4 6.77 -7.97 -3.06
H8 F4Q A 4 7.96 -2.90 -2.80
H4' F4Q A 4 8.85 -6.93 -3.70
H1' F4Q A 4 9.03 -5.45 -0.38
H1 F4Q A 4 5.22 -2.01 2.97
H22 F4Q A 4 6.12 -5.32 3.51
H21 F4Q A 4 5.34 -3.88 4.12
H2' F4Q A 4 6.43 -6.26 -0.61
H2'' F4Q A 4 7.84 -7.35 -0.86
H7' F4Q A 4 5.58 -4.95 -2.45
H7'' F4Q A 4 4.95 -6.29 -3.44
H6' F4Q A 4 5.91 -4.02 -4.71
H8' F4Q A 4 6.66 -6.94 -5.52
H8'' F4Q A 4 6.85 -5.43 -6.58
C8 F4Q A 5 3.72 -5.15 0.15
C2 F4Q A 5 1.69 -3.53 3.69
C4 F4Q A 5 2.75 -4.64 2.03
C5 F4Q A 5 2.79 -3.55 1.19
C6 F4Q A 5 2.24 -2.29 1.62
P F4Q A 5 5.72 -8.96 -2.30
O1P F4Q A 5 6.37 -9.47 -1.07
O2P F4Q A 5 5.21 -9.91 -3.31
O5' F4Q A 5 4.52 -7.98 -1.86
C5' F4Q A 5 3.34 -8.47 -1.24
C4' F4Q A 5 3.39 -8.75 0.27
O4' F4Q A 5 4.28 -7.81 0.91
C1' F4Q A 5 3.57 -7.05 1.90
N9 F4Q A 5 3.35 -5.68 1.37
N7 F4Q A 5 3.42 -3.89 -0.01
O6 F4Q A 5 2.19 -1.22 1.02
N1 F4Q A 5 1.70 -2.37 2.91
N2 F4Q A 5 1.11 -3.45 4.88
N3 F4Q A 5 2.21 -4.70 3.27
C3' F4Q A 5 2.00 -8.53 0.83
C2' F4Q A 5 2.26 -7.81 2.15
C7' F4Q A 5 1.26 -7.66 -0.21
C6' F4Q A 5 2.04 -7.77 -1.52
C8' F4Q A 5 2.27 -9.14 -2.07
O3' F4Q A 5 1.35 -9.79 1.01
H8 F4Q A 5 4.23 -5.74 -0.61
H4' F4Q A 5 3.71 -9.77 0.46
H1' F4Q A 5 4.15 -6.99 2.82
H1 F4Q A 5 1.30 -1.54 3.31
H22 F4Q A 5 1.08 -4.28 5.46
H21 F4Q A 5 0.72 -2.59 5.19
H2' F4Q A 5 1.45 -7.14 2.43
H2'' F4Q A 5 2.43 -8.55 2.94
H7' F4Q A 5 1.23 -6.61 0.10
H7'' F4Q A 5 0.25 -8.02 -0.37
H6' F4Q A 5 2.03 -6.93 -2.22
H8' F4Q A 5 1.73 -9.98 -1.62
H8'' F4Q A 5 2.48 -9.23 -3.14
P TCJ A 6 -0.01 -10.03 1.87
O1P TCJ A 6 0.33 -9.95 3.30
O2P TCJ A 6 -0.62 -11.26 1.33
O5' TCJ A 6 -0.98 -8.80 1.49
C5' TCJ A 6 -2.15 -8.55 2.25
C4' TCJ A 6 -1.99 -7.83 3.59
O4' TCJ A 6 -0.96 -6.83 3.48
C1' TCJ A 6 -1.44 -5.56 3.95
N1 TCJ A 6 -1.45 -4.56 2.83
C6 TCJ A 6 -1.04 -4.88 1.54
C5 TCJ A 6 -0.92 -3.94 0.57
C7 TCJ A 6 -0.47 -4.31 -0.83
C4 TCJ A 6 -1.23 -2.56 0.95
N4 TCJ A 6 -1.10 -1.56 0.08
N3 TCJ A 6 -1.65 -2.26 2.19
C2 TCJ A 6 -1.80 -3.22 3.15
O2 TCJ A 6 -2.25 -2.93 4.26
C3' TCJ A 6 -3.27 -7.12 3.92
C2' TCJ A 6 -2.82 -5.82 4.56
C7' TCJ A 6 -3.97 -6.93 2.55
C6' TCJ A 6 -3.35 -7.92 1.58
C8' TCJ A 6 -3.42 -9.35 1.96
O3' TCJ A 6 -4.04 -7.94 4.81
H4' TCJ A 6 -1.74 -8.54 4.38
H1' TCJ A 6 -0.77 -5.20 4.73
H6 TCJ A 6 -0.82 -5.91 1.31
H73 TCJ A 6 -0.98 -3.68 -1.55
H71 TCJ A 6 -0.68 -5.35 -1.03
H72 TCJ A 6 0.61 -4.14 -0.92
H41 TCJ A 6 -1.33 -0.62 0.38
H42 TCJ A 6 -0.79 -1.72 -0.86
H2' TCJ A 6 -3.51 -5.01 4.36
H2'' TCJ A 6 -2.70 -5.96 5.64
H7' TCJ A 6 -3.81 -5.91 2.18
H7'' TCJ A 6 -5.04 -7.12 2.63
H6' TCJ A 6 -3.30 -7.65 0.52
H8' TCJ A 6 -4.05 -9.62 2.80
H8'' TCJ A 6 -3.36 -10.09 1.15
C7 EAN A 7 -4.78 -3.69 0.01
C6 EAN A 7 -5.41 -2.88 2.30
C5 EAN A 7 -5.10 -2.59 1.00
C4 EAN A 7 -5.08 -1.20 0.55
C2 EAN A 7 -5.77 -0.55 2.85
P EAN A 7 -5.32 -7.40 5.66
O1P EAN A 7 -4.82 -6.67 6.85
O2P EAN A 7 -6.26 -8.53 5.83
O5' EAN A 7 -6.00 -6.35 4.66
C5' EAN A 7 -7.07 -5.55 5.07
C4' EAN A 7 -6.72 -4.18 5.66
O4' EAN A 7 -5.63 -3.61 4.95
C1' EAN A 7 -5.89 -2.22 4.69
N1 EAN A 7 -5.69 -1.91 3.23
O4 EAN A 7 -4.77 -0.82 -0.59
N3 EAN A 7 -5.45 -0.26 1.52
O2 EAN A 7 -6.09 0.34 3.63
C3' EAN A 7 -7.90 -3.28 5.47
C2' EAN A 7 -7.28 -1.91 5.22
C7' EAN A 7 -8.64 -3.86 4.25
C6' EAN A 7 -8.22 -5.32 4.12
C8' EAN A 7 -8.43 -6.19 5.31
O3' EAN A 7 -8.69 -3.32 6.65
H73 EAN A 7 -3.72 -3.67 -0.22
H71 EAN A 7 -5.35 -3.54 -0.91
H72 EAN A 7 -5.04 -4.67 0.44
H6 EAN A 7 -5.41 -3.93 2.59
H4' EAN A 7 -6.47 -4.28 6.72
H1' EAN A 7 -5.17 -1.63 5.25
H3 EAN A 7 -5.48 0.70 1.24
H2' EAN A 7 -7.87 -1.32 4.51
H2'' EAN A 7 -7.18 -1.38 6.17
H7' EAN A 7 -8.34 -3.34 3.33
H7'' EAN A 7 -9.72 -3.80 4.37
H6' EAN A 7 -8.21 -5.79 3.14
H8' EAN A 7 -9.03 -5.79 6.13
H8'' EAN A 7 -8.50 -7.26 5.15
C7 EAN A 8 -9.00 -1.83 0.80
C6 EAN A 8 -9.28 0.12 2.33
C5 EAN A 8 -8.95 -0.34 1.09
C4 EAN A 8 -8.53 0.59 0.03
C2 EAN A 8 -8.90 2.43 1.67
P EAN A 8 -9.96 -2.35 6.92
O1P EAN A 8 -9.53 -1.26 7.82
O2P EAN A 8 -11.10 -3.23 7.31
O5' EAN A 8 -10.28 -1.73 5.46
C5' EAN A 8 -11.29 -0.77 5.29
C4' EAN A 8 -10.90 0.70 5.47
O4' EAN A 8 -9.57 0.91 4.96
C1' EAN A 8 -9.57 2.00 4.02
N1 EAN A 8 -9.25 1.49 2.63
O4 EAN A 8 -8.18 0.26 -1.10
N3 EAN A 8 -8.55 1.93 0.40
O2 EAN A 8 -8.90 3.64 1.88
C3' EAN A 8 -11.84 1.54 4.65
C2' EAN A 8 -10.94 2.65 4.10
C7' EAN A 8 -12.41 0.59 3.58
C6' EAN A 8 -12.17 -0.84 4.07
C8' EAN A 8 -12.74 -1.19 5.41
O3' EAN A 8 -12.84 2.07 5.52
H73 EAN A 8 -9.18 -1.99 -0.27
H71 EAN A 8 -9.81 -2.29 1.37
H72 EAN A 8 -8.05 -2.29 1.08
H6 EAN A 8 -9.58 -0.58 3.08
H4' EAN A 8 -10.95 0.99 6.52
H1' EAN A 8 -8.80 2.73 4.29
H3 EAN A 8 -8.29 2.60 -0.29
H2' EAN A 8 -11.28 3.02 3.14
H2'' EAN A 8 -10.89 3.47 4.83
H7' EAN A 8 -11.91 0.73 2.63
H7'' EAN A 8 -13.48 0.74 3.46
H6' EAN A 8 -12.02 -1.63 3.34
H8' EAN A 8 -13.45 -0.48 5.86
H8'' EAN A 8 -12.93 -2.25 5.62
O1P TCY A 9 -13.73 4.41 5.59
P TCY A 9 -14.04 3.05 5.08
O2P TCY A 9 -15.31 2.40 5.48
C8' TCY A 9 -16.38 3.68 2.74
O5' TCY A 9 -14.00 3.10 3.48
C5' TCY A 9 -14.88 3.92 2.74
C6' TCY A 9 -15.57 3.30 1.55
C4' TCY A 9 -14.37 5.30 2.32
C3' TCY A 9 -14.95 5.63 0.97
C7' TCY A 9 -15.46 4.30 0.39
O3' TCY A 9 -16.02 6.56 1.12
C2' TCY A 9 -13.76 6.23 0.22
C1' TCY A 9 -12.54 5.62 0.90
O4' TCY A 9 -12.95 5.25 2.22
N9 TCY A 9 -12.09 4.41 0.17
C4 TCY A 9 -11.48 4.44 -1.05
N3 TCY A 9 -11.18 5.58 -1.75
C2 TCY A 9 -10.59 5.28 -2.90
N1 TCY A 9 -10.30 4.08 -3.39
C6 TCY A 9 -10.63 2.96 -2.70
N6 TCY A 9 -10.34 1.81 -3.27
C5 TCY A 9 -11.24 3.14 -1.41
N7 TCY A 9 -11.70 2.27 -0.43
C8 TCY A 9 -12.19 3.07 0.49
H8' TCY A 9 -17.03 4.54 2.66
H8'A TCY A 9 -16.73 2.87 3.39
H6' TCY A 9 -15.41 2.24 1.33
H4' TCY A 9 -14.67 6.05 3.06
H7' TCY A 9 -14.74 3.91 -0.33
H7'A TCY A 9 -16.43 4.43 -0.07
H2' TCY A 9 -13.80 5.99 -0.85
H2'A TCY A 9 -13.75 7.31 0.35
H1' TCY A 9 -11.73 6.34 0.93
H2 TCY A 9 -10.30 6.12 -3.52
HN6 TCY A 9 -9.92 1.81 -4.20
HN6A TCY A 9 -10.53 0.93 -2.80
H8 TCY A 9 -12.65 2.72 1.41
P TCJ A 10 -16.68 7.40 -0.09
O1P TCJ A 10 -16.05 8.73 -0.10
O2P TCJ A 10 -18.15 7.30 0.06
O5' TCJ A 10 -16.28 6.62 -1.46
C5' TCJ A 10 -16.62 7.17 -2.74
C4' TCJ A 10 -15.58 8.04 -3.45
O4' TCJ A 10 -14.24 7.53 -3.23
C1' TCJ A 10 -13.61 7.23 -4.49
N1 TCJ A 10 -13.52 5.75 -4.69
C6 TCJ A 10 -14.10 4.85 -3.80
C5 TCJ A 10 -13.99 3.51 -3.99
C7 TCJ A 10 -14.64 2.52 -3.04
C4 TCJ A 10 -13.25 3.06 -5.16
N4 TCJ A 10 -13.07 1.77 -5.43
N3 TCJ A 10 -12.71 3.94 -6.03
C2 TCJ A 10 -12.81 5.29 -5.83
O2 TCJ A 10 -12.31 6.08 -6.63
C3' TCJ A 10 -15.85 7.95 -4.94
C2' TCJ A 10 -14.46 7.88 -5.56
C7' TCJ A 10 -16.69 6.67 -5.14
C6' TCJ A 10 -17.28 6.30 -3.78
C8' TCJ A 10 -18.08 7.36 -3.10
O3' TCJ A 10 -16.53 9.08 -5.43
H4' TCJ A 10 -15.65 9.07 -3.11
H1' TCJ A 10 -12.60 7.65 -4.52
H6 TCJ A 10 -14.62 5.22 -2.94
H73 TCJ A 10 -15.23 1.81 -3.60
H71 TCJ A 10 -15.30 3.05 -2.34
H72 TCJ A 10 -13.87 1.99 -2.47
H41 TCJ A 10 -12.55 1.51 -6.25
H42 TCJ A 10 -13.45 1.06 -4.81
H2' TCJ A 10 -14.47 7.31 -6.49
H2'' TCJ A 10 -14.08 8.89 -5.74
H7' TCJ A 10 -16.07 5.85 -5.49
H7'' TCJ A 10 -17.49 6.85 -5.86
H6' TCJ A 10 -17.50 5.26 -3.56
H8' TCJ A 10 -18.35 8.25 -3.66
H8'' TCJ A 10 -18.82 7.03 -2.35
H3T TCJ A 10 -16.42 9.10 -6.40
O5' F7H A 1 17.32 9.42 1.57
C5' F7H A 1 16.87 9.08 0.29
C4' F7H A 1 17.51 7.86 -0.39
O4' F7H A 1 17.78 6.82 0.56
C1' F7H A 1 17.70 5.58 -0.13
N1 F7H A 1 17.14 4.49 0.73
C6 F7H A 1 16.32 4.76 1.79
C5 F7H A 1 15.72 3.76 2.49
C7 F7H A 1 14.79 4.07 3.65
C4 F7H A 1 16.01 2.39 2.06
N4 F7H A 1 15.46 1.34 2.66
N3 F7H A 1 16.84 2.14 1.04
C2 F7H A 1 17.45 3.16 0.35
O2 F7H A 1 18.23 2.92 -0.57
C3' F7H A 1 16.52 7.29 -1.37
C2' F7H A 1 16.76 5.78 -1.30
C7' F7H A 1 15.15 7.77 -0.83
C6' F7H A 1 15.40 9.06 -0.04
C8' F7H A 1 16.31 10.13 -0.60
O3' F7H A 1 16.72 7.77 -2.69
HO5' F7H A 1 18.22 9.74 1.51
H4' F7H A 1 18.42 8.15 -0.92
H1' F7H A 1 18.69 5.30 -0.48
H6 F7H A 1 16.14 5.79 2.08
H71 F7H A 1 14.31 5.04 3.49
H72 F7H A 1 15.38 4.09 4.57
H73 F7H A 1 14.03 3.30 3.72
H41 F7H A 1 15.70 0.41 2.32
H42 F7H A 1 14.83 1.45 3.43
H2' F7H A 1 15.83 5.24 -1.15
H2'' F7H A 1 17.25 5.42 -2.21
H7' F7H A 1 14.75 7.02 -0.13
H7'' F7H A 1 14.45 7.93 -1.63
H6' F7H A 1 14.66 9.38 0.71
H8' F7H A 1 16.59 10.09 -1.65
H8'' F7H A 1 16.26 11.13 -0.16
C7 EAN A 2 12.29 5.48 0.40
C6 EAN A 2 13.56 3.80 -0.94
C5 EAN A 2 12.76 4.06 0.14
C4 EAN A 2 12.35 2.99 1.05
C2 EAN A 2 13.62 1.42 -0.41
P EAN A 2 15.86 7.23 -3.98
O1P EAN A 2 16.79 6.56 -4.92
O2P EAN A 2 15.01 8.34 -4.46
O5' EAN A 2 14.86 6.10 -3.40
C5' EAN A 2 14.37 5.05 -4.23
C4' EAN A 2 15.07 3.69 -4.16
O4' EAN A 2 15.54 3.46 -2.82
C1' EAN A 2 15.00 2.23 -2.32
N1 EAN A 2 14.03 2.51 -1.20
O4 EAN A 2 11.68 3.13 2.06
N3 EAN A 2 12.82 1.72 0.70
O2 EAN A 2 13.97 0.27 -0.65
C3' EAN A 2 14.06 2.62 -4.49
C2' EAN A 2 14.37 1.51 -3.50
C7' EAN A 2 12.69 3.28 -4.29
C6' EAN A 2 12.90 4.79 -4.31
C8' EAN A 2 13.59 5.39 -5.49
O3' EAN A 2 14.26 2.21 -5.84
H73 EAN A 2 11.26 5.46 0.77
H71 EAN A 2 12.93 5.95 1.16
H72 EAN A 2 12.33 6.07 -0.51
H6 EAN A 2 13.81 4.60 -1.61
H4' EAN A 2 15.91 3.66 -4.85
H1' EAN A 2 15.81 1.61 -1.91
H3 EAN A 2 12.55 0.95 1.28
H2' EAN A 2 13.47 0.96 -3.21
H2'' EAN A 2 15.11 0.83 -3.92
H7' EAN A 2 12.25 2.99 -3.33
H7'' EAN A 2 12.01 2.99 -5.10
H6' EAN A 2 12.21 5.42 -3.74
H8' EAN A 2 13.75 4.75 -6.36
H8'' EAN A 2 13.44 6.44 -5.69
P TCJ A 3 13.52 0.91 -6.51
O1P TCJ A 3 14.48 -0.21 -6.46
O2P TCJ A 3 12.97 1.35 -7.80
O5' TCJ A 3 12.29 0.56 -5.54
C5' TCJ A 3 11.58 -0.65 -5.70
C4' TCJ A 3 12.09 -1.88 -4.97
O4' TCJ A 3 12.65 -1.52 -3.69
C1' TCJ A 3 12.04 -2.31 -2.65
N1 TCJ A 3 11.22 -1.43 -1.76
C6 TCJ A 3 10.86 -0.14 -2.13
C5 TCJ A 3 10.13 0.66 -1.31
C7 TCJ A 3 9.72 2.07 -1.71
C4 TCJ A 3 9.78 0.11 -0.01
N4 TCJ A 3 9.08 0.81 0.89
N3 TCJ A 3 10.13 -1.15 0.34
C2 TCJ A 3 10.85 -1.94 -0.50
O2 TCJ A 3 11.16 -3.09 -0.18
C3' TCJ A 3 10.93 -2.80 -4.73
C2' TCJ A 3 11.19 -3.37 -3.35
C7' TCJ A 3 9.67 -1.89 -4.82
C6' TCJ A 3 10.08 -0.64 -5.60
C8' TCJ A 3 10.72 -0.86 -6.94
O3' TCJ A 3 10.95 -3.78 -5.75
H4' TCJ A 3 12.86 -2.39 -5.56
H1' TCJ A 3 12.82 -2.79 -2.06
H6 TCJ A 3 11.16 0.24 -3.10
H73 TCJ A 3 8.66 2.21 -1.52
H71 TCJ A 3 9.92 2.22 -2.78
H72 TCJ A 3 10.29 2.79 -1.13
H41 TCJ A 3 8.85 0.39 1.78
H42 TCJ A 3 8.78 1.76 0.68
H2' TCJ A 3 10.27 -3.57 -2.80
H2'' TCJ A 3 11.77 -4.29 -3.43
H7' TCJ A 3 9.34 -1.59 -3.83
H7'' TCJ A 3 8.86 -2.39 -5.34
H6' TCJ A 3 9.55 0.29 -5.42
H8' TCJ A 3 10.68 -1.86 -7.37
H8'' TCJ A 3 10.68 -0.03 -7.66
C8 F4Q A 4 7.59 -3.37 -1.72
C2 F4Q A 4 5.94 -4.16 2.28
C4 F4Q A 4 6.88 -4.07 0.22
C5 F4Q A 4 6.61 -2.72 0.05
C6 F4Q A 4 5.94 -1.99 1.10
P F4Q A 4 10.01 -5.08 -5.82
O1P F4Q A 4 10.75 -6.21 -5.22
O2P F4Q A 4 9.50 -5.18 -7.20
O5' F4Q A 4 8.76 -4.72 -4.88
C5' F4Q A 4 7.77 -5.66 -4.61
C4' F4Q A 4 7.98 -6.59 -3.41
O4' F4Q A 4 8.74 -5.89 -2.40
C1' F4Q A 4 8.02 -5.88 -1.17
N9 F4Q A 4 7.52 -4.49 -0.92
N7 F4Q A 4 7.07 -2.30 -1.19
O6 F4Q A 4 5.63 -0.80 1.13
N1 F4Q A 4 5.63 -2.81 2.20
N2 F4Q A 4 5.54 -4.78 3.38
N3 F4Q A 4 6.59 -4.83 1.31
C3' F4Q A 4 6.64 -6.95 -2.83
C2' F4Q A 4 6.88 -6.89 -1.33
C7' F4Q A 4 5.66 -5.87 -3.36
C6' F4Q A 4 6.33 -5.20 -4.56
C8' F4Q A 4 6.79 -6.08 -5.68
O3' F4Q A 4 6.29 -8.25 -3.28
H8 F4Q A 4 8.03 -3.39 -2.71
H4' F4Q A 4 8.52 -7.49 -3.72
H1' F4Q A 4 8.66 -6.18 -0.35
H1 F4Q A 4 5.15 -2.39 2.97
H22 F4Q A 4 5.73 -5.77 3.48
H21 F4Q A 4 5.05 -4.28 4.09
H2' F4Q A 4 5.99 -6.58 -0.78
H2'' F4Q A 4 7.23 -7.86 -0.97
H7' F4Q A 4 5.47 -5.12 -2.60
H7'' F4Q A 4 4.73 -6.33 -3.69
H6' F4Q A 4 6.10 -4.16 -4.78
H8' F4Q A 4 6.45 -7.13 -5.69
H8'' F4Q A 4 6.93 -5.63 -6.67
C8 F4Q A 5 3.47 -5.18 -0.03
C2 F4Q A 5 1.44 -3.63 3.53
C4 F4Q A 5 2.51 -4.71 1.85
C5 F4Q A 5 2.62 -3.57 1.07
C6 F4Q A 5 2.13 -2.31 1.57
P F4Q A 5 5.06 -9.11 -2.68
O1P F4Q A 5 5.58 -9.91 -1.54
O2P F4Q A 5 4.41 -9.79 -3.82
O5' F4Q A 5 4.05 -8.02 -2.11
C5' F4Q A 5 2.86 -8.43 -1.48
C4' F4Q A 5 2.94 -8.76 0.00
O4' F4Q A 5 3.88 -7.90 0.66
C1' F4Q A 5 3.23 -7.14 1.66
N9 F4Q A 5 3.07 -5.73 1.16
N7 F4Q A 5 3.25 -3.89 -0.13
O6 F4Q A 5 2.19 -1.20 1.04
N1 F4Q A 5 1.54 -2.44 2.83
N2 F4Q A 5 0.82 -3.60 4.69
N3 F4Q A 5 1.94 -4.80 3.08
C3' F4Q A 5 1.57 -8.51 0.60
C2' F4Q A 5 1.89 -7.83 1.93
C7' F4Q A 5 0.85 -7.57 -0.40
C6' F4Q A 5 1.60 -7.66 -1.72
C8' F4Q A 5 1.75 -9.02 -2.31
O3' F4Q A 5 0.90 -9.74 0.75
H8 F4Q A 5 3.96 -5.75 -0.80
H4' F4Q A 5 3.22 -9.81 0.16
H1' F4Q A 5 3.83 -7.11 2.57
H1 F4Q A 5 1.15 -1.60 3.25
H22 F4Q A 5 0.72 -4.46 5.23
H21 F4Q A 5 0.44 -2.74 5.05
H2' F4Q A 5 1.12 -7.13 2.23
H2'' F4Q A 5 2.04 -8.60 2.70
H7' F4Q A 5 0.86 -6.53 -0.05
H7'' F4Q A 5 -0.17 -7.89 -0.55
H6' F4Q A 5 1.62 -6.79 -2.38
H8' F4Q A 5 1.17 -9.83 -1.88
H8'' F4Q A 5 1.93 -9.09 -3.39
P TCJ A 6 -0.45 -9.99 1.59
O1P TCJ A 6 -0.11 -9.96 3.04
O2P TCJ A 6 -1.11 -11.17 1.02
O5' TCJ A 6 -1.37 -8.72 1.27
C5' TCJ A 6 -2.58 -8.55 1.94
C4' TCJ A 6 -2.54 -7.91 3.32
O4' TCJ A 6 -1.47 -6.96 3.41
C1' TCJ A 6 -1.97 -5.70 3.89
N1 TCJ A 6 -1.82 -4.65 2.82
C6 TCJ A 6 -1.39 -4.97 1.54
C5 TCJ A 6 -1.20 -4.01 0.61
C7 TCJ A 6 -0.74 -4.37 -0.80
C4 TCJ A 6 -1.40 -2.63 1.01
N4 TCJ A 6 -1.17 -1.61 0.19
N3 TCJ A 6 -1.85 -2.33 2.25
C2 TCJ A 6 -2.08 -3.30 3.18
O2 TCJ A 6 -2.51 -3.02 4.30
C3' TCJ A 6 -3.84 -7.18 3.54
C2' TCJ A 6 -3.43 -5.92 4.27
C7' TCJ A 6 -4.40 -6.94 2.12
C6' TCJ A 6 -3.75 -7.95 1.19
C8' TCJ A 6 -3.78 -9.40 1.58
O3' TCJ A 6 -4.69 -8.00 4.31
H4' TCJ A 6 -2.42 -8.69 4.09
H1' TCJ A 6 -1.40 -5.38 4.76
H6 TCJ A 6 -1.24 -6.00 1.27
H73 TCJ A 6 -1.16 -3.66 -1.51
H71 TCJ A 6 -1.07 -5.37 -1.05
H72 TCJ A 6 0.35 -4.33 -0.85
H41 TCJ A 6 -1.33 -0.67 0.51
H42 TCJ A 6 -0.83 -1.77 -0.74
H2' TCJ A 6 -4.05 -5.06 3.98
H2'' TCJ A 6 -3.49 -6.08 5.34
H7' TCJ A 6 -4.16 -5.94 1.77
H7'' TCJ A 6 -5.48 -7.07 2.11
H6' TCJ A 6 -3.65 -7.71 0.13
H8' TCJ A 6 -4.45 -9.70 2.39
H8'' TCJ A 6 -3.62 -10.14 0.79
C7 EAN A 7 -5.08 -3.53 0.00
C6 EAN A 7 -5.54 -2.74 2.33
C5 EAN A 7 -5.27 -2.42 1.04
C4 EAN A 7 -5.15 -1.03 0.61
C2 EAN A 7 -5.69 -0.40 2.96
P EAN A 7 -6.07 -7.50 5.00
O1P EAN A 7 -5.76 -7.13 6.40
O2P EAN A 7 -7.10 -8.51 4.71
O5' EAN A 7 -6.44 -6.17 4.19
C5' EAN A 7 -7.44 -5.30 4.69
C4' EAN A 7 -6.99 -4.07 5.49
O4' EAN A 7 -5.78 -3.52 4.95
C1' EAN A 7 -5.91 -2.11 4.75
N1 EAN A 7 -5.73 -1.76 3.30
O4 EAN A 7 -4.85 -0.65 -0.52
N3 EAN A 7 -5.39 -0.10 1.63
O2 EAN A 7 -5.89 0.50 3.78
C3' EAN A 7 -8.06 -3.02 5.34
C2' EAN A 7 -7.29 -1.71 5.29
C7' EAN A 7 -8.75 -3.37 4.00
C6' EAN A 7 -8.53 -4.86 3.75
C8' EAN A 7 -8.87 -5.81 4.86
O3' EAN A 7 -8.91 -3.13 6.46
H73 EAN A 7 -5.60 -3.25 -0.92
H71 EAN A 7 -5.49 -4.47 0.37
H72 EAN A 7 -4.02 -3.65 -0.21
H6 EAN A 7 -5.63 -3.78 2.61
H4' EAN A 7 -6.85 -4.33 6.54
H1' EAN A 7 -5.14 -1.59 5.33
H3 EAN A 7 -5.35 0.87 1.37
H2' EAN A 7 -7.78 -0.98 4.65
H2'' EAN A 7 -7.17 -1.32 6.31
H7' EAN A 7 -8.30 -2.82 3.18
H7'' EAN A 7 -9.82 -3.16 4.05
H6' EAN A 7 -8.55 -5.23 2.73
H8' EAN A 7 -9.45 -5.42 5.71
H8'' EAN A 7 -9.05 -6.86 4.59
C7 EAN A 8 -9.06 -1.50 0.79
C6 EAN A 8 -9.30 0.43 2.37
C5 EAN A 8 -8.95 -0.03 1.12
C4 EAN A 8 -8.47 0.91 0.11
C2 EAN A 8 -8.83 2.73 1.77
P EAN A 8 -10.08 -2.07 6.82
O1P EAN A 8 -9.50 -1.03 7.70
O2P EAN A 8 -11.23 -2.87 7.29
O5' EAN A 8 -10.47 -1.42 5.41
C5' EAN A 8 -11.41 -0.38 5.32
C4' EAN A 8 -10.92 1.04 5.53
O4' EAN A 8 -9.58 1.17 5.01
C1' EAN A 8 -9.51 2.26 4.10
N1 EAN A 8 -9.22 1.77 2.71
O4 EAN A 8 -8.08 0.61 -1.02
N3 EAN A 8 -8.47 2.25 0.51
O2 EAN A 8 -8.80 3.94 2.02
C3' EAN A 8 -11.81 1.96 4.74
C2' EAN A 8 -10.84 3.01 4.21
C7' EAN A 8 -12.46 1.07 3.66
C6' EAN A 8 -12.37 -0.38 4.16
C8' EAN A 8 -12.88 -0.69 5.54
O3' EAN A 8 -12.80 2.50 5.61
H73 EAN A 8 -9.82 -1.97 1.41
H71 EAN A 8 -8.10 -1.99 0.95
H72 EAN A 8 -9.34 -1.61 -0.27
H6 EAN A 8 -9.63 -0.29 3.11
H4' EAN A 8 -10.94 1.31 6.58
H1' EAN A 8 -8.71 2.94 4.40
H3 EAN A 8 -8.18 2.93 -0.18
H2' EAN A 8 -11.16 3.41 3.25
H2'' EAN A 8 -10.74 3.81 4.94
H7' EAN A 8 -11.93 1.15 2.72
H7'' EAN A 8 -13.50 1.33 3.51
H6' EAN A 8 -12.33 -1.19 3.43
H8' EAN A 8 -13.48 0.08 6.04
H8'' EAN A 8 -13.13 -1.72 5.77
O1P TCY A 9 -12.97 5.00 5.62
P TCY A 9 -13.74 3.77 5.27
O2P TCY A 9 -15.06 3.53 5.89
C8' TCY A 9 -16.21 4.74 3.13
O5' TCY A 9 -13.94 3.74 3.68
C5' TCY A 9 -14.70 4.73 3.03
C6' TCY A 9 -15.55 4.33 1.84
C4' TCY A 9 -14.02 6.06 2.70
C3' TCY A 9 -14.62 6.60 1.42
C7' TCY A 9 -15.31 5.37 0.75
O3' TCY A 9 -15.55 7.62 1.74
C2' TCY A 9 -13.40 7.08 0.64
C1' TCY A 9 -12.25 6.23 1.18
O4' TCY A 9 -12.62 5.86 2.51
N9 TCY A 9 -12.01 4.99 0.40
C4 TCY A 9 -11.46 4.95 -0.85
N3 TCY A 9 -11.09 6.04 -1.60
C2 TCY A 9 -10.56 5.65 -2.76
N1 TCY A 9 -10.36 4.42 -3.22
C6 TCY A 9 -10.73 3.36 -2.46
N6 TCY A 9 -10.49 2.15 -2.98
C5 TCY A 9 -11.33 3.62 -1.18
N7 TCY A 9 -11.83 2.82 -0.16
C8 TCY A 9 -12.23 3.67 0.74
H8' TCY A 9 -16.70 5.72 3.16
H8'A TCY A 9 -16.66 3.96 3.74
H6' TCY A 9 -15.60 3.28 1.55
H4' TCY A 9 -14.18 6.77 3.51
H7' TCY A 9 -14.66 4.94 -0.01
H7'A TCY A 9 -16.25 5.66 0.31
H2' TCY A 9 -13.52 6.96 -0.44
H2'A TCY A 9 -13.21 8.14 0.88
H1' TCY A 9 -11.34 6.82 1.20
H2 TCY A 9 -10.27 6.44 -3.43
HN6 TCY A 9 -10.07 2.09 -3.89
HN6A TCY A 9 -10.73 1.32 -2.46
H8 TCY A 9 -12.68 3.37 1.67
P TCJ A 10 -16.15 8.68 0.67
O1P TCJ A 10 -15.16 9.78 0.52
O2P TCJ A 10 -17.54 9.01 1.07
O5' TCJ A 10 -16.21 7.82 -0.69
C5' TCJ A 10 -16.55 8.37 -1.93
C4' TCJ A 10 -15.40 8.62 -2.91
O4' TCJ A 10 -14.45 7.54 -2.80
C1' TCJ A 10 -13.90 7.28 -4.10
N1 TCJ A 10 -13.74 5.82 -4.34
C6 TCJ A 10 -14.26 4.86 -3.49
C5 TCJ A 10 -14.02 3.53 -3.68
C7 TCJ A 10 -14.59 2.48 -2.74
C4 TCJ A 10 -13.18 3.18 -4.82
N4 TCJ A 10 -12.84 1.92 -5.09
N3 TCJ A 10 -12.69 4.13 -5.65
C2 TCJ A 10 -12.95 5.44 -5.46
O2 TCJ A 10 -12.52 6.29 -6.25
C3' TCJ A 10 -15.95 8.56 -4.31
C2' TCJ A 10 -14.83 7.93 -5.14
C7' TCJ A 10 -17.20 7.68 -4.21
C6' TCJ A 10 -17.63 7.68 -2.74
C8' TCJ A 10 -17.93 9.00 -2.14
O3' TCJ A 10 -16.26 9.85 -4.79
H4' TCJ A 10 -14.91 9.57 -2.71
H1' TCJ A 10 -12.93 7.76 -4.16
H6 TCJ A 10 -14.89 5.17 -2.66
H73 TCJ A 10 -15.44 1.99 -3.23
H71 TCJ A 10 -14.93 2.96 -1.81
H72 TCJ A 10 -13.83 1.75 -2.51
H41 TCJ A 10 -12.26 1.73 -5.89
H42 TCJ A 10 -13.17 1.17 -4.50
H2' TCJ A 10 -15.22 7.20 -5.85
H2'' TCJ A 10 -14.27 8.70 -5.68
H7' TCJ A 10 -16.98 6.65 -4.50
H7'' TCJ A 10 -18.00 8.08 -4.82
H6' TCJ A 10 -18.10 6.79 -2.33
H8' TCJ A 10 -17.99 9.85 -2.81
H8'' TCJ A 10 -18.62 9.01 -1.30
H3T TCJ A 10 -16.54 9.77 -5.71
O5' F7H A 1 17.37 8.73 1.39
C5' F7H A 1 16.69 8.40 0.21
C4' F7H A 1 17.47 7.63 -0.85
O4' F7H A 1 18.30 6.63 -0.19
C1' F7H A 1 18.11 5.34 -0.78
N1 F7H A 1 17.39 4.40 0.13
C6 F7H A 1 16.90 4.78 1.38
C5 F7H A 1 16.14 3.92 2.12
C7 F7H A 1 15.60 4.34 3.48
C4 F7H A 1 15.86 2.62 1.54
N4 F7H A 1 15.06 1.72 2.12
N3 F7H A 1 16.37 2.25 0.35
C2 F7H A 1 17.20 3.07 -0.33
O2 F7H A 1 17.76 2.67 -1.35
C3' F7H A 1 16.51 6.87 -1.74
C2' F7H A 1 17.29 5.59 -2.04
C7' F7H A 1 15.23 6.71 -0.86
C6' F7H A 1 15.32 7.76 0.26
C8' F7H A 1 15.46 9.19 -0.16
O3' F7H A 1 16.20 7.58 -2.95
HO5' F7H A 1 18.13 9.27 1.17
H4' F7H A 1 18.08 8.30 -1.45
H1' F7H A 1 19.07 4.91 -1.06
H6 F7H A 1 17.12 5.77 1.75
H71 F7H A 1 16.25 5.10 3.92
H72 F7H A 1 15.58 3.46 4.14
H73 F7H A 1 14.60 4.73 3.38
H41 F7H A 1 14.91 0.84 1.64
H42 F7H A 1 14.63 1.90 3.01
H2' F7H A 1 16.64 4.77 -2.28
H2'' F7H A 1 17.97 5.78 -2.87
H7' F7H A 1 15.18 5.72 -0.44
H7'' F7H A 1 14.33 6.91 -1.45
H6' F7H A 1 14.86 7.55 1.22
H8' F7H A 1 15.32 9.43 -1.22
H8'' F7H A 1 15.18 9.96 0.55
C7 EAN A 2 12.17 5.17 0.15
C6 EAN A 2 13.42 3.51 -1.23
C5 EAN A 2 12.58 3.75 -0.17
C4 EAN A 2 12.07 2.63 0.63
C2 EAN A 2 13.39 1.12 -0.83
P EAN A 2 15.44 6.89 -4.23
O1P EAN A 2 16.46 6.14 -5.02
O2P EAN A 2 14.64 7.94 -4.90
O5' EAN A 2 14.40 5.84 -3.59
C5' EAN A 2 13.76 4.85 -4.37
C4' EAN A 2 14.49 3.52 -4.54
O4' EAN A 2 15.19 3.20 -3.32
C1' EAN A 2 14.72 1.97 -2.76
N1 EAN A 2 13.83 2.24 -1.57
O4 EAN A 2 11.31 2.73 1.58
N3 EAN A 2 12.53 1.38 0.24
O2 EAN A 2 13.76 -0.03 -1.08
C3' EAN A 2 13.47 2.43 -4.76
C2' EAN A 2 13.99 1.28 -3.89
C7' EAN A 2 12.12 3.01 -4.29
C6' EAN A 2 12.31 4.52 -4.13
C8' EAN A 2 12.68 5.27 -5.36
O3' EAN A 2 13.45 2.09 -6.14
H73 EAN A 2 12.00 5.73 -0.77
H71 EAN A 2 11.26 5.17 0.75
H72 EAN A 2 12.97 5.65 0.72
H6 EAN A 2 13.80 4.35 -1.78
H4' EAN A 2 15.18 3.55 -5.38
H1' EAN A 2 15.56 1.36 -2.44
H3 EAN A 2 12.21 0.59 0.77
H2' EAN A 2 13.18 0.65 -3.53
H2'' EAN A 2 14.70 0.69 -4.46
H7' EAN A 2 11.82 2.59 -3.34
H7'' EAN A 2 11.34 2.82 -5.03
H6' EAN A 2 11.77 5.04 -3.34
H8' EAN A 2 12.62 4.75 -6.31
H8'' EAN A 2 12.43 6.33 -5.39
P TCJ A 3 12.72 0.78 -6.75
O1P TCJ A 3 13.70 -0.33 -6.73
O2P TCJ A 3 12.09 1.18 -8.03
O5' TCJ A 3 11.54 0.44 -5.71
C5' TCJ A 3 10.88 -0.80 -5.79
C4' TCJ A 3 11.51 -1.99 -5.07
O4' TCJ A 3 12.08 -1.57 -3.82
C1' TCJ A 3 11.58 -2.40 -2.75
N1 TCJ A 3 10.72 -1.59 -1.81
C6 TCJ A 3 10.36 -0.28 -2.10
C5 TCJ A 3 9.57 0.43 -1.23
C7 TCJ A 3 9.17 1.86 -1.52
C4 TCJ A 3 9.13 -0.26 -0.03
N4 TCJ A 3 8.32 0.32 0.86
N3 TCJ A 3 9.51 -1.52 0.24
C2 TCJ A 3 10.32 -2.22 -0.62
O2 TCJ A 3 10.67 -3.36 -0.35
C3' TCJ A 3 10.41 -2.99 -4.77
C2' TCJ A 3 10.79 -3.53 -3.40
C7' TCJ A 3 9.11 -2.15 -4.79
C6' TCJ A 3 9.39 -0.87 -5.58
C8' TCJ A 3 9.94 -1.04 -6.96
O3' TCJ A 3 10.40 -4.00 -5.77
H4' TCJ A 3 12.27 -2.46 -5.70
H1' TCJ A 3 12.41 -2.81 -2.17
H6 TCJ A 3 10.69 0.18 -3.01
H73 TCJ A 3 9.80 2.27 -2.31
H71 TCJ A 3 9.32 2.46 -0.62
H72 TCJ A 3 8.13 1.91 -1.82
H41 TCJ A 3 8.05 -0.19 1.69
H42 TCJ A 3 8.00 1.27 0.72
H2' TCJ A 3 9.93 -3.82 -2.81
H2'' TCJ A 3 11.46 -4.38 -3.52
H7' TCJ A 3 8.82 -1.88 -3.77
H7'' TCJ A 3 8.30 -2.70 -5.26
H6' TCJ A 3 8.82 0.03 -5.35
H8' TCJ A 3 9.92 -2.04 -7.40
H8'' TCJ A 3 9.83 -0.20 -7.66
C8 F4Q A 4 7.17 -3.53 -1.69
C2 F4Q A 4 5.72 -4.22 2.38
C4 F4Q A 4 6.57 -4.17 0.29
C5 F4Q A 4 6.21 -2.85 0.07
C6 F4Q A 4 5.56 -2.10 1.13
P F4Q A 4 9.62 -5.40 -5.65
O1P F4Q A 4 10.42 -6.31 -4.78
O2P F4Q A 4 9.23 -5.83 -7.00
O5' F4Q A 4 8.27 -5.02 -4.85
C5' F4Q A 4 7.38 -6.03 -4.45
C4' F4Q A 4 7.72 -6.81 -3.20
O4' F4Q A 4 8.46 -5.99 -2.28
C1' F4Q A 4 7.79 -5.94 -1.02
N9 F4Q A 4 7.19 -4.60 -0.84
N7 F4Q A 4 6.60 -2.46 -1.20
O6 F4Q A 4 5.20 -0.93 1.12
N1 F4Q A 4 5.35 -2.89 2.27
N2 F4Q A 4 5.40 -4.82 3.51
N3 F4Q A 4 6.35 -4.90 1.41
C3' F4Q A 4 6.43 -7.22 -2.53
C2' F4Q A 4 6.73 -7.04 -1.05
C7' F4Q A 4 5.35 -6.26 -3.11
C6' F4Q A 4 5.91 -5.69 -4.41
C8' F4Q A 4 6.42 -6.63 -5.45
O3' F4Q A 4 6.16 -8.57 -2.86
H8 F4Q A 4 7.58 -3.58 -2.70
H4' F4Q A 4 8.31 -7.70 -3.45
H1' F4Q A 4 8.50 -6.14 -0.21
H1 F4Q A 4 4.88 -2.46 3.04
H22 F4Q A 4 5.65 -5.80 3.63
H21 F4Q A 4 4.92 -4.32 4.24
H2' F4Q A 4 5.84 -6.76 -0.48
H2'' F4Q A 4 7.17 -7.95 -0.64
H7' F4Q A 4 5.16 -5.45 -2.41
H7'' F4Q A 4 4.44 -6.79 -3.32
H6' F4Q A 4 5.58 -4.70 -4.73
H8' F4Q A 4 6.17 -7.69 -5.34
H8'' F4Q A 4 6.49 -6.27 -6.48
C8 F4Q A 5 3.23 -5.56 0.22
C2 F4Q A 5 1.35 -3.85 3.79
C4 F4Q A 5 2.32 -5.00 2.12
C5 F4Q A 5 2.39 -3.91 1.27
C6 F4Q A 5 1.89 -2.63 1.73
P F4Q A 5 5.01 -9.45 -2.15
O1P F4Q A 5 5.61 -10.11 -0.97
O2P F4Q A 5 4.40 -10.27 -3.22
O5' F4Q A 5 3.92 -8.37 -1.66
C5' F4Q A 5 2.70 -8.77 -1.10
C4' F4Q A 5 2.69 -9.11 0.38
O4' F4Q A 5 3.67 -8.27 1.04
C1' F4Q A 5 3.02 -7.44 2.00
N9 F4Q A 5 2.86 -6.06 1.45
N7 F4Q A 5 2.98 -4.28 0.07
O6 F4Q A 5 1.86 -1.57 1.12
N1 F4Q A 5 1.40 -2.70 3.03
N2 F4Q A 5 0.80 -3.75 5.00
N3 F4Q A 5 1.82 -5.04 3.38
C3' F4Q A 5 1.33 -8.79 0.96
C2' F4Q A 5 1.68 -8.09 2.27
C7' F4Q A 5 0.65 -7.87 -0.08
C6' F4Q A 5 1.46 -7.94 -1.37
C8' F4Q A 5 1.59 -9.29 -2.01
O3' F4Q A 5 0.62 -9.99 1.16
H8 F4Q A 5 3.69 -6.16 -0.55
H4' F4Q A 5 2.94 -10.15 0.54
H1' F4Q A 5 3.60 -7.39 2.92
H1 F4Q A 5 1.03 -1.85 3.43
H22 F4Q A 5 0.75 -4.57 5.58
H21 F4Q A 5 0.44 -2.87 5.31
H2' F4Q A 5 0.91 -7.37 2.57
H2'' F4Q A 5 1.81 -8.85 3.05
H7' F4Q A 5 0.62 -6.84 0.27
H7'' F4Q A 5 -0.36 -8.22 -0.29
H6' F4Q A 5 1.53 -7.06 -2.00
H8' F4Q A 5 0.96 -10.09 -1.64
H8'' F4Q A 5 1.81 -9.31 -3.08
P TCJ A 6 -0.73 -10.11 2.06
O1P TCJ A 6 -0.34 -10.12 3.49
O2P TCJ A 6 -1.52 -11.21 1.49
O5' TCJ A 6 -1.52 -8.74 1.77
C5' TCJ A 6 -2.74 -8.48 2.43
C4' TCJ A 6 -2.67 -7.85 3.82
O4' TCJ A 6 -1.53 -6.96 3.90
C1' TCJ A 6 -1.98 -5.65 4.29
N1 TCJ A 6 -1.87 -4.70 3.13
C6 TCJ A 6 -1.56 -5.13 1.85
C5 TCJ A 6 -1.44 -4.25 0.82
C7 TCJ A 6 -1.11 -4.71 -0.59
C4 TCJ A 6 -1.64 -2.84 1.14
N4 TCJ A 6 -1.51 -1.88 0.21
N3 TCJ A 6 -1.95 -2.44 2.38
C2 TCJ A 6 -2.08 -3.34 3.40
O2 TCJ A 6 -2.39 -2.95 4.53
C3' TCJ A 6 -3.92 -7.05 4.03
C2' TCJ A 6 -3.42 -5.81 4.77
C7' TCJ A 6 -4.48 -6.78 2.61
C6' TCJ A 6 -3.85 -7.81 1.68
C8' TCJ A 6 -3.98 -9.25 2.04
O3' TCJ A 6 -4.85 -7.80 4.81
H4' TCJ A 6 -2.58 -8.63 4.59
H1' TCJ A 6 -1.36 -5.28 5.11
H6 TCJ A 6 -1.38 -6.18 1.66
H73 TCJ A 6 -1.24 -5.79 -0.67
H71 TCJ A 6 -0.08 -4.44 -0.82
H72 TCJ A 6 -1.78 -4.22 -1.29
H41 TCJ A 6 -1.66 -0.92 0.48
H42 TCJ A 6 -1.28 -2.12 -0.74
H2' TCJ A 6 -4.02 -4.93 4.55
H2'' TCJ A 6 -3.40 -6.01 5.84
H7' TCJ A 6 -4.21 -5.78 2.28
H7'' TCJ A 6 -5.56 -6.89 2.59
H6' TCJ A 6 -3.71 -7.55 0.62
H8' TCJ A 6 -4.69 -9.51 2.84
H8'' TCJ A 6 -3.88 -10.00 1.26
C7 EAN A 7 -5.13 -3.53 0.02
C6 EAN A 7 -5.59 -2.61 2.29
C5 EAN A 7 -5.25 -2.36 1.00
C4 EAN A 7 -4.99 -1.00 0.54
C2 EAN A 7 -5.56 -0.24 2.84
P EAN A 7 -6.17 -7.18 5.52
O1P EAN A 7 -5.75 -6.62 6.82
O2P EAN A 7 -7.22 -8.20 5.45
O5' EAN A 7 -6.60 -5.95 4.56
C5' EAN A 7 -7.56 -5.01 4.98
C4' EAN A 7 -7.05 -3.72 5.62
O4' EAN A 7 -5.87 -3.27 4.95
C1' EAN A 7 -5.95 -1.86 4.69
N1 EAN A 7 -5.73 -1.58 3.22
O4 EAN A 7 -4.61 -0.67 -0.58
N3 EAN A 7 -5.22 -0.02 1.50
O2 EAN A 7 -5.75 0.70 3.61
C3' EAN A 7 -8.10 -2.66 5.44
C2' EAN A 7 -7.31 -1.38 5.19
C7' EAN A 7 -8.90 -3.12 4.20
C6' EAN A 7 -8.67 -4.62 4.05
C8' EAN A 7 -8.99 -5.48 5.23
O3' EAN A 7 -8.89 -2.63 6.61
H73 EAN A 7 -4.29 -4.16 0.31
H71 EAN A 7 -6.05 -4.10 0.05
H72 EAN A 7 -4.97 -3.16 -0.99
H6 EAN A 7 -5.77 -3.63 2.60
H4' EAN A 7 -6.83 -3.87 6.68
H1' EAN A 7 -5.18 -1.35 5.25
H3 EAN A 7 -5.08 0.94 1.23
H2' EAN A 7 -7.80 -0.72 4.47
H2'' EAN A 7 -7.16 -0.85 6.14
H7' EAN A 7 -8.53 -2.62 3.31
H7'' EAN A 7 -9.96 -2.91 4.34
H6' EAN A 7 -8.73 -5.06 3.06
H8' EAN A 7 -9.53 -5.02 6.06
H8'' EAN A 7 -9.21 -6.53 5.04
C7 EAN A 8 -9.17 -1.14 1.01
C6 EAN A 8 -9.24 0.83 2.55
C5 EAN A 8 -8.95 0.33 1.30
C4 EAN A 8 -8.41 1.20 0.25
C2 EAN A 8 -8.62 3.08 1.87
P EAN A 8 -9.88 -1.43 7.04
O1P EAN A 8 -9.07 -0.40 7.73
O2P EAN A 8 -11.04 -2.04 7.71
O5' EAN A 8 -10.38 -0.85 5.62
C5' EAN A 8 -11.27 0.23 5.55
C4' EAN A 8 -10.71 1.63 5.76
O4' EAN A 8 -9.38 1.67 5.20
C1' EAN A 8 -9.26 2.73 4.24
N1 EAN A 8 -9.07 2.18 2.85
O4 EAN A 8 -8.07 0.84 -0.86
N3 EAN A 8 -8.33 2.55 0.61
O2 EAN A 8 -8.52 4.30 2.07
C3' EAN A 8 -11.55 2.62 4.99
C2' EAN A 8 -10.52 3.57 4.40
C7' EAN A 8 -12.30 1.77 3.93
C6' EAN A 8 -12.21 0.31 4.38
C8' EAN A 8 -12.76 -0.01 5.73
O3' EAN A 8 -12.45 3.29 5.88
H73 EAN A 8 -9.52 -1.24 -0.02
H71 EAN A 8 -9.91 -1.55 1.69
H72 EAN A 8 -8.23 -1.68 1.11
H6 EAN A 8 -9.63 0.17 3.31
H4' EAN A 8 -10.67 1.90 6.82
H1' EAN A 8 -8.39 3.34 4.48
H3 EAN A 8 -7.99 3.18 -0.09
H2' EAN A 8 -10.84 4.01 3.45
H2'' EAN A 8 -10.30 4.37 5.11
H7' EAN A 8 -11.83 1.87 2.95
H7'' EAN A 8 -13.34 2.05 3.89
H6' EAN A 8 -12.18 -0.47 3.62
H8' EAN A 8 -13.36 0.75 6.23
H8'' EAN A 8 -13.07 -1.05 5.92
O1P TCY A 9 -12.33 5.79 5.62
P TCY A 9 -13.26 4.65 5.49
O2P TCY A 9 -14.54 4.65 6.21
C8' TCY A 9 -15.84 5.20 3.17
O5' TCY A 9 -13.55 4.42 3.93
C5' TCY A 9 -14.33 5.31 3.18
C6' TCY A 9 -15.06 4.76 1.98
C4' TCY A 9 -13.67 6.62 2.75
C3' TCY A 9 -14.26 7.04 1.43
C7' TCY A 9 -14.89 5.76 0.84
O3' TCY A 9 -15.22 8.05 1.64
C2' TCY A 9 -13.04 7.55 0.67
C1' TCY A 9 -11.89 6.74 1.24
O4' TCY A 9 -12.26 6.40 2.57
N9 TCY A 9 -11.64 5.50 0.48
C4 TCY A 9 -11.09 5.45 -0.78
N3 TCY A 9 -10.75 6.53 -1.54
C2 TCY A 9 -10.24 6.15 -2.71
N1 TCY A 9 -10.02 4.92 -3.15
C6 TCY A 9 -10.34 3.86 -2.37
N6 TCY A 9 -10.03 2.65 -2.85
C5 TCY A 9 -10.94 4.12 -1.10
N7 TCY A 9 -11.42 3.31 -0.07
C8 TCY A 9 -11.83 4.17 0.83
H8' TCY A 9 -16.43 6.12 3.08
H8'A TCY A 9 -16.27 4.43 3.81
H6' TCY A 9 -14.99 3.70 1.76
H4' TCY A 9 -13.83 7.40 3.50
H7' TCY A 9 -14.25 5.33 0.07
H7'A TCY A 9 -15.87 5.98 0.41
H2' TCY A 9 -13.14 7.41 -0.41
H2'A TCY A 9 -12.88 8.61 0.90
H1' TCY A 9 -10.98 7.34 1.24
H2 TCY A 9 -9.97 6.94 -3.39
HN6 TCY A 9 -9.59 2.60 -3.76
HN6A TCY A 9 -10.21 1.83 -2.32
H8 TCY A 9 -12.27 3.88 1.77
P TCJ A 10 -15.86 8.97 0.48
O1P TCJ A 10 -14.95 10.12 0.28
O2P TCJ A 10 -17.27 9.21 0.83
O5' TCJ A 10 -15.84 8.04 -0.85
C5' TCJ A 10 -16.25 8.58 -2.09
C4' TCJ A 10 -15.19 9.31 -2.93
O4' TCJ A 10 -13.92 8.63 -2.77
C1' TCJ A 10 -13.40 8.26 -4.06
N1 TCJ A 10 -13.40 6.75 -4.23
C6 TCJ A 10 -13.97 5.91 -3.28
C5 TCJ A 10 -13.85 4.56 -3.38
C7 TCJ A 10 -14.49 3.63 -2.35
C4 TCJ A 10 -13.09 4.04 -4.51
N4 TCJ A 10 -12.85 2.73 -4.66
N3 TCJ A 10 -12.57 4.86 -5.43
C2 TCJ A 10 -12.73 6.22 -5.35
O2 TCJ A 10 -12.31 6.95 -6.24
C3' TCJ A 10 -15.57 9.21 -4.38
C2' TCJ A 10 -14.25 8.97 -5.10
C7' TCJ A 10 -16.55 8.03 -4.47
C6' TCJ A 10 -17.04 7.74 -3.05
C8' TCJ A 10 -17.73 8.85 -2.33
O3' TCJ A 10 -16.19 10.41 -4.85
H4' TCJ A 10 -15.09 10.36 -2.61
H1' TCJ A 10 -12.37 8.60 -4.16
H6 TCJ A 10 -14.50 6.33 -2.45
H73 TCJ A 10 -14.87 2.74 -2.86
H71 TCJ A 10 -15.32 4.15 -1.86
H72 TCJ A 10 -13.75 3.33 -1.61
H41 TCJ A 10 -12.30 2.42 -5.46
H42 TCJ A 10 -13.20 2.06 -4.00
H2' TCJ A 10 -14.39 8.38 -6.00
H2'' TCJ A 10 -13.79 9.93 -5.34
H7' TCJ A 10 -16.04 7.15 -4.86
H7'' TCJ A 10 -17.40 8.27 -5.11
H6' TCJ A 10 -17.29 6.70 -2.79
H8' TCJ A 10 -17.99 9.73 -2.90
H8'' TCJ A 10 -18.41 8.58 -1.52
H3T TCJ A 10 -16.32 10.31 -5.80
O5' F7H A 1 15.46 9.29 2.36
C5' F7H A 1 15.09 8.94 1.05
C4' F7H A 1 16.10 8.16 0.20
O4' F7H A 1 16.82 7.26 1.07
C1' F7H A 1 16.80 5.93 0.53
N1 F7H A 1 16.03 4.99 1.42
C6 F7H A 1 15.25 5.43 2.48
C5 F7H A 1 14.56 4.55 3.26
C7 F7H A 1 13.71 5.02 4.43
C4 F7H A 1 14.66 3.14 2.91
N4 F7H A 1 14.05 2.18 3.60
N3 F7H A 1 15.42 2.74 1.88
C2 F7H A 1 16.12 3.62 1.12
O2 F7H A 1 16.85 3.22 0.20
C3' F7H A 1 15.36 7.32 -0.81
C2' F7H A 1 16.17 6.04 -0.85
C7' F7H A 1 13.93 7.19 -0.23
C6' F7H A 1 13.75 8.32 0.79
C8' F7H A 1 14.03 9.73 0.34
O3' F7H A 1 15.33 7.97 -2.08
HO5' F7H A 1 15.62 10.23 2.39
H4' F7H A 1 16.80 8.83 -0.29
H1' F7H A 1 17.81 5.56 0.44
H6 F7H A 1 15.19 6.49 2.70
H71 F7H A 1 13.72 6.11 4.49
H72 F7H A 1 14.09 4.60 5.36
H73 F7H A 1 12.68 4.68 4.28
H41 F7H A 1 14.15 1.22 3.31
H42 F7H A 1 13.47 2.40 4.39
H2' F7H A 1 15.54 5.18 -1.08
H2'' F7H A 1 16.97 6.12 -1.58
H7' F7H A 1 13.82 6.23 0.28
H7'' F7H A 1 13.18 7.29 -1.01
H6' F7H A 1 13.05 8.17 1.63
H8' F7H A 1 14.18 9.91 -0.71
H8'' F7H A 1 13.59 10.55 0.92
C7 EAN A 2 11.52 4.79 0.57
C6 EAN A 2 13.09 3.49 -0.89
C5 EAN A 2 12.22 3.50 0.16
C4 EAN A 2 11.95 2.28 0.92
C2 EAN A 2 13.52 1.11 -0.61
P EAN A 2 14.91 7.20 -3.47
O1P EAN A 2 16.11 6.46 -3.96
O2P EAN A 2 14.26 8.18 -4.36
O5' EAN A 2 13.81 6.13 -3.03
C5' EAN A 2 13.36 5.12 -3.92
C4' EAN A 2 14.26 3.92 -4.13
O4' EAN A 2 14.98 3.62 -2.91
C1' EAN A 2 14.68 2.30 -2.47
N1 EAN A 2 13.73 2.33 -1.29
O4 EAN A 2 11.20 2.20 1.89
N3 EAN A 2 12.63 1.16 0.46
O2 EAN A 2 14.07 0.06 -0.94
C3' EAN A 2 13.41 2.72 -4.46
C2' EAN A 2 14.06 1.59 -3.66
C7' EAN A 2 11.97 3.11 -3.99
C6' EAN A 2 11.95 4.62 -3.78
C8' EAN A 2 12.31 5.46 -4.96
O3' EAN A 2 13.44 2.49 -5.86
H73 EAN A 2 11.97 5.19 1.47
H71 EAN A 2 11.61 5.53 -0.24
H72 EAN A 2 10.47 4.58 0.74
H6 EAN A 2 13.29 4.41 -1.41
H4' EAN A 2 14.97 4.10 -4.93
H1' EAN A 2 15.60 1.78 -2.17
H3 EAN A 2 12.46 0.30 0.95
H2' EAN A 2 13.34 0.83 -3.36
H2'' EAN A 2 14.85 1.15 -4.25
H7' EAN A 2 11.72 2.61 -3.05
H7'' EAN A 2 11.24 2.85 -4.74
H6' EAN A 2 11.30 5.04 -3.02
H8' EAN A 2 12.38 4.98 -5.93
H8'' EAN A 2 11.96 6.49 -4.98
P TCJ A 3 12.89 1.14 -6.58
O1P TCJ A 3 13.92 0.09 -6.44
O2P TCJ A 3 12.41 1.54 -7.93
O5' TCJ A 3 11.59 0.72 -5.73
C5' TCJ A 3 11.00 -0.54 -5.92
C4' TCJ A 3 11.63 -1.73 -5.19
O4' TCJ A 3 12.16 -1.31 -3.92
C1' TCJ A 3 11.64 -2.15 -2.87
N1 TCJ A 3 10.78 -1.34 -1.96
C6 TCJ A 3 10.29 -0.10 -2.30
C5 TCJ A 3 9.51 0.62 -1.44
C7 TCJ A 3 8.96 1.99 -1.81
C4 TCJ A 3 9.24 0.02 -0.14
N4 TCJ A 3 8.49 0.63 0.77
N3 TCJ A 3 9.74 -1.19 0.18
C2 TCJ A 3 10.49 -1.91 -0.70
O2 TCJ A 3 10.91 -3.03 -0.39
C3' TCJ A 3 10.55 -2.75 -4.94
C2' TCJ A 3 10.88 -3.28 -3.55
C7' TCJ A 3 9.22 -1.94 -5.01
C6' TCJ A 3 9.50 -0.67 -5.83
C8' TCJ A 3 10.17 -0.81 -7.17
O3' TCJ A 3 10.67 -3.76 -5.94
H4' TCJ A 3 12.43 -2.17 -5.80
H1' TCJ A 3 12.47 -2.56 -2.30
H6 TCJ A 3 10.53 0.33 -3.27
H73 TCJ A 3 7.87 1.95 -1.80
H71 TCJ A 3 9.29 2.27 -2.81
H72 TCJ A 3 9.30 2.73 -1.10
H41 TCJ A 3 8.33 0.18 1.65
H42 TCJ A 3 8.08 1.53 0.58
H2' TCJ A 3 9.98 -3.55 -3.00
H2'' TCJ A 3 11.54 -4.14 -3.64
H7' TCJ A 3 8.90 -1.63 -4.02
H7'' TCJ A 3 8.42 -2.50 -5.49
H6' TCJ A 3 8.90 0.22 -5.65
H8' TCJ A 3 10.22 -1.80 -7.61
H8'' TCJ A 3 10.08 0.03 -7.87
C8 F4Q A 4 7.40 -3.70 -1.71
C2 F4Q A 4 5.86 -4.60 2.29
C4 F4Q A 4 6.74 -4.44 0.22
C5 F4Q A 4 6.46 -3.09 0.09
C6 F4Q A 4 5.83 -2.40 1.19
P F4Q A 4 9.55 -4.87 -6.26
O1P F4Q A 4 10.24 -6.15 -6.52
O2P F4Q A 4 8.65 -4.29 -7.28
O5' F4Q A 4 8.73 -4.99 -4.88
C5' F4Q A 4 7.75 -5.97 -4.66
C4' F4Q A 4 7.92 -6.88 -3.45
O4' F4Q A 4 8.63 -6.18 -2.41
C1' F4Q A 4 7.87 -6.20 -1.21
N9 F4Q A 4 7.35 -4.83 -0.94
N7 F4Q A 4 6.89 -2.64 -1.15
O6 F4Q A 4 5.53 -1.21 1.27
N1 F4Q A 4 5.55 -3.25 2.25
N2 F4Q A 4 5.51 -5.26 3.38
N3 F4Q A 4 6.47 -5.26 1.28
C3' F4Q A 4 6.55 -7.24 -2.93
C2' F4Q A 4 6.75 -7.21 -1.42
C7' F4Q A 4 5.61 -6.16 -3.48
C6' F4Q A 4 6.30 -5.54 -4.70
C8' F4Q A 4 6.81 -6.46 -5.76
O3' F4Q A 4 6.20 -8.52 -3.41
H8 F4Q A 4 7.82 -3.70 -2.71
H4' F4Q A 4 8.47 -7.78 -3.74
H1' F4Q A 4 8.50 -6.52 -0.37
H1 F4Q A 4 5.10 -2.85 3.06
H22 F4Q A 4 5.70 -6.25 3.46
H21 F4Q A 4 5.04 -4.77 4.14
H2' F4Q A 4 5.83 -6.91 -0.90
H2'' F4Q A 4 7.08 -8.18 -1.07
H7' F4Q A 4 5.42 -5.38 -2.74
H7'' F4Q A 4 4.66 -6.58 -3.81
H6' F4Q A 4 6.05 -4.51 -4.99
H8' F4Q A 4 6.51 -7.51 -5.72
H8'' F4Q A 4 6.97 -6.05 -6.76
C8 F4Q A 5 3.28 -5.43 -0.09
C2 F4Q A 5 1.40 -4.02 3.62
C4 F4Q A 5 2.36 -5.04 1.85
C5 F4Q A 5 2.47 -3.88 1.11
C6 F4Q A 5 1.99 -2.64 1.67
P F4Q A 5 4.97 -9.40 -2.82
O1P F4Q A 5 5.45 -10.12 -1.63
O2P F4Q A 5 4.40 -10.15 -3.96
O5' F4Q A 5 3.90 -8.31 -2.35
C5' F4Q A 5 2.69 -8.71 -1.76
C4' F4Q A 5 2.72 -9.04 -0.27
O4' F4Q A 5 3.66 -8.19 0.40
C1' F4Q A 5 3.02 -7.48 1.46
N9 F4Q A 5 2.89 -6.05 1.07
N7 F4Q A 5 3.05 -4.15 -0.13
O6 F4Q A 5 2.01 -1.52 1.16
N1 F4Q A 5 1.47 -2.81 2.95
N2 F4Q A 5 0.87 -3.98 4.83
N3 F4Q A 5 1.85 -5.19 3.10
C3' F4Q A 5 1.36 -8.78 0.31
C2' F4Q A 5 1.67 -8.16 1.67
C7' F4Q A 5 0.69 -7.79 -0.68
C6' F4Q A 5 1.44 -7.90 -2.00
C8' F4Q A 5 1.56 -9.26 -2.62
O3' F4Q A 5 0.64 -10.00 0.39
H8 F4Q A 5 3.73 -5.98 -0.91
H4' F4Q A 5 2.99 -10.09 -0.12
H1' F4Q A 5 3.61 -7.55 2.38
H1 F4Q A 5 1.12 -1.99 3.42
H22 F4Q A 5 0.79 -4.82 5.38
H21 F4Q A 5 0.53 -3.11 5.21
H2' F4Q A 5 0.90 -7.46 1.99
H2'' F4Q A 5 1.79 -8.95 2.40
H7' F4Q A 5 0.77 -6.77 -0.31
H7'' F4Q A 5 -0.35 -8.05 -0.84
H6' F4Q A 5 1.50 -7.02 -2.65
H8' F4Q A 5 0.96 -10.05 -2.21
H8'' F4Q A 5 1.76 -9.31 -3.70
P TCJ A 6 -0.70 -10.22 1.27
O1P TCJ A 6 -0.30 -10.31 2.69
O2P TCJ A 6 -1.46 -11.32 0.65
O5' TCJ A 6 -1.52 -8.84 1.04
C5' TCJ A 6 -2.73 -8.58 1.71
C4' TCJ A 6 -2.65 -8.07 3.15
O4' TCJ A 6 -1.49 -7.22 3.30
C1' TCJ A 6 -1.90 -5.93 3.79
N1 TCJ A 6 -1.75 -4.88 2.72
C6 TCJ A 6 -1.39 -5.20 1.42
C5 TCJ A 6 -1.21 -4.22 0.48
C7 TCJ A 6 -0.82 -4.56 -0.95
C4 TCJ A 6 -1.36 -2.84 0.92
N4 TCJ A 6 -1.16 -1.81 0.10
N3 TCJ A 6 -1.73 -2.55 2.18
C2 TCJ A 6 -1.96 -3.54 3.11
O2 TCJ A 6 -2.34 -3.26 4.24
C3' TCJ A 6 -3.88 -7.23 3.43
C2' TCJ A 6 -3.33 -6.09 4.27
C7' TCJ A 6 -4.42 -6.82 2.04
C6' TCJ A 6 -3.76 -7.73 1.01
C8' TCJ A 6 -4.02 -9.20 1.18
O3' TCJ A 6 -4.83 -8.03 4.14
H4' TCJ A 6 -2.61 -8.91 3.85
H1' TCJ A 6 -1.26 -5.64 4.64
H6 TCJ A 6 -1.25 -6.23 1.14
H73 TCJ A 6 -1.33 -3.87 -1.63
H71 TCJ A 6 -1.11 -5.58 -1.18
H72 TCJ A 6 0.26 -4.45 -1.08
H41 TCJ A 6 -1.28 -0.87 0.45
H42 TCJ A 6 -0.88 -1.96 -0.85
H2' TCJ A 6 -3.92 -5.18 4.14
H2'' TCJ A 6 -3.33 -6.38 5.32
H7' TCJ A 6 -4.15 -5.78 1.82
H7'' TCJ A 6 -5.49 -6.93 1.99
H6' TCJ A 6 -3.57 -7.35 0.01
H8' TCJ A 6 -4.77 -9.49 1.91
H8'' TCJ A 6 -3.93 -9.82 0.29
C7 EAN A 7 -4.90 -3.37 0.15
C6 EAN A 7 -5.60 -2.68 2.43
C5 EAN A 7 -5.20 -2.30 1.20
C4 EAN A 7 -5.06 -0.88 0.85
C2 EAN A 7 -5.82 -0.38 3.18
P EAN A 7 -6.13 -7.43 4.89
O1P EAN A 7 -5.72 -6.91 6.21
O2P EAN A 7 -7.19 -8.47 4.80
O5' EAN A 7 -6.60 -6.20 3.96
C5' EAN A 7 -7.69 -5.39 4.34
C4' EAN A 7 -7.41 -4.21 5.26
O4' EAN A 7 -6.13 -3.61 4.98
C1' EAN A 7 -6.27 -2.19 4.83
N1 EAN A 7 -5.89 -1.76 3.43
O4 EAN A 7 -4.69 -0.44 -0.22
N3 EAN A 7 -5.40 -0.01 1.89
O2 EAN A 7 -6.10 0.47 4.02
C3' EAN A 7 -8.46 -3.16 5.01
C2' EAN A 7 -7.70 -1.85 5.19
C7' EAN A 7 -8.94 -3.43 3.57
C6' EAN A 7 -8.61 -4.89 3.25
C8' EAN A 7 -9.10 -5.94 4.21
O3' EAN A 7 -9.50 -3.33 5.95
H73 EAN A 7 -5.72 -4.07 0.11
H71 EAN A 7 -3.98 -3.88 0.42
H72 EAN A 7 -4.79 -2.91 -0.84
H6 EAN A 7 -5.69 -3.74 2.65
H4' EAN A 7 -7.44 -4.53 6.31
H1' EAN A 7 -5.60 -1.68 5.52
H3 EAN A 7 -5.33 0.98 1.71
H2' EAN A 7 -8.12 -1.06 4.56
H2'' EAN A 7 -7.74 -1.54 6.25
H7' EAN A 7 -8.41 -2.79 2.87
H7'' EAN A 7 -10.01 -3.27 3.49
H6' EAN A 7 -8.43 -5.17 2.22
H8' EAN A 7 -9.82 -5.64 4.96
H8'' EAN A 7 -9.18 -6.96 3.84
C7 EAN A 8 -8.87 -0.99 0.63
C6 EAN A 8 -9.30 0.75 2.35
C5 EAN A 8 -8.87 0.45 1.09
C4 EAN A 8 -8.43 1.50 0.17
C2 EAN A 8 -8.93 3.13 1.99
P EAN A 8 -10.70 -2.27 6.20
O1P EAN A 8 -10.28 -1.35 7.28
O2P EAN A 8 -11.94 -3.05 6.34
O5' EAN A 8 -10.81 -1.42 4.84
C5' EAN A 8 -11.74 -0.37 4.75
C4' EAN A 8 -11.32 0.99 5.27
O4' EAN A 8 -9.92 1.20 4.99
C1' EAN A 8 -9.74 2.40 4.23
N1 EAN A 8 -9.32 2.06 2.82
O4 EAN A 8 -8.02 1.33 -0.97
N3 EAN A 8 -8.51 2.80 0.70
O2 EAN A 8 -8.97 4.31 2.36
C3' EAN A 8 -12.10 2.05 4.52
C2' EAN A 8 -11.06 3.14 4.31
C7' EAN A 8 -12.57 1.34 3.22
C6' EAN A 8 -12.49 -0.15 3.46
C8' EAN A 8 -13.23 -0.68 4.65
O3' EAN A 8 -13.20 2.47 5.32
H73 EAN A 8 -8.87 -1.04 -0.47
H71 EAN A 8 -9.75 -1.51 1.00
H72 EAN A 8 -7.97 -1.49 1.00
H6 EAN A 8 -9.60 -0.05 3.00
H4' EAN A 8 -11.50 1.08 6.34
H1' EAN A 8 -8.96 3.00 4.69
H3 EAN A 8 -8.21 3.55 0.10
H2' EAN A 8 -11.26 3.73 3.42
H2'' EAN A 8 -11.04 3.78 5.20
H7' EAN A 8 -11.92 1.61 2.38
H7'' EAN A 8 -13.59 1.61 2.99
H6' EAN A 8 -12.31 -0.82 2.62
H8' EAN A 8 -13.92 0.00 5.16
H8'' EAN A 8 -13.51 -1.74 4.65
O1P TCY A 9 -13.35 4.97 5.52
P TCY A 9 -14.09 3.78 5.03
O2P TCY A 9 -15.46 3.52 5.51
C8' TCY A 9 -16.44 4.47 2.58
O5' TCY A 9 -14.15 3.84 3.44
C5' TCY A 9 -14.96 4.77 2.77
C6' TCY A 9 -15.50 4.36 1.42
C4' TCY A 9 -14.46 6.20 2.66
C3' TCY A 9 -14.93 6.76 1.34
C7' TCY A 9 -15.38 5.56 0.49
O3' TCY A 9 -16.02 7.65 1.57
C2' TCY A 9 -13.68 7.47 0.81
C1' TCY A 9 -12.52 6.71 1.44
O4' TCY A 9 -13.02 6.19 2.68
N9 TCY A 9 -12.06 5.57 0.61
C4 TCY A 9 -11.40 5.69 -0.59
N3 TCY A 9 -11.09 6.86 -1.22
C2 TCY A 9 -10.47 6.64 -2.37
N1 TCY A 9 -10.14 5.47 -2.91
C6 TCY A 9 -10.43 4.32 -2.27
N6 TCY A 9 -10.06 3.19 -2.87
C5 TCY A 9 -11.12 4.41 -1.03
N7 TCY A 9 -11.60 3.47 -0.11
C8 TCY A 9 -12.14 4.21 0.83
H8' TCY A 9 -17.13 5.32 2.58
H8'A TCY A 9 -16.82 3.55 3.02
H6' TCY A 9 -15.26 3.37 1.03
H4' TCY A 9 -14.85 6.81 3.49
H7' TCY A 9 -14.66 5.34 -0.30
H7'A TCY A 9 -16.36 5.74 0.05
H2' TCY A 9 -13.63 7.45 -0.28
H2'A TCY A 9 -13.66 8.49 1.17
H1' TCY A 9 -11.69 7.38 1.62
H2 TCY A 9 -10.19 7.50 -2.94
HN6 TCY A 9 -9.58 3.24 -3.75
HN6A TCY A 9 -10.22 2.30 -2.43
H8 TCY A 9 -12.61 3.79 1.70
P TCJ A 10 -16.58 8.74 0.50
O1P TCJ A 10 -15.62 9.85 0.45
O2P TCJ A 10 -17.99 8.99 0.83
O5' TCJ A 10 -16.55 7.97 -0.93
C5' TCJ A 10 -16.68 8.70 -2.14
C4' TCJ A 10 -15.40 9.15 -2.86
O4' TCJ A 10 -14.39 8.13 -2.75
C1' TCJ A 10 -13.60 8.13 -3.95
N1 TCJ A 10 -13.22 6.74 -4.37
C6 TCJ A 10 -13.63 5.62 -3.66
C5 TCJ A 10 -13.25 4.37 -4.03
C7 TCJ A 10 -13.69 3.15 -3.25
C4 TCJ A 10 -12.39 4.27 -5.20
N4 TCJ A 10 -11.97 3.08 -5.65
N3 TCJ A 10 -12.01 5.36 -5.89
C2 TCJ A 10 -12.38 6.60 -5.50
O2 TCJ A 10 -11.99 7.60 -6.11
C3' TCJ A 10 -15.70 9.28 -4.33
C2' TCJ A 10 -14.40 8.84 -5.03
C7' TCJ A 10 -16.87 8.32 -4.55
C6' TCJ A 10 -17.62 8.16 -3.21
C8' TCJ A 10 -18.00 9.40 -2.46
O3' TCJ A 10 -16.05 10.61 -4.69
H4' TCJ A 10 -15.02 10.09 -2.44
H1' TCJ A 10 -12.69 8.69 -3.75
H6 TCJ A 10 -14.28 5.74 -2.80
H73 TCJ A 10 -14.37 2.55 -3.86
H71 TCJ A 10 -14.21 3.45 -2.33
H72 TCJ A 10 -12.81 2.55 -2.98
H41 TCJ A 10 -11.38 3.06 -6.48
H42 TCJ A 10 -12.22 2.23 -5.18
H2' TCJ A 10 -14.62 8.18 -5.88
H2'' TCJ A 10 -13.84 9.71 -5.38
H7' TCJ A 10 -16.50 7.34 -4.83
H7'' TCJ A 10 -17.55 8.70 -5.32
H6' TCJ A 10 -18.18 7.27 -3.04
H8' TCJ A 10 -17.95 10.36 -2.98
H8'' TCJ A 10 -18.80 9.29 -1.72
H3T TCJ A 10 -15.35 11.21 -4.45
O5' F7H A 1 14.72 9.72 2.58
C5' F7H A 1 14.50 9.26 1.26
C4' F7H A 1 15.61 8.44 0.61
O4' F7H A 1 16.17 7.55 1.60
C1' F7H A 1 16.37 6.25 1.03
N1 F7H A 1 15.64 5.19 1.81
C6 F7H A 1 14.64 5.48 2.71
C5 F7H A 1 13.97 4.48 3.36
C7 F7H A 1 12.85 4.80 4.34
C4 F7H A 1 14.36 3.11 3.05
N4 F7H A 1 13.80 2.05 3.63
N3 F7H A 1 15.34 2.85 2.17
C2 F7H A 1 16.02 3.85 1.55
O2 F7H A 1 16.95 3.58 0.79
C3' F7H A 1 15.00 7.57 -0.47
C2' F7H A 1 15.86 6.31 -0.40
C7' F7H A 1 13.54 7.40 -0.01
C6' F7H A 1 13.20 8.59 0.91
C8' F7H A 1 13.49 9.96 0.40
O3' F7H A 1 15.07 8.18 -1.75
HO5' F7H A 1 15.28 9.10 3.06
H4' F7H A 1 16.39 9.08 0.18
H1' F7H A 1 17.43 6.02 1.04
H6 F7H A 1 14.39 6.51 2.92
H71 F7H A 1 13.28 5.12 5.29
H72 F7H A 1 12.22 3.92 4.50
H73 F7H A 1 12.23 5.61 3.93
H41 F7H A 1 14.14 1.13 3.36
H42 F7H A 1 13.08 2.15 4.32
H2' F7H A 1 15.29 5.43 -0.66
H2'' F7H A 1 16.72 6.41 -1.07
H7' F7H A 1 13.41 6.47 0.54
H7'' F7H A 1 12.86 7.41 -0.86
H6' F7H A 1 12.43 8.47 1.66
H8' F7H A 1 13.72 10.09 -0.66
H8'' F7H A 1 12.97 10.80 0.88
C7 EAN A 2 10.95 5.12 0.74
C6 EAN A 2 12.64 3.75 -0.52
C5 EAN A 2 11.70 3.82 0.49
C4 EAN A 2 11.41 2.66 1.32
C2 EAN A 2 13.07 1.40 -0.04
P EAN A 2 14.79 7.38 -3.17
O1P EAN A 2 16.02 6.65 -3.54
O2P EAN A 2 14.18 8.32 -4.12
O5' EAN A 2 13.65 6.28 -2.79
C5' EAN A 2 13.33 5.23 -3.67
C4' EAN A 2 14.23 4.00 -3.65
O4' EAN A 2 14.74 3.79 -2.32
C1' EAN A 2 14.39 2.49 -1.86
N1 EAN A 2 13.33 2.57 -0.79
O4 EAN A 2 10.63 2.63 2.27
N3 EAN A 2 12.13 1.51 0.98
O2 EAN A 2 13.65 0.33 -0.26
C3' EAN A 2 13.41 2.79 -4.03
C2' EAN A 2 13.92 1.71 -3.08
C7' EAN A 2 11.95 3.21 -3.78
C6' EAN A 2 11.91 4.74 -3.70
C8' EAN A 2 12.43 5.50 -4.87
O3' EAN A 2 13.66 2.49 -5.40
H73 EAN A 2 9.90 4.89 0.95
H71 EAN A 2 11.39 5.64 1.59
H72 EAN A 2 11.01 5.75 -0.15
H6 EAN A 2 12.84 4.63 -1.10
H4' EAN A 2 15.06 4.13 -4.35
H1' EAN A 2 15.27 2.00 -1.43
H3 EAN A 2 11.93 0.67 1.51
H2' EAN A 2 13.14 1.00 -2.83
H2'' EAN A 2 14.79 1.21 -3.53
H7' EAN A 2 11.58 2.80 -2.83
H7'' EAN A 2 11.30 2.88 -4.59
H6' EAN A 2 11.15 5.21 -3.07
H8' EAN A 2 12.64 4.94 -5.79
H8'' EAN A 2 12.08 6.53 -5.01
P TCJ A 3 13.21 1.11 -6.11
O1P TCJ A 3 14.25 0.08 -5.83
O2P TCJ A 3 12.86 1.44 -7.52
O5' TCJ A 3 11.87 0.71 -5.36
C5' TCJ A 3 11.31 -0.55 -5.56
C4' TCJ A 3 11.90 -1.72 -4.77
O4' TCJ A 3 12.35 -1.26 -3.49
C1' TCJ A 3 11.79 -2.06 -2.44
N1 TCJ A 3 10.85 -1.24 -1.60
C6 TCJ A 3 10.35 -0.02 -2.03
C5 TCJ A 3 9.49 0.71 -1.24
C7 TCJ A 3 8.93 2.05 -1.70
C4 TCJ A 3 9.15 0.14 0.05
N4 TCJ A 3 8.33 0.76 0.89
N3 TCJ A 3 9.66 -1.04 0.45
C2 TCJ A 3 10.49 -1.77 -0.35
O2 TCJ A 3 10.90 -2.87 0.02
C3' TCJ A 3 10.82 -2.73 -4.54
C2' TCJ A 3 11.08 -3.23 -3.13
C7' TCJ A 3 9.49 -1.93 -4.70
C6' TCJ A 3 9.80 -0.67 -5.49
C8' TCJ A 3 10.49 -0.83 -6.81
O3' TCJ A 3 10.94 -3.74 -5.55
H4' TCJ A 3 12.73 -2.17 -5.32
H1' TCJ A 3 12.58 -2.43 -1.80
H6 TCJ A 3 10.64 0.38 -2.99
H73 TCJ A 3 9.32 2.84 -1.07
H71 TCJ A 3 7.85 2.03 -1.64
H72 TCJ A 3 9.23 2.24 -2.74
H41 TCJ A 3 8.12 0.34 1.79
H42 TCJ A 3 7.91 1.64 0.66
H2' TCJ A 3 10.17 -3.51 -2.62
H2'' TCJ A 3 11.78 -4.07 -3.17
H7' TCJ A 3 9.11 -1.65 -3.72
H7'' TCJ A 3 8.75 -2.51 -5.24
H6' TCJ A 3 9.21 0.23 -5.32
H8' TCJ A 3 10.53 -1.84 -7.24
H8'' TCJ A 3 10.42 -0.01 -7.53
C8 F4Q A 4 7.44 -3.24 -1.60
C2 F4Q A 4 6.01 -4.05 2.45
C4 F4Q A 4 6.87 -3.92 0.38
C5 F4Q A 4 6.48 -2.62 0.18
C6 F4Q A 4 5.81 -1.91 1.26
P F4Q A 4 10.20 -5.17 -5.49
O1P F4Q A 4 10.94 -6.03 -4.54
O2P F4Q A 4 10.01 -5.63 -6.88
O5' F4Q A 4 8.78 -4.82 -4.88
C5' F4Q A 4 7.91 -5.82 -4.45
C4' F4Q A 4 8.27 -6.54 -3.16
O4' F4Q A 4 8.87 -5.60 -2.24
C1' F4Q A 4 8.18 -5.63 -0.98
N9 F4Q A 4 7.51 -4.32 -0.76
N7 F4Q A 4 6.84 -2.19 -1.09
O6 F4Q A 4 5.43 -0.74 1.29
N1 F4Q A 4 5.59 -2.74 2.37
N2 F4Q A 4 5.69 -4.70 3.57
N3 F4Q A 4 6.68 -4.69 1.48
C3' F4Q A 4 7.00 -7.04 -2.53
C2' F4Q A 4 7.22 -6.81 -1.04
C7' F4Q A 4 5.88 -6.16 -3.15
C6' F4Q A 4 6.43 -5.55 -4.44
C8' F4Q A 4 7.01 -6.49 -5.46
O3' F4Q A 4 6.85 -8.40 -2.89
H8 F4Q A 4 7.83 -3.25 -2.62
H4' F4Q A 4 8.95 -7.36 -3.34
H1' F4Q A 4 8.90 -5.79 -0.17
H1 F4Q A 4 5.11 -2.33 3.15
H22 F4Q A 4 5.96 -5.67 3.67
H21 F4Q A 4 5.18 -4.23 4.30
H2' F4Q A 4 6.29 -6.60 -0.51
H2'' F4Q A 4 7.71 -7.69 -0.61
H7' F4Q A 4 5.60 -5.35 -2.47
H7'' F4Q A 4 5.00 -6.76 -3.38
H6' F4Q A 4 6.06 -4.59 -4.78
H8' F4Q A 4 6.81 -7.56 -5.34
H8'' F4Q A 4 7.08 -6.14 -6.50
C8 F4Q A 5 3.67 -5.47 0.31
C2 F4Q A 5 1.54 -3.95 3.82
C4 F4Q A 5 2.65 -5.01 2.17
C5 F4Q A 5 2.73 -3.89 1.36
C6 F4Q A 5 2.17 -2.64 1.83
P F4Q A 5 5.84 -9.40 -2.12
O1P F4Q A 5 6.53 -9.92 -0.93
O2P F4Q A 5 5.28 -10.34 -3.12
O5' F4Q A 5 4.68 -8.40 -1.66
C5' F4Q A 5 3.44 -8.82 -1.17
C4' F4Q A 5 3.33 -9.09 0.32
O4' F4Q A 5 4.19 -8.17 1.04
C1' F4Q A 5 3.42 -7.42 1.99
N9 F4Q A 5 3.25 -6.03 1.49
N7 F4Q A 5 3.39 -4.20 0.18
O6 F4Q A 5 2.17 -1.55 1.27
N1 F4Q A 5 1.58 -2.77 3.09
N2 F4Q A 5 0.93 -3.89 5.00
N3 F4Q A 5 2.08 -5.11 3.40
C3' F4Q A 5 1.90 -8.80 0.75
C2' F4Q A 5 2.09 -8.14 2.10
C7' F4Q A 5 1.33 -7.88 -0.36
C6' F4Q A 5 2.22 -8.04 -1.59
C8' F4Q A 5 2.41 -9.42 -2.11
O3' F4Q A 5 1.20 -10.02 0.82
H8 F4Q A 5 4.18 -6.04 -0.45
H4' F4Q A 5 3.60 -10.12 0.56
H1' F4Q A 5 3.92 -7.40 2.96
H1 F4Q A 5 1.15 -1.94 3.49
H22 F4Q A 5 0.88 -4.72 5.56
H21 F4Q A 5 0.53 -3.02 5.31
H2' F4Q A 5 1.27 -7.46 2.34
H2'' F4Q A 5 2.17 -8.91 2.87
H7' F4Q A 5 1.33 -6.84 -0.04
H7'' F4Q A 5 0.32 -8.19 -0.63
H6' F4Q A 5 2.33 -7.20 -2.27
H8' F4Q A 5 1.76 -10.21 -1.72
H8'' F4Q A 5 2.71 -9.54 -3.16
P TCJ A 6 -0.26 -10.17 1.49
O1P TCJ A 6 -0.07 -10.28 2.96
O2P TCJ A 6 -0.98 -11.24 0.76
O5' TCJ A 6 -1.00 -8.78 1.18
C5' TCJ A 6 -2.28 -8.53 1.68
C4' TCJ A 6 -2.40 -8.02 3.12
O4' TCJ A 6 -1.32 -7.10 3.40
C1' TCJ A 6 -1.85 -5.84 3.82
N1 TCJ A 6 -1.62 -4.81 2.73
C6 TCJ A 6 -1.12 -5.16 1.47
C5 TCJ A 6 -0.85 -4.22 0.54
C7 TCJ A 6 -0.34 -4.61 -0.84
C4 TCJ A 6 -1.09 -2.83 0.90
N4 TCJ A 6 -0.81 -1.82 0.07
N3 TCJ A 6 -1.58 -2.50 2.11
C2 TCJ A 6 -1.88 -3.45 3.04
O2 TCJ A 6 -2.38 -3.14 4.12
C3' TCJ A 6 -3.70 -7.27 3.25
C2' TCJ A 6 -3.33 -6.07 4.11
C7' TCJ A 6 -4.12 -6.90 1.81
C6' TCJ A 6 -3.30 -7.78 0.87
C8' TCJ A 6 -3.46 -9.26 1.04
O3' TCJ A 6 -4.64 -8.13 3.87
H4' TCJ A 6 -2.36 -8.85 3.83
H1' TCJ A 6 -1.35 -5.49 4.72
H6 TCJ A 6 -0.94 -6.20 1.25
H73 TCJ A 6 0.74 -4.44 -0.88
H71 TCJ A 6 -0.82 -3.99 -1.60
H72 TCJ A 6 -0.56 -5.65 -1.04
H41 TCJ A 6 -0.98 -0.88 0.37
H42 TCJ A 6 -0.43 -2.01 -0.85
H2' TCJ A 6 -3.94 -5.20 3.87
H2'' TCJ A 6 -3.44 -6.33 5.16
H7' TCJ A 6 -3.90 -5.86 1.60
H7'' TCJ A 6 -5.18 -7.09 1.66
H6' TCJ A 6 -3.04 -7.40 -0.12
H8' TCJ A 6 -4.26 -9.60 1.70
H8'' TCJ A 6 -3.24 -9.89 0.18
C7 EAN A 7 -4.57 -3.56 0.01
C6 EAN A 7 -5.33 -2.86 2.27
C5 EAN A 7 -4.90 -2.49 1.02
C4 EAN A 7 -4.76 -1.08 0.66
C2 EAN A 7 -5.65 -0.54 2.93
P EAN A 7 -6.07 -7.66 4.43
O1P EAN A 7 -5.93 -7.38 5.89
O2P EAN A 7 -7.08 -8.66 3.98
O5' EAN A 7 -6.38 -6.28 3.68
C5' EAN A 7 -7.42 -5.46 4.13
C4' EAN A 7 -7.07 -4.34 5.13
O4' EAN A 7 -5.81 -3.75 4.81
C1' EAN A 7 -5.95 -2.32 4.66
N1 EAN A 7 -5.66 -1.91 3.24
O4 EAN A 7 -4.30 -0.66 -0.39
N3 EAN A 7 -5.21 -0.19 1.64
O2 EAN A 7 -6.02 0.33 3.72
C3' EAN A 7 -8.12 -3.26 5.00
C2' EAN A 7 -7.34 -1.98 5.15
C7' EAN A 7 -8.71 -3.47 3.58
C6' EAN A 7 -8.41 -4.90 3.16
C8' EAN A 7 -8.84 -5.98 4.09
O3' EAN A 7 -9.09 -3.45 6.02
H73 EAN A 7 -5.28 -4.38 0.09
H71 EAN A 7 -3.57 -3.96 0.21
H72 EAN A 7 -4.60 -3.15 -1.00
H6 EAN A 7 -5.42 -3.90 2.49
H4' EAN A 7 -7.05 -4.73 6.15
H1' EAN A 7 -5.22 -1.82 5.30
H3 EAN A 7 -5.17 0.80 1.42
H2' EAN A 7 -7.79 -1.16 4.59
H2'' EAN A 7 -7.28 -1.71 6.22
H7' EAN A 7 -8.24 -2.79 2.87
H7'' EAN A 7 -9.79 -3.32 3.58
H6' EAN A 7 -8.31 -5.13 2.10
H8' EAN A 7 -9.51 -5.71 4.91
H8'' EAN A 7 -8.99 -6.98 3.67
C7 EAN A 8 -8.86 -1.58 0.46
C6 EAN A 8 -9.17 0.28 2.10
C5 EAN A 8 -8.79 -0.12 0.85
C4 EAN A 8 -8.29 0.86 -0.12
C2 EAN A 8 -8.68 2.61 1.61
P EAN A 8 -10.19 -2.34 6.42
O1P EAN A 8 -9.54 -1.34 7.30
O2P EAN A 8 -11.39 -3.07 6.89
O5' EAN A 8 -10.53 -1.67 5.02
C5' EAN A 8 -11.49 -0.65 4.88
C4' EAN A 8 -11.05 0.78 5.15
O4' EAN A 8 -9.66 0.93 4.75
C1' EAN A 8 -9.52 2.06 3.87
N1 EAN A 8 -9.12 1.62 2.49
O4 EAN A 8 -7.91 0.60 -1.26
N3 EAN A 8 -8.28 2.18 0.34
O2 EAN A 8 -8.64 3.80 1.91
C3' EAN A 8 -11.87 1.70 4.29
C2' EAN A 8 -10.87 2.77 3.87
C7' EAN A 8 -12.39 0.81 3.14
C6' EAN A 8 -12.32 -0.64 3.63
C8' EAN A 8 -12.97 -0.99 4.92
O3' EAN A 8 -12.94 2.22 5.07
H73 EAN A 8 -7.90 -2.05 0.61
H71 EAN A 8 -9.14 -1.65 -0.60
H72 EAN A 8 -9.62 -2.09 1.06
H6 EAN A 8 -9.53 -0.47 2.80
H4' EAN A 8 -11.16 1.04 6.21
H1' EAN A 8 -8.75 2.73 4.25
H3 EAN A 8 -7.95 2.88 -0.30
H2' EAN A 8 -11.11 3.20 2.90
H2'' EAN A 8 -10.84 3.56 4.64
H7' EAN A 8 -11.79 0.92 2.26
H7'' EAN A 8 -13.44 1.04 2.91
H6' EAN A 8 -12.19 -1.44 2.90
H8' EAN A 8 -13.65 -0.26 5.37
H8'' EAN A 8 -13.22 -2.04 5.11
O1P TCY A 9 -13.09 4.72 4.93
P TCY A 9 -13.85 3.48 4.62
O2P TCY A 9 -15.20 3.28 5.19
C8' TCY A 9 -16.09 4.42 2.18
O5' TCY A 9 -13.97 3.34 3.02
C5' TCY A 9 -14.57 4.39 2.29
C6' TCY A 9 -15.27 4.10 0.98
C4' TCY A 9 -13.77 5.66 2.12
C3' TCY A 9 -14.17 6.31 0.82
C7' TCY A 9 -14.97 5.25 0.03
O3' TCY A 9 -14.97 7.45 1.14
C2' TCY A 9 -12.84 6.68 0.16
C1' TCY A 9 -11.84 5.73 0.80
O4' TCY A 9 -12.38 5.33 2.06
N9 TCY A 9 -11.60 4.53 -0.02
C4 TCY A 9 -10.97 4.55 -1.22
N3 TCY A 9 -10.55 5.68 -1.87
C2 TCY A 9 -9.99 5.38 -3.04
N1 TCY A 9 -9.80 4.18 -3.57
C6 TCY A 9 -10.20 3.08 -2.90
N6 TCY A 9 -9.94 1.91 -3.49
C5 TCY A 9 -10.86 3.25 -1.65
N7 TCY A 9 -11.42 2.39 -0.70
C8 TCY A 9 -11.86 3.19 0.23
H8' TCY A 9 -16.57 5.41 2.22
H8'A TCY A 9 -16.63 3.61 2.68
H6' TCY A 9 -15.29 3.08 0.60
H4' TCY A 9 -13.96 6.33 2.95
H7' TCY A 9 -14.39 4.86 -0.81
H7'A TCY A 9 -15.90 5.68 -0.35
H2' TCY A 9 -12.86 6.56 -0.92
H2'A TCY A 9 -12.55 7.69 0.42
H1' TCY A 9 -10.89 6.25 0.96
H2 TCY A 9 -9.67 6.21 -3.63
HN6 TCY A 9 -9.47 1.92 -4.39
HN6A TCY A 9 -10.18 1.04 -3.04
H8 TCY A 9 -12.38 2.85 1.11
P TCJ A 10 -15.28 8.69 0.16
O1P TCJ A 10 -14.06 9.52 0.07
O2P TCJ A 10 -16.55 9.30 0.61
O5' TCJ A 10 -15.55 7.99 -1.26
C5' TCJ A 10 -15.56 8.73 -2.46
C4' TCJ A 10 -14.28 8.76 -3.31
O4' TCJ A 10 -13.61 7.49 -3.28
C1' TCJ A 10 -12.91 7.34 -4.51
N1 TCJ A 10 -12.76 5.92 -4.92
C6 TCJ A 10 -13.27 4.88 -4.15
C5 TCJ A 10 -13.05 3.58 -4.50
C7 TCJ A 10 -13.59 2.46 -3.64
C4 TCJ A 10 -12.26 3.34 -5.70
N4 TCJ A 10 -11.96 2.11 -6.11
N3 TCJ A 10 -11.79 4.36 -6.44
C2 TCJ A 10 -12.04 5.65 -6.11
O2 TCJ A 10 -11.65 6.57 -6.83
C3' TCJ A 10 -14.66 8.98 -4.74
C2' TCJ A 10 -13.68 8.15 -5.56
C7' TCJ A 10 -16.12 8.45 -4.82
C6' TCJ A 10 -16.71 8.52 -3.42
C8' TCJ A 10 -16.61 9.81 -2.68
O3' TCJ A 10 -14.57 10.34 -5.09
H4' TCJ A 10 -13.60 9.54 -2.95
H1' TCJ A 10 -11.92 7.77 -4.41
H6 TCJ A 10 -13.85 5.11 -3.28
H73 TCJ A 10 -14.55 2.13 -4.03
H71 TCJ A 10 -13.73 2.81 -2.61
H72 TCJ A 10 -12.90 1.62 -3.64
H41 TCJ A 10 -11.41 2.00 -6.95
H42 TCJ A 10 -12.29 1.30 -5.60
H2' TCJ A 10 -14.18 7.49 -6.27
H2'' TCJ A 10 -12.98 8.80 -6.10
H7' TCJ A 10 -16.14 7.41 -5.15
H7'' TCJ A 10 -16.70 9.07 -5.51
H6' TCJ A 10 -17.51 7.83 -3.15
H8' TCJ A 10 -16.31 10.70 -3.24
H8'' TCJ A 10 -17.32 9.97 -1.86
H3T TCJ A 10 -13.65 10.61 -4.98
O5' F7H A 1 17.20 9.49 0.33
C5' F7H A 1 16.59 8.95 -0.81
C4' F7H A 1 17.38 7.88 -1.60
O4' F7H A 1 18.00 6.97 -0.67
C1' F7H A 1 17.95 5.64 -1.22
N1 F7H A 1 17.38 4.65 -0.28
C6 F7H A 1 16.62 5.02 0.81
C5 F7H A 1 16.06 4.09 1.63
C7 F7H A 1 15.21 4.50 2.82
C4 F7H A 1 16.33 2.69 1.32
N4 F7H A 1 15.86 1.68 2.02
N3 F7H A 1 17.08 2.35 0.26
C2 F7H A 1 17.63 3.29 -0.56
O2 F7H A 1 18.31 2.95 -1.53
C3' F7H A 1 16.40 7.07 -2.40
C2' F7H A 1 17.10 5.71 -2.47
C7' F7H A 1 15.10 7.15 -1.57
C6' F7H A 1 15.17 8.46 -0.76
C8' F7H A 1 15.50 9.72 -1.50
O3' F7H A 1 16.20 7.61 -3.69
HO5' F7H A 1 16.93 9.02 1.10
H4' F7H A 1 18.12 8.34 -2.25
H1' F7H A 1 18.97 5.33 -1.49
H6 F7H A 1 16.46 6.07 1.02
H71 F7H A 1 14.16 4.43 2.56
H72 F7H A 1 15.44 5.54 3.10
H73 F7H A 1 15.42 3.85 3.67
H41 F7H A 1 16.10 0.74 1.74
H42 F7H A 1 15.28 1.82 2.84
H2' F7H A 1 16.38 4.89 -2.52
H2'' F7H A 1 17.75 5.68 -3.35
H7' F7H A 1 15.04 6.31 -0.89
H7'' F7H A 1 14.23 7.18 -2.21
H6' F7H A 1 14.61 8.54 0.18
H8' F7H A 1 15.48 9.71 -2.58
H8'' F7H A 1 15.24 10.68 -1.04
C7 EAN A 2 12.47 5.15 -0.13
C6 EAN A 2 13.61 3.45 -1.54
C5 EAN A 2 12.86 3.72 -0.43
C4 EAN A 2 12.42 2.65 0.46
C2 EAN A 2 13.57 1.06 -1.07
P EAN A 2 15.40 6.80 -4.86
O1P EAN A 2 16.39 6.08 -5.68
O2P EAN A 2 14.49 7.78 -5.50
O5' EAN A 2 14.48 5.71 -4.11
C5' EAN A 2 13.86 4.66 -4.84
C4' EAN A 2 14.59 3.31 -4.90
O4' EAN A 2 15.29 3.05 -3.67
C1' EAN A 2 14.82 1.84 -3.07
N1 EAN A 2 13.97 2.14 -1.87
O4 EAN A 2 11.77 2.79 1.49
N3 EAN A 2 12.81 1.38 0.06
O2 EAN A 2 13.86 -0.10 -1.34
C3' EAN A 2 13.55 2.23 -5.08
C2' EAN A 2 14.04 1.11 -4.17
C7' EAN A 2 12.20 2.86 -4.63
C6' EAN A 2 12.39 4.38 -4.66
C8' EAN A 2 12.87 4.99 -5.94
O3' EAN A 2 13.53 1.87 -6.44
H73 EAN A 2 11.43 5.18 0.20
H71 EAN A 2 13.11 5.55 0.66
H72 EAN A 2 12.57 5.77 -1.03
H6 EAN A 2 13.92 4.26 -2.17
H4' EAN A 2 15.29 3.31 -5.73
H1' EAN A 2 15.66 1.22 -2.76
H3 EAN A 2 12.52 0.60 0.63
H2' EAN A 2 13.21 0.53 -3.76
H2'' EAN A 2 14.72 0.46 -4.72
H7' EAN A 2 11.95 2.55 -3.62
H7'' EAN A 2 11.41 2.59 -5.32
H6' EAN A 2 11.80 5.00 -3.99
H8' EAN A 2 12.87 4.37 -6.83
H8'' EAN A 2 12.66 6.05 -6.11
P TCJ A 3 12.75 0.60 -7.06
O1P TCJ A 3 13.70 -0.53 -7.08
O2P TCJ A 3 12.13 1.06 -8.31
O5' TCJ A 3 11.57 0.26 -6.01
C5' TCJ A 3 10.87 -0.96 -6.10
C4' TCJ A 3 11.47 -2.16 -5.42
O4' TCJ A 3 12.15 -1.73 -4.22
C1' TCJ A 3 11.64 -2.44 -3.07
N1 TCJ A 3 10.84 -1.53 -2.19
C6 TCJ A 3 10.51 -0.22 -2.56
C5 TCJ A 3 9.79 0.58 -1.72
C7 TCJ A 3 9.42 2.01 -2.09
C4 TCJ A 3 9.40 0.01 -0.43
N4 TCJ A 3 8.69 0.71 0.46
N3 TCJ A 3 9.73 -1.24 -0.09
C2 TCJ A 3 10.45 -2.04 -0.94
O2 TCJ A 3 10.74 -3.18 -0.59
C3' TCJ A 3 10.37 -3.11 -5.02
C2' TCJ A 3 10.82 -3.59 -3.63
C7' TCJ A 3 9.08 -2.25 -5.02
C6' TCJ A 3 9.37 -0.99 -5.85
C8' TCJ A 3 9.89 -1.17 -7.24
O3' TCJ A 3 10.29 -4.18 -5.96
H4' TCJ A 3 12.18 -2.68 -6.08
H1' TCJ A 3 12.47 -2.82 -2.48
H6 TCJ A 3 10.82 0.16 -3.51
H73 TCJ A 3 9.54 2.15 -3.17
H71 TCJ A 3 10.09 2.70 -1.58
H72 TCJ A 3 8.39 2.21 -1.82
H41 TCJ A 3 8.45 0.26 1.34
H42 TCJ A 3 8.40 1.65 0.28
H2' TCJ A 3 9.98 -3.83 -2.98
H2'' TCJ A 3 11.48 -4.45 -3.74
H7' TCJ A 3 8.81 -1.96 -4.01
H7'' TCJ A 3 8.26 -2.79 -5.49
H6' TCJ A 3 8.85 -0.07 -5.61
H8' TCJ A 3 9.82 -2.16 -7.69
H8'' TCJ A 3 9.76 -0.33 -7.94
C8 F4Q A 4 7.41 -3.56 -1.73
C2 F4Q A 4 6.08 -4.02 2.42
C4 F4Q A 4 6.87 -4.08 0.31
C5 F4Q A 4 6.50 -2.78 0.02
C6 F4Q A 4 5.85 -1.98 1.05
P F4Q A 4 9.53 -5.57 -5.68
O1P F4Q A 4 10.43 -6.43 -4.88
O2P F4Q A 4 8.99 -6.07 -6.97
O5' F4Q A 4 8.29 -5.13 -4.77
C5' F4Q A 4 7.40 -6.09 -4.27
C4' F4Q A 4 7.84 -6.89 -3.06
O4' F4Q A 4 8.67 -6.07 -2.22
C1' F4Q A 4 8.08 -5.93 -0.93
N9 F4Q A 4 7.47 -4.58 -0.82
N7 F4Q A 4 6.85 -2.46 -1.28
O6 F4Q A 4 5.47 -0.82 0.99
N1 F4Q A 4 5.69 -2.71 2.23
N2 F4Q A 4 5.82 -4.55 3.60
N3 F4Q A 4 6.68 -4.76 1.48
C3' F4Q A 4 6.61 -7.27 -2.27
C2' F4Q A 4 7.04 -7.03 -0.83
C7' F4Q A 4 5.49 -6.32 -2.77
C6' F4Q A 4 5.96 -5.69 -4.08
C8' F4Q A 4 6.32 -6.65 -5.18
O3' F4Q A 4 6.30 -8.63 -2.52
H8 F4Q A 4 7.79 -3.66 -2.74
H4' F4Q A 4 8.39 -7.78 -3.36
H1' F4Q A 4 8.83 -6.04 -0.14
H1 F4Q A 4 5.24 -2.23 3.01
H22 F4Q A 4 6.09 -5.51 3.77
H21 F4Q A 4 5.36 -4.01 4.31
H2' F4Q A 4 6.20 -6.77 -0.19
H2'' F4Q A 4 7.54 -7.93 -0.45
H7' F4Q A 4 5.28 -5.53 -2.05
H7'' F4Q A 4 4.57 -6.87 -2.97
H6' F4Q A 4 5.64 -4.70 -4.35
H8' F4Q A 4 6.05 -7.69 -5.05
H8'' F4Q A 4 6.30 -6.26 -6.21
C8 F4Q A 5 3.46 -5.65 0.66
C2 F4Q A 5 1.61 -3.93 4.24
C4 F4Q A 5 2.54 -5.10 2.55
C5 F4Q A 5 2.67 -3.99 1.74
C6 F4Q A 5 2.21 -2.70 2.20
P F4Q A 5 5.23 -9.48 -1.65
O1P F4Q A 5 5.86 -9.88 -0.36
O2P F4Q A 5 4.66 -10.51 -2.54
O5' F4Q A 5 4.09 -8.41 -1.32
C5' F4Q A 5 2.83 -8.80 -0.82
C4' F4Q A 5 2.75 -9.17 0.65
O4' F4Q A 5 3.73 -8.39 1.38
C1' F4Q A 5 3.09 -7.58 2.35
N9 F4Q A 5 3.03 -6.16 1.86
N7 F4Q A 5 3.25 -4.36 0.52
O6 F4Q A 5 2.22 -1.61 1.62
N1 F4Q A 5 1.69 -2.77 3.50
N2 F4Q A 5 1.11 -3.83 5.46
N3 F4Q A 5 2.03 -5.13 3.81
C3' F4Q A 5 1.38 -8.80 1.16
C2' F4Q A 5 1.70 -8.19 2.53
C7' F4Q A 5 0.81 -7.81 0.13
C6' F4Q A 5 1.66 -7.90 -1.13
C8' F4Q A 5 1.75 -9.24 -1.80
O3' F4Q A 5 0.57 -9.96 1.26
H8 F4Q A 5 3.92 -6.26 -0.11
H4' F4Q A 5 2.94 -10.24 0.79
H1' F4Q A 5 3.63 -7.61 3.30
H1 F4Q A 5 1.34 -1.91 3.91
H22 F4Q A 5 1.05 -4.66 6.03
H21 F4Q A 5 0.79 -2.95 5.81
H2' F4Q A 5 0.96 -7.44 2.82
H2'' F4Q A 5 1.76 -8.98 3.28
H7' F4Q A 5 0.87 -6.80 0.53
H7'' F4Q A 5 -0.22 -8.05 -0.12
H6' F4Q A 5 1.82 -7.01 -1.73
H8' F4Q A 5 1.05 -10.01 -1.47
H8'' F4Q A 5 2.01 -9.25 -2.86
P TCJ A 6 -0.83 -10.02 2.09
O1P TCJ A 6 -0.49 -10.12 3.53
O2P TCJ A 6 -1.68 -11.05 1.47
O5' TCJ A 6 -1.52 -8.59 1.83
C5' TCJ A 6 -2.68 -8.25 2.54
C4' TCJ A 6 -2.51 -7.76 3.98
O4' TCJ A 6 -1.32 -6.94 4.08
C1' TCJ A 6 -1.66 -5.63 4.58
N1 TCJ A 6 -1.56 -4.62 3.47
C6 TCJ A 6 -1.22 -4.99 2.17
C5 TCJ A 6 -1.12 -4.06 1.18
C7 TCJ A 6 -0.76 -4.45 -0.25
C4 TCJ A 6 -1.38 -2.68 1.54
N4 TCJ A 6 -1.31 -1.70 0.64
N3 TCJ A 6 -1.69 -2.34 2.79
C2 TCJ A 6 -1.80 -3.27 3.79
O2 TCJ A 6 -2.11 -2.92 4.93
C3' TCJ A 6 -3.69 -6.91 4.33
C2' TCJ A 6 -3.08 -5.78 5.14
C7' TCJ A 6 -4.27 -6.45 2.97
C6' TCJ A 6 -3.74 -7.40 1.90
C8' TCJ A 6 -4.01 -8.85 2.10
O3' TCJ A 6 -4.61 -7.70 5.07
H4' TCJ A 6 -2.43 -8.60 4.67
H1' TCJ A 6 -0.98 -5.35 5.38
H6 TCJ A 6 -1.02 -6.03 1.94
H73 TCJ A 6 -0.72 -5.53 -0.35
H71 TCJ A 6 0.21 -4.02 -0.49
H72 TCJ A 6 -1.51 -4.05 -0.93
H41 TCJ A 6 -1.48 -0.76 0.94
H42 TCJ A 6 -1.09 -1.90 -0.32
H2' TCJ A 6 -3.65 -4.85 5.06
H2'' TCJ A 6 -3.00 -6.07 6.19
H7' TCJ A 6 -3.95 -5.43 2.73
H7'' TCJ A 6 -5.36 -6.48 2.98
H6' TCJ A 6 -3.60 -7.03 0.88
H8' TCJ A 6 -4.72 -9.14 2.87
H8'' TCJ A 6 -3.98 -9.49 1.22
C7 EAN A 7 -4.93 -3.60 0.54
C6 EAN A 7 -5.61 -2.78 2.78
C5 EAN A 7 -5.21 -2.48 1.52
C4 EAN A 7 -5.04 -1.09 1.10
C2 EAN A 7 -5.79 -0.43 3.38
P EAN A 7 -5.86 -7.16 5.93
O1P EAN A 7 -5.35 -6.32 7.05
O2P EAN A 7 -6.72 -8.32 6.23
O5' EAN A 7 -6.67 -6.23 4.92
C5' EAN A 7 -7.67 -5.38 5.41
C4' EAN A 7 -7.22 -4.06 6.03
O4' EAN A 7 -6.06 -3.55 5.37
C1' EAN A 7 -6.19 -2.13 5.16
N1 EAN A 7 -5.88 -1.80 3.73
O4 EAN A 7 -4.66 -0.71 0.00
N3 EAN A 7 -5.39 -0.15 2.09
O2 EAN A 7 -6.07 0.46 4.17
C3' EAN A 7 -8.32 -3.07 5.84
C2' EAN A 7 -7.59 -1.74 5.60
C7' EAN A 7 -9.10 -3.60 4.62
C6' EAN A 7 -8.89 -5.12 4.57
C8' EAN A 7 -9.00 -5.95 5.83
O3' EAN A 7 -9.13 -3.06 7.01
H73 EAN A 7 -5.12 -3.25 -0.48
H71 EAN A 7 -5.60 -4.44 0.74
H72 EAN A 7 -3.89 -3.92 0.63
H6 EAN A 7 -5.72 -3.82 3.06
H4' EAN A 7 -7.00 -4.19 7.09
H1' EAN A 7 -5.47 -1.62 5.78
H3 EAN A 7 -5.29 0.83 1.84
H2' EAN A 7 -8.10 -1.13 4.85
H2'' EAN A 7 -7.52 -1.19 6.54
H7' EAN A 7 -8.69 -3.19 3.71
H7'' EAN A 7 -10.16 -3.38 4.68
H6' EAN A 7 -9.04 -5.63 3.62
H8' EAN A 7 -9.49 -5.50 6.68
H8'' EAN A 7 -9.11 -7.03 5.71
C7 EAN A 8 -8.64 -1.42 0.92
C6 EAN A 8 -9.16 0.46 2.49
C5 EAN A 8 -8.76 0.06 1.25
C4 EAN A 8 -8.44 1.05 0.22
C2 EAN A 8 -8.99 2.80 1.88
P EAN A 8 -10.29 -1.98 7.29
O1P EAN A 8 -9.72 -0.92 8.15
O2P EAN A 8 -11.48 -2.73 7.75
O5' EAN A 8 -10.61 -1.36 5.86
C5' EAN A 8 -11.53 -0.31 5.70
C4' EAN A 8 -10.98 1.11 5.75
O4' EAN A 8 -9.69 1.15 5.13
C1' EAN A 8 -9.62 2.26 4.22
N1 EAN A 8 -9.27 1.81 2.83
O4 EAN A 8 -8.08 0.79 -0.93
N3 EAN A 8 -8.60 2.37 0.61
O2 EAN A 8 -9.11 4.01 2.13
C3' EAN A 8 -11.90 2.00 4.96
C2' EAN A 8 -10.95 3.00 4.29
C7' EAN A 8 -12.58 1.05 3.96
C6' EAN A 8 -12.49 -0.36 4.54
C8' EAN A 8 -13.02 -0.57 5.92
O3' EAN A 8 -12.84 2.61 5.85
H73 EAN A 8 -7.87 -1.57 0.16
H71 EAN A 8 -9.59 -1.80 0.56
H72 EAN A 8 -8.36 -1.97 1.82
H6 EAN A 8 -9.41 -0.29 3.23
H4' EAN A 8 -10.91 1.46 6.78
H1' EAN A 8 -8.83 2.94 4.55
H3 EAN A 8 -8.37 3.09 -0.06
H2' EAN A 8 -11.31 3.30 3.31
H2'' EAN A 8 -10.83 3.87 4.94
H7' EAN A 8 -12.05 1.05 3.00
H7'' EAN A 8 -13.62 1.31 3.81
H6' EAN A 8 -12.47 -1.22 3.87
H8' EAN A 8 -13.62 0.23 6.36
H8'' EAN A 8 -13.31 -1.59 6.20
O1P TCY A 9 -12.87 5.11 5.57
P TCY A 9 -13.73 3.92 5.49
O2P TCY A 9 -14.98 3.85 6.29
C8' TCY A 9 -16.40 4.65 3.36
O5' TCY A 9 -14.13 3.66 3.96
C5' TCY A 9 -14.89 4.60 3.25
C6' TCY A 9 -15.75 4.09 2.13
C4' TCY A 9 -14.16 5.85 2.77
C3' TCY A 9 -14.77 6.27 1.46
C7' TCY A 9 -15.49 5.00 0.93
O3' TCY A 9 -15.70 7.33 1.64
C2' TCY A 9 -13.56 6.71 0.65
C1' TCY A 9 -12.41 5.90 1.22
O4' TCY A 9 -12.78 5.51 2.54
N9 TCY A 9 -12.13 4.70 0.40
C4 TCY A 9 -11.62 4.76 -0.86
N3 TCY A 9 -11.31 5.89 -1.55
C2 TCY A 9 -10.83 5.62 -2.76
N1 TCY A 9 -10.62 4.42 -3.30
C6 TCY A 9 -10.91 3.31 -2.60
N6 TCY A 9 -10.67 2.15 -3.19
C5 TCY A 9 -11.46 3.45 -1.29
N7 TCY A 9 -11.90 2.58 -0.30
C8 TCY A 9 -12.29 3.37 0.68
H8' TCY A 9 -16.88 5.62 3.29
H8'A TCY A 9 -16.85 3.94 4.07
H6' TCY A 9 -15.83 3.02 1.95
H4' TCY A 9 -14.24 6.65 3.51
H7' TCY A 9 -14.85 4.47 0.22
H7'A TCY A 9 -16.44 5.26 0.46
H2' TCY A 9 -13.69 6.54 -0.42
H2'A TCY A 9 -13.35 7.77 0.84
H1' TCY A 9 -11.50 6.51 1.25
H2 TCY A 9 -10.58 6.45 -3.38
HN6 TCY A 9 -10.28 2.17 -4.12
HN6A TCY A 9 -10.84 1.28 -2.73
H8 TCY A 9 -12.71 3.00 1.60
P TCJ A 10 -16.22 8.27 0.42
O1P TCJ A 10 -15.20 9.30 0.18
O2P TCJ A 10 -17.62 8.67 0.72
O5' TCJ A 10 -16.25 7.27 -0.86
C5' TCJ A 10 -16.73 7.71 -2.10
C4' TCJ A 10 -15.76 8.49 -3.01
O4' TCJ A 10 -14.43 7.94 -2.90
C1' TCJ A 10 -13.93 7.57 -4.21
N1 TCJ A 10 -13.83 6.08 -4.33
C6 TCJ A 10 -14.40 5.22 -3.40
C5 TCJ A 10 -14.34 3.87 -3.57
C7 TCJ A 10 -14.98 2.92 -2.56
C4 TCJ A 10 -13.66 3.38 -4.75
N4 TCJ A 10 -13.56 2.09 -5.03
N3 TCJ A 10 -13.09 4.23 -5.63
C2 TCJ A 10 -13.13 5.58 -5.45
O2 TCJ A 10 -12.59 6.34 -6.24
C3' TCJ A 10 -16.21 8.31 -4.44
C2' TCJ A 10 -14.92 8.14 -5.23
C7' TCJ A 10 -17.11 7.05 -4.43
C6' TCJ A 10 -17.51 6.78 -2.98
C8' TCJ A 10 -18.22 7.89 -2.27
O3' TCJ A 10 -16.94 9.45 -4.89
H4' TCJ A 10 -15.74 9.55 -2.75
H1' TCJ A 10 -12.95 8.00 -4.38
H6 TCJ A 10 -14.90 5.63 -2.53
H73 TCJ A 10 -15.67 2.26 -3.08
H71 TCJ A 10 -15.52 3.48 -1.80
H72 TCJ A 10 -14.21 2.33 -2.08
H41 TCJ A 10 -13.07 1.81 -5.87
H42 TCJ A 10 -13.96 1.40 -4.43
H2' TCJ A 10 -15.06 7.49 -6.09
H2'' TCJ A 10 -14.56 9.12 -5.54
H7' TCJ A 10 -16.56 6.18 -4.81
H7'' TCJ A 10 -18.00 7.21 -5.05
H6' TCJ A 10 -17.69 5.75 -2.67
H8' TCJ A 10 -18.57 8.73 -2.87
H8'' TCJ A 10 -18.85 7.61 -1.41
H3T TCJ A 10 -17.71 9.14 -5.38
O5' F7H A 1 15.88 10.01 0.96
C5' F7H A 1 15.46 9.39 -0.23
C4' F7H A 1 16.38 8.35 -0.86
O4' F7H A 1 16.89 7.46 0.18
C1' F7H A 1 17.08 6.17 -0.41
N1 F7H A 1 16.54 5.07 0.46
C6 F7H A 1 15.47 5.25 1.32
C5 F7H A 1 14.95 4.21 2.03
C7 F7H A 1 13.74 4.41 2.93
C4 F7H A 1 15.63 2.92 1.88
N4 F7H A 1 15.27 1.83 2.55
N3 F7H A 1 16.67 2.78 1.04
C2 F7H A 1 17.14 3.81 0.32
O2 F7H A 1 18.09 3.64 -0.46
C3' F7H A 1 15.59 7.48 -1.79
C2' F7H A 1 16.36 6.16 -1.74
C7' F7H A 1 14.17 7.49 -1.14
C6' F7H A 1 14.07 8.79 -0.33
C8' F7H A 1 14.40 10.07 -1.05
O3' F7H A 1 15.52 7.99 -3.11
HO5' F7H A 1 15.98 9.36 1.66
H4' F7H A 1 17.21 8.82 -1.40
H1' F7H A 1 18.14 6.00 -0.56
H6 F7H A 1 15.04 6.24 1.44
H71 F7H A 1 14.06 4.80 3.89
H72 F7H A 1 13.24 3.45 3.08
H73 F7H A 1 13.05 5.11 2.45
H41 F7H A 1 15.79 0.98 2.39
H42 F7H A 1 14.50 1.84 3.20
H2' F7H A 1 15.69 5.31 -1.84
H2'' F7H A 1 17.10 6.14 -2.54
H7' F7H A 1 14.05 6.64 -0.49
H7'' F7H A 1 13.40 7.49 -1.90
H6' F7H A 1 13.40 8.84 0.53
H8' F7H A 1 14.52 10.05 -2.13
H8'' F7H A 1 14.01 11.01 -0.64
C7 EAN A 2 11.12 5.55 -0.12
C6 EAN A 2 12.54 3.90 -1.33
C5 EAN A 2 11.68 4.15 -0.29
C4 EAN A 2 11.30 3.07 0.63
C2 EAN A 2 12.72 1.55 -0.73
P EAN A 2 14.94 7.12 -4.39
O1P EAN A 2 16.03 6.24 -4.88
O2P EAN A 2 14.30 8.07 -5.32
O5' EAN A 2 13.77 6.17 -3.81
C5' EAN A 2 13.30 5.09 -4.58
C4' EAN A 2 14.09 3.80 -4.51
O4' EAN A 2 14.58 3.61 -3.16
C1' EAN A 2 14.11 2.38 -2.61
N1 EAN A 2 13.08 2.64 -1.55
O4 EAN A 2 10.58 3.20 1.61
N3 EAN A 2 11.84 1.82 0.31
O2 EAN A 2 13.12 0.41 -0.94
C3' EAN A 2 13.18 2.65 -4.82
C2' EAN A 2 13.59 1.58 -3.81
C7' EAN A 2 11.75 3.19 -4.60
C6' EAN A 2 11.84 4.72 -4.59
C8' EAN A 2 12.42 5.37 -5.79
O3' EAN A 2 13.40 2.27 -6.17
H73 EAN A 2 10.90 5.97 -1.10
H71 EAN A 2 10.19 5.49 0.46
H72 EAN A 2 11.85 6.18 0.40
H6 EAN A 2 12.82 4.72 -1.98
H4' EAN A 2 14.93 3.81 -5.20
H1' EAN A 2 14.94 1.84 -2.16
H3 EAN A 2 11.59 1.05 0.91
H2' EAN A 2 12.76 0.93 -3.53
H2'' EAN A 2 14.41 0.99 -4.21
H7' EAN A 2 11.35 2.85 -3.65
H7'' EAN A 2 11.09 2.86 -5.41
H6' EAN A 2 11.13 5.28 -3.98
H8' EAN A 2 12.57 4.75 -6.68
H8'' EAN A 2 12.16 6.42 -5.97
P TCJ A 3 12.94 0.86 -6.82
O1P TCJ A 3 13.95 -0.16 -6.45
O2P TCJ A 3 12.62 1.11 -8.23
O5' TCJ A 3 11.57 0.52 -6.05
C5' TCJ A 3 10.93 -0.70 -6.27
C4' TCJ A 3 11.47 -1.93 -5.56
O4' TCJ A 3 12.03 -1.54 -4.29
C1' TCJ A 3 11.43 -2.30 -3.23
N1 TCJ A 3 10.57 -1.42 -2.36
C6 TCJ A 3 10.18 -0.14 -2.76
C5 TCJ A 3 9.44 0.64 -1.93
C7 TCJ A 3 8.99 2.03 -2.37
C4 TCJ A 3 9.08 0.09 -0.64
N4 TCJ A 3 8.37 0.77 0.26
N3 TCJ A 3 9.47 -1.14 -0.27
C2 TCJ A 3 10.21 -1.93 -1.11
O2 TCJ A 3 10.54 -3.06 -0.76
C3' TCJ A 3 10.33 -2.89 -5.31
C2' TCJ A 3 10.61 -3.42 -3.90
C7' TCJ A 3 9.05 -2.01 -5.41
C6' TCJ A 3 9.42 -0.75 -6.19
C8' TCJ A 3 10.10 -0.91 -7.53
O3' TCJ A 3 10.35 -3.90 -6.30
H4' TCJ A 3 12.24 -2.42 -6.17
H1' TCJ A 3 12.20 -2.75 -2.61
H6 TCJ A 3 10.47 0.22 -3.73
H73 TCJ A 3 9.17 2.17 -3.44
H71 TCJ A 3 9.55 2.79 -1.81
H72 TCJ A 3 7.92 2.14 -2.16
H41 TCJ A 3 8.15 0.35 1.15
H42 TCJ A 3 8.05 1.71 0.07
H2' TCJ A 3 9.71 -3.65 -3.35
H2'' TCJ A 3 11.25 -4.31 -3.98
H7' TCJ A 3 8.71 -1.72 -4.42
H7'' TCJ A 3 8.27 -2.53 -5.94
H6' TCJ A 3 8.87 0.17 -6.00
H8' TCJ A 3 10.12 -1.89 -7.99
H8'' TCJ A 3 10.06 -0.06 -8.22
C8 F4Q A 4 7.10 -3.47 -2.06
C2 F4Q A 4 5.58 -4.52 1.92
C4 F4Q A 4 6.46 -4.27 -0.14
C5 F4Q A 4 6.18 -2.93 -0.22
C6 F4Q A 4 5.57 -2.27 0.91
P F4Q A 4 9.45 -5.25 -6.25
O1P F4Q A 4 10.22 -6.28 -5.49
O2P F4Q A 4 9.00 -5.54 -7.62
O5' F4Q A 4 8.17 -4.84 -5.38
C5' F4Q A 4 7.23 -5.83 -5.00
C4' F4Q A 4 7.58 -6.71 -3.81
O4' F4Q A 4 8.31 -5.92 -2.86
C1' F4Q A 4 7.65 -5.97 -1.59
N9 F4Q A 4 7.07 -4.62 -1.30
N7 F4Q A 4 6.60 -2.43 -1.45
O6 F4Q A 4 5.30 -1.08 1.06
N1 F4Q A 4 5.31 -3.17 1.95
N2 F4Q A 4 5.21 -5.23 2.95
N3 F4Q A 4 6.20 -5.12 0.88
C3' F4Q A 4 6.30 -7.16 -3.16
C2' F4Q A 4 6.61 -7.07 -1.67
C7' F4Q A 4 5.22 -6.17 -3.66
C6' F4Q A 4 5.78 -5.46 -4.88
C8' F4Q A 4 6.22 -6.32 -6.02
O3' F4Q A 4 6.01 -8.51 -3.56
H8 F4Q A 4 7.49 -3.44 -3.06
H4' F4Q A 4 8.17 -7.57 -4.12
H1' F4Q A 4 8.37 -6.20 -0.80
H1 F4Q A 4 4.86 -2.79 2.78
H22 F4Q A 4 5.39 -6.23 2.96
H21 F4Q A 4 4.75 -4.80 3.74
H2' F4Q A 4 5.72 -6.83 -1.08
H2'' F4Q A 4 7.05 -8.00 -1.33
H7' F4Q A 4 5.00 -5.43 -2.88
H7'' F4Q A 4 4.31 -6.69 -3.94
H6' F4Q A 4 5.46 -4.44 -5.09
H8' F4Q A 4 5.95 -7.37 -6.01
H8'' F4Q A 4 6.27 -5.85 -7.02
C8 F4Q A 5 2.98 -5.50 -0.29
C2 F4Q A 5 1.31 -4.02 3.50
C4 F4Q A 5 2.16 -5.08 1.68
C5 F4Q A 5 2.27 -3.92 0.94
C6 F4Q A 5 1.84 -2.67 1.51
P F4Q A 5 4.90 -9.45 -2.84
O1P F4Q A 5 5.45 -9.96 -1.57
O2P F4Q A 5 4.41 -10.40 -3.87
O5' F4Q A 5 3.71 -8.43 -2.51
C5' F4Q A 5 2.48 -8.84 -1.96
C4' F4Q A 5 2.43 -9.12 -0.46
O4' F4Q A 5 3.35 -8.26 0.23
C1' F4Q A 5 2.69 -7.53 1.27
N9 F4Q A 5 2.62 -6.10 0.88
N7 F4Q A 5 2.78 -4.21 -0.32
O6 F4Q A 5 1.84 -1.55 1.00
N1 F4Q A 5 1.38 -2.82 2.82
N2 F4Q A 5 0.84 -3.97 4.73
N3 F4Q A 5 1.70 -5.21 2.97
C3' F4Q A 5 1.04 -8.79 0.04
C2' F4Q A 5 1.29 -8.15 1.39
C7' F4Q A 5 0.46 -7.84 -1.04
C6' F4Q A 5 1.25 -8.06 -2.33
C8' F4Q A 5 1.42 -9.45 -2.85
O3' F4Q A 5 0.26 -9.97 0.13
H8 F4Q A 5 3.40 -6.05 -1.12
H4' F4Q A 5 2.65 -10.16 -0.24
H1' F4Q A 5 3.22 -7.64 2.21
H1 F4Q A 5 1.07 -1.99 3.31
H22 F4Q A 5 0.77 -4.81 5.29
H21 F4Q A 5 0.56 -3.08 5.12
H2' F4Q A 5 0.54 -7.40 1.65
H2'' F4Q A 5 1.32 -8.92 2.16
H7' F4Q A 5 0.57 -6.79 -0.72
H7'' F4Q A 5 -0.60 -8.05 -1.22
H6' F4Q A 5 1.34 -7.23 -3.04
H8' F4Q A 5 0.80 -10.25 -2.42
H8'' F4Q A 5 1.70 -9.59 -3.90
P TCJ A 6 -1.16 -10.09 0.88
O1P TCJ A 6 -0.89 -10.46 2.29
O2P TCJ A 6 -2.01 -10.97 0.05
O5' TCJ A 6 -1.82 -8.61 0.86
C5' TCJ A 6 -3.01 -8.35 1.60
C4' TCJ A 6 -2.85 -7.94 3.07
O4' TCJ A 6 -1.68 -7.12 3.24
C1' TCJ A 6 -2.04 -5.83 3.77
N1 TCJ A 6 -1.92 -4.77 2.72
C6 TCJ A 6 -1.63 -5.09 1.40
C5 TCJ A 6 -1.48 -4.11 0.46
C7 TCJ A 6 -1.19 -4.47 -0.99
C4 TCJ A 6 -1.59 -2.74 0.90
N4 TCJ A 6 -1.42 -1.71 0.07
N3 TCJ A 6 -1.88 -2.44 2.18
C2 TCJ A 6 -2.07 -3.42 3.12
O2 TCJ A 6 -2.37 -3.13 4.28
C3' TCJ A 6 -4.06 -7.10 3.46
C2' TCJ A 6 -3.46 -5.98 4.30
C7' TCJ A 6 -4.68 -6.62 2.13
C6' TCJ A 6 -4.11 -7.49 1.00
C8' TCJ A 6 -4.32 -8.96 1.13
O3' TCJ A 6 -4.97 -7.92 4.20
H4' TCJ A 6 -2.78 -8.81 3.70
H1' TCJ A 6 -1.36 -5.58 4.60
H6 TCJ A 6 -1.52 -6.12 1.10
H73 TCJ A 6 -0.15 -4.25 -1.22
H71 TCJ A 6 -1.85 -3.89 -1.64
H72 TCJ A 6 -1.38 -5.54 -1.16
H41 TCJ A 6 -1.51 -0.76 0.43
H42 TCJ A 6 -1.21 -1.87 -0.90
H2' TCJ A 6 -4.02 -5.05 4.20
H2'' TCJ A 6 -3.41 -6.28 5.34
H7' TCJ A 6 -4.42 -5.58 1.93
H7'' TCJ A 6 -5.76 -6.73 2.15
H6' TCJ A 6 -3.99 -7.07 0.01
H8' TCJ A 6 -5.02 -9.31 1.89
H8'' TCJ A 6 -4.28 -9.56 0.22
C7 EAN A 7 -5.21 -3.50 0.07
C6 EAN A 7 -5.58 -2.72 2.42
C5 EAN A 7 -5.28 -2.40 1.12
C4 EAN A 7 -5.01 -1.01 0.74
C2 EAN A 7 -5.46 -0.39 3.11
P EAN A 7 -6.18 -7.34 5.10
O1P EAN A 7 -5.64 -6.90 6.41
O2P EAN A 7 -7.27 -8.36 5.06
O5' EAN A 7 -6.72 -6.06 4.31
C5' EAN A 7 -7.63 -5.17 4.93
C4' EAN A 7 -7.04 -3.97 5.67
O4' EAN A 7 -5.84 -3.52 5.04
C1' EAN A 7 -5.88 -2.10 4.86
N1 EAN A 7 -5.66 -1.75 3.41
O4 EAN A 7 -4.70 -0.62 -0.38
N3 EAN A 7 -5.15 -0.10 1.78
O2 EAN A 7 -5.58 0.50 3.94
C3' EAN A 7 -8.04 -2.85 5.63
C2' EAN A 7 -7.20 -1.59 5.41
C7' EAN A 7 -8.95 -3.19 4.42
C6' EAN A 7 -8.82 -4.69 4.16
C8' EAN A 7 -9.03 -5.63 5.30
O3' EAN A 7 -8.75 -2.84 6.86
H73 EAN A 7 -5.99 -4.24 0.27
H71 EAN A 7 -5.38 -3.07 -0.92
H72 EAN A 7 -4.24 -3.98 0.10
H6 EAN A 7 -5.77 -3.75 2.66
H4' EAN A 7 -6.83 -4.24 6.72
H1' EAN A 7 -5.06 -1.66 5.43
H3 EAN A 7 -4.99 0.88 1.56
H2' EAN A 7 -7.68 -0.89 4.73
H2'' EAN A 7 -7.00 -1.10 6.36
H7' EAN A 7 -8.62 -2.67 3.53
H7'' EAN A 7 -9.98 -2.96 4.62
H6' EAN A 7 -8.99 -5.06 3.15
H8' EAN A 7 -9.46 -5.23 6.21
H8'' EAN A 7 -9.27 -6.67 5.06
C7 EAN A 8 -8.71 -0.93 1.14
C6 EAN A 8 -8.93 0.89 2.80
C5 EAN A 8 -8.58 0.52 1.54
C4 EAN A 8 -8.07 1.50 0.59
C2 EAN A 8 -8.40 3.23 2.34
P EAN A 8 -9.68 -1.62 7.37
O1P EAN A 8 -8.81 -0.57 7.97
O2P EAN A 8 -10.79 -2.20 8.16
O5' EAN A 8 -10.29 -1.07 6.00
C5' EAN A 8 -11.15 0.03 5.97
C4' EAN A 8 -10.52 1.42 6.09
O4' EAN A 8 -9.23 1.45 5.46
C1' EAN A 8 -9.12 2.62 4.64
N1 EAN A 8 -8.84 2.22 3.23
O4 EAN A 8 -7.69 1.25 -0.56
N3 EAN A 8 -8.04 2.81 1.06
O2 EAN A 8 -8.35 4.41 2.67
C3' EAN A 8 -11.40 2.38 5.37
C2' EAN A 8 -10.43 3.41 4.79
C7' EAN A 8 -12.12 1.52 4.31
C6' EAN A 8 -12.13 0.09 4.83
C8' EAN A 8 -12.63 -0.15 6.23
O3' EAN A 8 -12.31 2.92 6.31
H73 EAN A 8 -8.57 -1.04 0.07
H71 EAN A 8 -9.70 -1.29 1.42
H72 EAN A 8 -7.95 -1.53 1.66
H6 EAN A 8 -9.31 0.15 3.49
H4' EAN A 8 -10.42 1.71 7.14
H1' EAN A 8 -8.29 3.23 4.99
H3 EAN A 8 -7.71 3.52 0.43
H2' EAN A 8 -10.77 3.81 3.84
H2'' EAN A 8 -10.27 4.20 5.51
H7' EAN A 8 -11.58 1.54 3.37
H7'' EAN A 8 -13.14 1.85 4.15
H6' EAN A 8 -12.18 -0.73 4.13
H8' EAN A 8 -13.17 0.67 6.73
H8'' EAN A 8 -12.97 -1.16 6.48
O1P TCY A 9 -12.33 5.42 6.26
P TCY A 9 -13.21 4.24 6.09
O2P TCY A 9 -14.41 4.09 6.93
C8' TCY A 9 -15.91 5.31 4.14
O5' TCY A 9 -13.67 4.15 4.57
C5' TCY A 9 -14.41 5.17 3.94
C6' TCY A 9 -15.36 4.72 2.86
C4' TCY A 9 -13.65 6.39 3.44
C3' TCY A 9 -14.27 6.83 2.12
C7' TCY A 9 -15.07 5.60 1.65
O3' TCY A 9 -15.13 7.94 2.32
C2' TCY A 9 -13.05 7.17 1.27
C1' TCY A 9 -11.93 6.34 1.86
O4' TCY A 9 -12.30 6.01 3.20
N9 TCY A 9 -11.69 5.11 1.09
C4 TCY A 9 -11.08 5.10 -0.13
N3 TCY A 9 -10.66 6.20 -0.81
C2 TCY A 9 -10.12 5.86 -1.99
N1 TCY A 9 -9.92 4.64 -2.47
C6 TCY A 9 -10.30 3.56 -1.76
N6 TCY A 9 -9.99 2.38 -2.27
C5 TCY A 9 -10.97 3.78 -0.51
N7 TCY A 9 -11.53 2.95 0.46
C8 TCY A 9 -11.95 3.79 1.38
H8' TCY A 9 -16.33 6.32 4.09
H8'A TCY A 9 -16.37 4.63 4.85
H6' TCY A 9 -15.52 3.66 2.71
H4' TCY A 9 -13.69 7.20 4.17
H7' TCY A 9 -14.49 5.02 0.93
H7'A TCY A 9 -16.01 5.90 1.20
H2' TCY A 9 -13.22 6.96 0.22
H2'A TCY A 9 -12.81 8.23 1.41
H1' TCY A 9 -11.01 6.93 1.87
H2 TCY A 9 -9.81 6.68 -2.62
HN6 TCY A 9 -9.52 2.36 -3.17
HN6A TCY A 9 -10.22 1.52 -1.80
H8 TCY A 9 -12.47 3.48 2.29
P TCJ A 10 -15.69 8.85 1.07
O1P TCJ A 10 -14.65 9.86 0.74
O2P TCJ A 10 -17.05 9.31 1.44
O5' TCJ A 10 -15.82 7.83 -0.18
C5' TCJ A 10 -16.18 8.30 -1.47
C4' TCJ A 10 -15.06 8.81 -2.39
O4' TCJ A 10 -13.92 7.96 -2.28
C1' TCJ A 10 -13.33 7.75 -3.57
N1 TCJ A 10 -13.08 6.31 -3.84
C6 TCJ A 10 -13.57 5.31 -3.01
C5 TCJ A 10 -13.26 4.00 -3.24
C7 TCJ A 10 -13.80 2.91 -2.35
C4 TCJ A 10 -12.39 3.72 -4.38
N4 TCJ A 10 -11.97 2.50 -4.68
N3 TCJ A 10 -11.95 4.70 -5.18
C2 TCJ A 10 -12.29 6.00 -4.96
O2 TCJ A 10 -11.91 6.88 -5.73
C3' TCJ A 10 -15.53 8.67 -3.82
C2' TCJ A 10 -14.27 8.35 -4.60
C7' TCJ A 10 -16.55 7.52 -3.77
C6' TCJ A 10 -17.09 7.45 -2.34
C8' TCJ A 10 -17.62 8.71 -1.73
O3' TCJ A 10 -16.14 9.87 -4.28
H4' TCJ A 10 -14.80 9.83 -2.16
H1' TCJ A 10 -12.37 8.28 -3.61
H6 TCJ A 10 -14.22 5.56 -2.19
H73 TCJ A 10 -14.74 2.52 -2.77
H71 TCJ A 10 -14.01 3.32 -1.35
H72 TCJ A 10 -13.08 2.10 -2.26
H41 TCJ A 10 -11.36 2.38 -5.48
H42 TCJ A 10 -12.25 1.70 -4.13
H2' TCJ A 10 -14.48 7.67 -5.42
H2'' TCJ A 10 -13.84 9.28 -4.98
H7' TCJ A 10 -16.06 6.58 -4.01
H7'' TCJ A 10 -17.37 7.70 -4.48
H6' TCJ A 10 -17.45 6.50 -1.96
H8' TCJ A 10 -17.79 9.57 -2.38
H8'' TCJ A 10 -18.31 8.62 -0.89
H3T TCJ A 10 -17.05 9.68 -4.52
O5' F7H A 1 17.32 8.62 0.69
C5' F7H A 1 16.63 8.39 -0.52
C4' F7H A 1 17.39 7.68 -1.63
O4' F7H A 1 18.24 6.67 -1.04
C1' F7H A 1 18.01 5.39 -1.65
N1 F7H A 1 17.33 4.44 -0.72
C6 F7H A 1 16.82 4.82 0.52
C5 F7H A 1 16.16 3.92 1.32
C7 F7H A 1 15.62 4.33 2.68
C4 F7H A 1 16.02 2.56 0.80
N4 F7H A 1 15.41 1.57 1.46
N3 F7H A 1 16.52 2.22 -0.40
C2 F7H A 1 17.20 3.10 -1.17
O2 F7H A 1 17.71 2.74 -2.23
C3' F7H A 1 16.40 6.96 -2.54
C2' F7H A 1 17.14 5.68 -2.87
C7' F7H A 1 15.13 6.81 -1.67
C6' F7H A 1 15.24 7.81 -0.50
C8' F7H A 1 15.44 9.25 -0.86
O3' F7H A 1 16.13 7.72 -3.72
HO5' F7H A 1 16.84 9.27 1.21
H4' F7H A 1 17.99 8.39 -2.22
H1' F7H A 1 18.95 4.96 -1.97
H6 F7H A 1 16.95 5.83 0.86
H71 F7H A 1 14.54 4.47 2.60
H72 F7H A 1 16.07 5.27 3.00
H73 F7H A 1 15.83 3.56 3.41
H41 F7H A 1 15.36 0.67 1.01
H42 F7H A 1 15.00 1.72 2.36
H2' F7H A 1 16.47 4.87 -3.07
H2'' F7H A 1 17.80 5.84 -3.72
H7' F7H A 1 15.05 5.79 -1.28
H7'' F7H A 1 14.24 7.06 -2.25
H6' F7H A 1 14.77 7.56 0.45
H8' F7H A 1 15.32 9.54 -1.90
H8'' F7H A 1 15.15 9.99 -0.11
C7 EAN A 2 12.25 5.11 -0.52
C6 EAN A 2 13.44 3.57 -2.08
C5 EAN A 2 12.69 3.73 -0.96
C4 EAN A 2 12.29 2.56 -0.16
C2 EAN A 2 13.52 1.15 -1.80
P EAN A 2 15.33 7.12 -5.02
O1P EAN A 2 16.30 6.39 -5.87
O2P EAN A 2 14.53 8.22 -5.59
O5' EAN A 2 14.30 6.05 -4.41
C5' EAN A 2 13.67 5.08 -5.24
C4' EAN A 2 14.40 3.76 -5.46
O4' EAN A 2 15.13 3.41 -4.26
C1' EAN A 2 14.70 2.14 -3.77
N1 EAN A 2 13.86 2.31 -2.52
O4 EAN A 2 11.61 2.60 0.86
N3 EAN A 2 12.75 1.35 -0.65
O2 EAN A 2 13.89 0.02 -2.14
C3' EAN A 2 13.38 2.69 -5.71
C2' EAN A 2 13.91 1.49 -4.91
C7' EAN A 2 12.04 3.24 -5.18
C6' EAN A 2 12.21 4.76 -5.02
C8' EAN A 2 12.62 5.53 -6.24
O3' EAN A 2 13.30 2.42 -7.10
H73 EAN A 2 12.95 5.48 0.22
H71 EAN A 2 12.24 5.79 -1.38
H72 EAN A 2 11.25 5.06 -0.09
H6 EAN A 2 13.73 4.44 -2.64
H4' EAN A 2 15.08 3.84 -6.31
H1' EAN A 2 15.56 1.52 -3.52
H3 EAN A 2 12.50 0.52 -0.13
H2' EAN A 2 13.12 0.85 -4.54
H2'' EAN A 2 14.62 0.93 -5.52
H7' EAN A 2 11.79 2.81 -4.21
H7'' EAN A 2 11.24 3.04 -5.89
H6' EAN A 2 11.64 5.27 -4.24
H8' EAN A 2 12.59 5.03 -7.20
H8'' EAN A 2 12.38 6.61 -6.26
P TCJ A 3 12.63 1.10 -7.75
O1P TCJ A 3 13.63 0.01 -7.68
O2P TCJ A 3 12.06 1.49 -9.06
O5' TCJ A 3 11.40 0.75 -6.77
C5' TCJ A 3 10.66 -0.43 -6.97
C4' TCJ A 3 11.20 -1.71 -6.37
O4' TCJ A 3 11.92 -1.38 -5.16
C1' TCJ A 3 11.37 -2.12 -4.06
N1 TCJ A 3 10.63 -1.20 -3.13
C6 TCJ A 3 10.29 0.11 -3.47
C5 TCJ A 3 9.60 0.90 -2.59
C7 TCJ A 3 9.21 2.33 -2.94
C4 TCJ A 3 9.26 0.31 -1.30
N4 TCJ A 3 8.57 0.99 -0.37
N3 TCJ A 3 9.61 -0.94 -0.99
C2 TCJ A 3 10.29 -1.73 -1.87
O2 TCJ A 3 10.59 -2.88 -1.57
C3' TCJ A 3 10.04 -2.61 -6.01
C2' TCJ A 3 10.46 -3.18 -4.65
C7' TCJ A 3 8.80 -1.69 -5.97
C6' TCJ A 3 9.17 -0.40 -6.71
C8' TCJ A 3 9.68 -0.51 -8.11
O3' TCJ A 3 9.91 -3.61 -7.01
H4' TCJ A 3 11.87 -2.22 -7.08
H1' TCJ A 3 12.17 -2.60 -3.50
H6 TCJ A 3 10.59 0.51 -4.43
H73 TCJ A 3 9.86 3.03 -2.41
H71 TCJ A 3 8.17 2.51 -2.66
H72 TCJ A 3 9.32 2.50 -4.02
H41 TCJ A 3 8.36 0.51 0.50
H42 TCJ A 3 8.27 1.93 -0.53
H2' TCJ A 3 9.60 -3.39 -4.01
H2'' TCJ A 3 11.04 -4.09 -4.80
H7' TCJ A 3 8.53 -1.46 -4.94
H7'' TCJ A 3 7.95 -2.17 -6.47
H6' TCJ A 3 8.69 0.53 -6.40
H8' TCJ A 3 9.58 -1.46 -8.63
H8'' TCJ A 3 9.60 0.38 -8.75
C8 F4Q A 4 7.11 -3.43 -2.41
C2 F4Q A 4 5.90 -4.35 1.71
C4 F4Q A 4 6.63 -4.18 -0.43
C5 F4Q A 4 6.30 -2.84 -0.54
C6 F4Q A 4 5.74 -2.15 0.61
P F4Q A 4 9.07 -4.99 -6.81
O1P F4Q A 4 9.99 -5.98 -6.20
O2P F4Q A 4 8.41 -5.30 -8.10
O5' F4Q A 4 7.93 -4.61 -5.73
C5' F4Q A 4 7.00 -5.59 -5.30
C4' F4Q A 4 7.43 -6.55 -4.20
O4' F4Q A 4 8.29 -5.86 -3.27
C1' F4Q A 4 7.72 -5.91 -1.96
N9 F4Q A 4 7.16 -4.56 -1.63
N7 F4Q A 4 6.62 -2.37 -1.81
O6 F4Q A 4 5.44 -0.97 0.71
N1 F4Q A 4 5.57 -3.00 1.69
N2 F4Q A 4 5.63 -5.01 2.82
N3 F4Q A 4 6.46 -4.99 0.66
C3' F4Q A 4 6.19 -7.01 -3.45
C2' F4Q A 4 6.67 -7.00 -1.99
C7' F4Q A 4 5.11 -5.96 -3.78
C6' F4Q A 4 5.58 -5.17 -5.00
C8' F4Q A 4 5.87 -5.96 -6.24
O3' F4Q A 4 5.81 -8.32 -3.89
H8 F4Q A 4 7.45 -3.41 -3.44
H4' F4Q A 4 7.95 -7.41 -4.62
H1' F4Q A 4 8.48 -6.15 -1.22
H1 F4Q A 4 5.16 -2.61 2.53
H22 F4Q A 4 5.85 -5.99 2.88
H21 F4Q A 4 5.22 -4.53 3.59
H2' F4Q A 4 5.85 -6.80 -1.30
H2'' F4Q A 4 7.14 -7.95 -1.76
H7' F4Q A 4 4.97 -5.27 -2.93
H7'' F4Q A 4 4.16 -6.45 -4.01
H6' F4Q A 4 5.28 -4.14 -5.11
H8' F4Q A 4 5.56 -7.01 -6.26
H8'' F4Q A 4 5.84 -5.44 -7.20
C8 F4Q A 5 3.28 -5.50 -0.36
C2 F4Q A 5 1.61 -3.84 3.34
C4 F4Q A 5 2.47 -4.97 1.59
C5 F4Q A 5 2.54 -3.86 0.77
C6 F4Q A 5 2.08 -2.58 1.27
P F4Q A 5 4.74 -9.26 -3.09
O1P F4Q A 5 5.48 -9.96 -2.02
O2P F4Q A 5 3.99 -10.04 -4.11
O5' F4Q A 5 3.74 -8.19 -2.41
C5' F4Q A 5 2.54 -8.60 -1.78
C4' F4Q A 5 2.60 -9.00 -0.32
O4' F4Q A 5 3.63 -8.24 0.35
C1' F4Q A 5 3.05 -7.43 1.37
N9 F4Q A 5 2.94 -6.03 0.87
N7 F4Q A 5 3.05 -4.22 -0.48
O6 F4Q A 5 2.07 -1.50 0.70
N1 F4Q A 5 1.63 -2.68 2.58
N2 F4Q A 5 1.15 -3.75 4.57
N3 F4Q A 5 2.02 -5.04 2.87
C3' F4Q A 5 1.27 -8.65 0.34
C2' F4Q A 5 1.69 -8.05 1.67
C7' F4Q A 5 0.59 -7.67 -0.63
C6' F4Q A 5 1.31 -7.75 -1.96
C8' F4Q A 5 1.38 -9.09 -2.62
O3' F4Q A 5 0.51 -9.84 0.49
H8 F4Q A 5 3.69 -6.10 -1.16
H4' F4Q A 5 2.80 -10.06 -0.21
H1' F4Q A 5 3.67 -7.44 2.27
H1 F4Q A 5 1.28 -1.84 3.02
H22 F4Q A 5 1.12 -4.58 5.14
H21 F4Q A 5 0.83 -2.87 4.92
H2' F4Q A 5 0.97 -7.31 2.03
H2'' F4Q A 5 1.82 -8.85 2.41
H7' F4Q A 5 0.64 -6.65 -0.25
H7'' F4Q A 5 -0.46 -7.94 -0.77
H6' F4Q A 5 1.37 -6.85 -2.59
H8' F4Q A 5 0.77 -9.89 -2.21
H8'' F4Q A 5 1.52 -9.11 -3.71
P TCJ A 6 -0.85 -9.96 1.36
O1P TCJ A 6 -0.49 -10.26 2.76
O2P TCJ A 6 -1.76 -10.86 0.61
O5' TCJ A 6 -1.54 -8.50 1.33
C5' TCJ A 6 -2.65 -8.26 2.16
C4' TCJ A 6 -2.39 -7.76 3.58
O4' TCJ A 6 -1.25 -6.87 3.57
C1' TCJ A 6 -1.64 -5.58 4.08
N1 TCJ A 6 -1.70 -4.57 2.96
C6 TCJ A 6 -1.40 -4.93 1.64
C5 TCJ A 6 -1.29 -4.00 0.66
C7 TCJ A 6 -0.98 -4.40 -0.77
C4 TCJ A 6 -1.50 -2.61 1.04
N4 TCJ A 6 -1.33 -1.62 0.16
N3 TCJ A 6 -1.83 -2.28 2.29
C2 TCJ A 6 -1.98 -3.23 3.27
O2 TCJ A 6 -2.35 -2.91 4.40
C3' TCJ A 6 -3.58 -6.98 4.03
C2' TCJ A 6 -2.97 -5.80 4.77
C7' TCJ A 6 -4.35 -6.58 2.74
C6' TCJ A 6 -3.84 -7.49 1.63
C8' TCJ A 6 -3.98 -8.96 1.86
O3' TCJ A 6 -4.37 -7.81 4.88
H4' TCJ A 6 -2.20 -8.60 4.25
H1' TCJ A 6 -0.91 -5.23 4.80
H6 TCJ A 6 -1.22 -5.98 1.40
H73 TCJ A 6 -1.24 -5.44 -0.93
H71 TCJ A 6 0.09 -4.26 -0.96
H72 TCJ A 6 -1.54 -3.77 -1.46
H41 TCJ A 6 -1.47 -0.67 0.46
H42 TCJ A 6 -1.07 -1.82 -0.79
H2' TCJ A 6 -3.61 -4.93 4.75
H2'' TCJ A 6 -2.77 -6.10 5.81
H7' TCJ A 6 -4.13 -5.54 2.47
H7'' TCJ A 6 -5.41 -6.71 2.86
H6' TCJ A 6 -3.83 -7.12 0.60
H8' TCJ A 6 -4.58 -9.28 2.71
H8'' TCJ A 6 -4.00 -9.62 0.99
C7 EAN A 7 -5.33 -3.60 0.44
C6 EAN A 7 -5.62 -2.72 2.75
C5 EAN A 7 -5.43 -2.46 1.43
C4 EAN A 7 -5.33 -1.07 0.95
C2 EAN A 7 -5.68 -0.35 3.31
P EAN A 7 -5.51 -7.25 5.89
O1P EAN A 7 -4.85 -6.65 7.07
O2P EAN A 7 -6.51 -8.32 6.07
O5' EAN A 7 -6.20 -6.08 5.04
C5' EAN A 7 -7.16 -5.24 5.61
C4' EAN A 7 -6.67 -3.92 6.21
O4' EAN A 7 -5.60 -3.39 5.41
C1' EAN A 7 -5.79 -2.00 5.18
N1 EAN A 7 -5.71 -1.70 3.69
O4 EAN A 7 -5.14 -0.74 -0.21
N3 EAN A 7 -5.49 -0.11 1.95
O2 EAN A 7 -5.83 0.58 4.10
C3' EAN A 7 -7.81 -2.94 6.12
C2' EAN A 7 -7.12 -1.59 5.81
C7' EAN A 7 -8.68 -3.45 4.97
C6' EAN A 7 -8.42 -4.95 4.83
C8' EAN A 7 -8.51 -5.80 6.05
O3' EAN A 7 -8.48 -2.97 7.37
H73 EAN A 7 -5.80 -4.50 0.86
H71 EAN A 7 -4.28 -3.80 0.24
H72 EAN A 7 -5.84 -3.32 -0.49
H6 EAN A 7 -5.70 -3.74 3.08
H4' EAN A 7 -6.34 -4.04 7.23
H1' EAN A 7 -4.99 -1.44 5.66
H3 EAN A 7 -5.43 0.86 1.66
H2' EAN A 7 -7.72 -0.99 5.14
H2'' EAN A 7 -6.92 -1.05 6.73
H7' EAN A 7 -8.41 -2.96 4.03
H7'' EAN A 7 -9.73 -3.29 5.18
H6' EAN A 7 -8.55 -5.42 3.86
H8' EAN A 7 -8.98 -5.37 6.93
H8'' EAN A 7 -8.66 -6.88 5.90
C7 EAN A 8 -9.20 -1.10 1.64
C6 EAN A 8 -9.18 0.69 3.35
C5 EAN A 8 -8.96 0.33 2.07
C4 EAN A 8 -8.49 1.31 1.09
C2 EAN A 8 -8.57 3.00 2.91
P EAN A 8 -9.48 -1.83 7.90
O1P EAN A 8 -8.67 -0.72 8.45
O2P EAN A 8 -10.49 -2.50 8.74
O5' EAN A 8 -10.20 -1.35 6.55
C5' EAN A 8 -11.08 -0.25 6.54
C4' EAN A 8 -10.47 1.13 6.74
O4' EAN A 8 -9.21 1.19 6.07
C1' EAN A 8 -9.13 2.37 5.25
N1 EAN A 8 -8.98 1.99 3.80
O4 EAN A 8 -8.24 1.07 -0.09
N3 EAN A 8 -8.35 2.61 1.58
O2 EAN A 8 -8.43 4.18 3.25
C3' EAN A 8 -11.38 2.14 6.10
C2' EAN A 8 -10.39 3.17 5.54
C7' EAN A 8 -12.17 1.34 5.04
C6' EAN A 8 -12.08 -0.13 5.42
C8' EAN A 8 -12.56 -0.49 6.79
O3' EAN A 8 -12.24 2.70 7.09
H73 EAN A 8 -9.33 -1.16 0.56
H71 EAN A 8 -10.11 -1.48 2.13
H72 EAN A 8 -8.35 -1.72 1.94
H6 EAN A 8 -9.53 -0.05 4.06
H4' EAN A 8 -10.35 1.36 7.81
H1' EAN A 8 -8.26 2.96 5.54
H3 EAN A 8 -8.04 3.31 0.94
H2' EAN A 8 -10.77 3.66 4.65
H2'' EAN A 8 -10.15 3.91 6.30
H7' EAN A 8 -11.71 1.48 4.04
H7'' EAN A 8 -13.21 1.66 5.02
H6' EAN A 8 -12.11 -0.89 4.65
H8' EAN A 8 -13.12 0.26 7.35
H8'' EAN A 8 -12.86 -1.53 6.97
O1P TCY A 9 -12.10 5.20 7.05
P TCY A 9 -13.06 4.08 6.90
O2P TCY A 9 -14.25 4.02 7.77
C8' TCY A 9 -15.78 5.11 4.94
O5' TCY A 9 -13.53 4.01 5.37
C5' TCY A 9 -14.27 5.04 4.78
C6' TCY A 9 -15.19 4.65 3.64
C4' TCY A 9 -13.54 6.32 4.39
C3' TCY A 9 -14.15 6.85 3.11
C7' TCY A 9 -14.96 5.67 2.52
O3' TCY A 9 -15.00 7.96 3.40
C2' TCY A 9 -12.95 7.28 2.29
C1' TCY A 9 -11.82 6.39 2.78
O4' TCY A 9 -12.16 6.01 4.12
N9 TCY A 9 -11.67 5.19 1.93
C4 TCY A 9 -11.22 5.21 0.65
N3 TCY A 9 -10.81 6.32 -0.04
C2 TCY A 9 -10.45 6.00 -1.29
N1 TCY A 9 -10.41 4.80 -1.86
C6 TCY A 9 -10.82 3.72 -1.15
N6 TCY A 9 -10.78 2.55 -1.80
C5 TCY A 9 -11.24 3.91 0.20
N7 TCY A 9 -11.71 3.06 1.20
C8 TCY A 9 -11.96 3.87 2.20
H8' TCY A 9 -16.24 6.10 4.97
H8'A TCY A 9 -16.22 4.36 5.60
H6' TCY A 9 -15.29 3.59 3.38
H4' TCY A 9 -13.62 7.07 5.18
H7' TCY A 9 -14.40 5.18 1.71
H7'A TCY A 9 -15.93 6.00 2.15
H2' TCY A 9 -13.11 7.17 1.22
H2'A TCY A 9 -12.69 8.33 2.51
H1' TCY A 9 -10.87 6.96 2.79
H2 TCY A 9 -10.13 6.82 -1.92
HN6 TCY A 9 -10.46 2.54 -2.76
HN6A TCY A 9 -11.08 1.70 -1.35
H8 TCY A 9 -12.35 3.55 3.16
P TCJ A 10 -15.64 8.91 2.26
O1P TCJ A 10 -14.70 10.03 2.01
O2P TCJ A 10 -17.03 9.19 2.68
O5' TCJ A 10 -15.71 8.00 0.92
C5' TCJ A 10 -16.05 8.56 -0.33
C4' TCJ A 10 -14.91 8.91 -1.29
O4' TCJ A 10 -13.86 7.92 -1.20
C1' TCJ A 10 -13.47 7.48 -2.52
N1 TCJ A 10 -13.67 6.00 -2.67
C6 TCJ A 10 -14.26 5.23 -1.67
C5 TCJ A 10 -14.32 3.87 -1.77
C7 TCJ A 10 -14.96 3.03 -0.68
C4 TCJ A 10 -13.76 3.28 -2.97
N4 TCJ A 10 -13.73 1.96 -3.16
N3 TCJ A 10 -13.22 4.04 -3.94
C2 TCJ A 10 -13.18 5.40 -3.84
O2 TCJ A 10 -12.72 6.08 -4.76
C3' TCJ A 10 -15.46 8.85 -2.69
C2' TCJ A 10 -14.31 8.27 -3.52
C7' TCJ A 10 -16.68 7.91 -2.61
C6' TCJ A 10 -17.14 7.91 -1.16
C8' TCJ A 10 -17.41 9.23 -0.51
O3' TCJ A 10 -15.82 10.12 -3.17
H4' TCJ A 10 -14.51 9.90 -1.08
H1' TCJ A 10 -12.42 7.71 -2.69
H6 TCJ A 10 -14.67 5.72 -0.79
H73 TCJ A 10 -15.67 2.33 -1.13
H71 TCJ A 10 -15.50 3.68 0.03
H72 TCJ A 10 -14.19 2.47 -0.15
H41 TCJ A 10 -13.30 1.61 -4.01
H42 TCJ A 10 -14.09 1.33 -2.47
H2' TCJ A 10 -14.69 7.64 -4.34
H2'' TCJ A 10 -13.70 9.08 -3.92
H7' TCJ A 10 -16.40 6.89 -2.89
H7'' TCJ A 10 -17.48 8.27 -3.25
H6' TCJ A 10 -17.65 7.03 -0.77
H8' TCJ A 10 -17.45 10.11 -1.15
H8'' TCJ A 10 -18.07 9.24 0.36
H3T TCJ A 10 -16.31 10.00 -3.98
O5' F7H A 1 15.90 9.78 1.68
C5' F7H A 1 15.29 9.25 0.54
C4' F7H A 1 16.16 8.43 -0.42
O4' F7H A 1 16.98 7.50 0.34
C1' F7H A 1 17.02 6.23 -0.33
N1 F7H A 1 16.50 5.12 0.52
C6 F7H A 1 15.76 5.36 1.67
C5 F7H A 1 15.21 4.33 2.38
C7 F7H A 1 14.38 4.60 3.61
C4 F7H A 1 15.43 2.97 1.85
N4 F7H A 1 14.94 1.87 2.41
N3 F7H A 1 16.17 2.78 0.76
C2 F7H A 1 16.75 3.80 0.09
O2 F7H A 1 17.49 3.59 -0.86
C3' F7H A 1 15.27 7.60 -1.30
C2' F7H A 1 16.15 6.38 -1.58
C7' F7H A 1 14.02 7.37 -0.43
C6' F7H A 1 13.99 8.48 0.63
C8' F7H A 1 13.99 9.87 0.09
O3' F7H A 1 14.93 8.29 -2.50
HO5' F7H A 1 15.22 10.07 2.31
H4' F7H A 1 16.79 9.08 -1.03
H1' F7H A 1 18.04 5.99 -0.63
H6 F7H A 1 15.63 6.36 2.03
H71 F7H A 1 13.52 3.93 3.65
H72 F7H A 1 14.02 5.64 3.59
H73 F7H A 1 14.99 4.46 4.50
H41 F7H A 1 15.17 0.99 1.96
H42 F7H A 1 14.39 1.89 3.24
H2' F7H A 1 15.56 5.50 -1.77
H2'' F7H A 1 16.80 6.59 -2.42
H7' F7H A 1 14.06 6.40 0.05
H7'' F7H A 1 13.11 7.44 -1.03
H6' F7H A 1 13.55 8.28 1.61
H8' F7H A 1 13.83 10.00 -0.98
H8'' F7H A 1 13.60 10.67 0.73
C7 EAN A 2 11.53 5.39 0.90
C6 EAN A 2 12.72 3.91 -0.73
C5 EAN A 2 12.02 4.03 0.43
C4 EAN A 2 11.71 2.84 1.24
C2 EAN A 2 12.90 1.50 -0.48
P EAN A 2 14.25 7.54 -3.79
O1P EAN A 2 15.34 6.90 -4.57
O2P EAN A 2 13.36 8.52 -4.45
O5' EAN A 2 13.33 6.39 -3.15
C5' EAN A 2 12.73 5.39 -3.96
C4' EAN A 2 13.54 4.11 -4.17
O4' EAN A 2 14.33 3.83 -3.00
C1' EAN A 2 13.98 2.54 -2.46
N1 EAN A 2 13.17 2.68 -1.20
O4 EAN A 2 11.10 2.83 2.30
N3 EAN A 2 12.17 1.65 0.69
O2 EAN A 2 13.25 0.39 -0.86
C3' EAN A 2 12.58 2.97 -4.37
C2' EAN A 2 13.22 1.84 -3.57
C7' EAN A 2 11.23 3.46 -3.81
C6' EAN A 2 11.31 4.99 -3.71
C8' EAN A 2 11.63 5.76 -4.94
O3' EAN A 2 12.49 2.73 -5.77
H73 EAN A 2 12.23 5.79 1.63
H71 EAN A 2 11.46 6.07 0.05
H72 EAN A 2 10.55 5.28 1.36
H6 EAN A 2 12.94 4.80 -1.31
H4' EAN A 2 14.18 4.22 -5.05
H1' EAN A 2 14.88 1.97 -2.22
H3 EAN A 2 11.98 0.81 1.22
H2' EAN A 2 12.48 1.14 -3.19
H2'' EAN A 2 13.94 1.31 -4.20
H7' EAN A 2 11.07 3.05 -2.81
H7'' EAN A 2 10.41 3.18 -4.47
H6' EAN A 2 10.73 5.48 -2.93
H8' EAN A 2 11.61 5.22 -5.90
H8'' EAN A 2 11.34 6.81 -4.98
P TCJ A 3 12.00 1.34 -6.42
O1P TCJ A 3 13.12 0.39 -6.34
O2P TCJ A 3 11.37 1.66 -7.72
O5' TCJ A 3 10.82 0.85 -5.43
C5' TCJ A 3 10.24 -0.40 -5.63
C4' TCJ A 3 11.00 -1.62 -5.13
O4' TCJ A 3 11.73 -1.28 -3.93
C1' TCJ A 3 11.34 -2.13 -2.84
N1 TCJ A 3 10.52 -1.36 -1.85
C6 TCJ A 3 10.06 -0.06 -2.10
C5 TCJ A 3 9.37 0.63 -1.17
C7 TCJ A 3 8.86 2.04 -1.44
C4 TCJ A 3 9.15 -0.02 0.11
N4 TCJ A 3 8.51 0.58 1.11
N3 TCJ A 3 9.59 -1.27 0.35
C2 TCJ A 3 10.26 -1.98 -0.60
O2 TCJ A 3 10.61 -3.13 -0.38
C3' TCJ A 3 10.02 -2.70 -4.78
C2' TCJ A 3 10.57 -3.28 -3.47
C7' TCJ A 3 8.66 -1.97 -4.61
C6' TCJ A 3 8.79 -0.60 -5.27
C8' TCJ A 3 9.16 -0.57 -6.71
O3' TCJ A 3 9.98 -3.66 -5.84
H4' TCJ A 3 11.70 -1.99 -5.89
H1' TCJ A 3 12.22 -2.51 -2.34
H6 TCJ A 3 10.27 0.39 -3.06
H73 TCJ A 3 8.90 2.24 -2.51
H71 TCJ A 3 9.49 2.76 -0.91
H72 TCJ A 3 7.83 2.12 -1.09
H41 TCJ A 3 8.40 0.09 1.98
H42 TCJ A 3 8.16 1.52 0.99
H2' TCJ A 3 9.79 -3.66 -2.81
H2'' TCJ A 3 11.29 -4.08 -3.70
H7' TCJ A 3 8.42 -1.83 -3.55
H7'' TCJ A 3 7.86 -2.51 -5.10
H6' TCJ A 3 8.21 0.24 -4.88
H8' TCJ A 3 9.13 -1.51 -7.26
H8'' TCJ A 3 8.91 0.33 -7.29
C8 F4Q A 4 7.24 -3.62 -1.56
C2 F4Q A 4 5.80 -4.38 2.51
C4 F4Q A 4 6.64 -4.29 0.42
C5 F4Q A 4 6.37 -2.95 0.27
C6 F4Q A 4 5.77 -2.21 1.36
P F4Q A 4 9.31 -5.12 -5.72
O1P F4Q A 4 10.26 -6.01 -5.00
O2P F4Q A 4 8.82 -5.49 -7.06
O5' F4Q A 4 8.05 -4.84 -4.79
C5' F4Q A 4 7.15 -5.86 -4.43
C4' F4Q A 4 7.54 -6.78 -3.27
O4' F4Q A 4 8.36 -6.08 -2.32
C1' F4Q A 4 7.73 -6.09 -1.03
N9 F4Q A 4 7.21 -4.72 -0.75
N7 F4Q A 4 6.76 -2.53 -1.01
O6 F4Q A 4 5.50 -1.01 1.43
N1 F4Q A 4 5.51 -3.03 2.46
N2 F4Q A 4 5.44 -5.01 3.61
N3 F4Q A 4 6.40 -5.06 1.52
C3' F4Q A 4 6.27 -7.21 -2.59
C2' F4Q A 4 6.64 -7.15 -1.10
C7' F4Q A 4 5.19 -6.18 -3.01
C6' F4Q A 4 5.70 -5.49 -4.27
C8' F4Q A 4 6.11 -6.33 -5.44
O3' F4Q A 4 5.96 -8.51 -3.04
H8 F4Q A 4 7.60 -3.65 -2.57
H4' F4Q A 4 8.07 -7.65 -3.64
H1' F4Q A 4 8.45 -6.37 -0.26
H1 F4Q A 4 5.06 -2.60 3.25
H22 F4Q A 4 5.63 -5.99 3.70
H21 F4Q A 4 4.99 -4.50 4.36
H2' F4Q A 4 5.79 -6.91 -0.47
H2'' F4Q A 4 7.07 -8.11 -0.80
H7' F4Q A 4 5.04 -5.43 -2.24
H7'' F4Q A 4 4.25 -6.68 -3.24
H6' F4Q A 4 5.38 -4.46 -4.48
H8' F4Q A 4 5.83 -7.39 -5.42
H8'' F4Q A 4 6.14 -5.87 -6.42
C8 F4Q A 5 3.21 -5.73 0.34
C2 F4Q A 5 1.41 -4.04 3.97
C4 F4Q A 5 2.33 -5.19 2.25
C5 F4Q A 5 2.47 -4.07 1.46
C6 F4Q A 5 2.08 -2.78 1.97
P F4Q A 5 4.84 -9.48 -2.38
O1P F4Q A 5 5.50 -10.25 -1.30
O2P F4Q A 5 4.17 -10.18 -3.50
O5' F4Q A 5 3.78 -8.47 -1.71
C5' F4Q A 5 2.58 -8.94 -1.14
C4' F4Q A 5 2.60 -9.28 0.35
O4' F4Q A 5 3.57 -8.45 1.03
C1' F4Q A 5 2.91 -7.66 2.04
N9 F4Q A 5 2.81 -6.26 1.55
N7 F4Q A 5 3.04 -4.43 0.24
O6 F4Q A 5 2.15 -1.68 1.43
N1 F4Q A 5 1.54 -2.87 3.25
N2 F4Q A 5 0.86 -3.95 5.17
N3 F4Q A 5 1.80 -5.24 3.51
C3' F4Q A 5 1.24 -8.98 0.94
C2' F4Q A 5 1.56 -8.31 2.27
C7' F4Q A 5 0.55 -8.04 -0.09
C6' F4Q A 5 1.31 -8.15 -1.40
C8' F4Q A 5 1.48 -9.50 -2.02
O3' F4Q A 5 0.51 -10.20 1.10
H8 F4Q A 5 3.62 -6.32 -0.45
H4' F4Q A 5 2.84 -10.33 0.50
H1' F4Q A 5 3.49 -7.67 2.96
H1 F4Q A 5 1.22 -2.01 3.69
H22 F4Q A 5 0.74 -4.77 5.73
H21 F4Q A 5 0.56 -3.05 5.51
H2' F4Q A 5 0.80 -7.58 2.56
H2'' F4Q A 5 1.67 -9.07 3.04
H7' F4Q A 5 0.58 -7.01 0.25
H7'' F4Q A 5 -0.48 -8.34 -0.26
H6' F4Q A 5 1.35 -7.28 -2.06
H8' F4Q A 5 0.87 -10.31 -1.62
H8'' F4Q A 5 1.68 -9.55 -3.09
P TCJ A 6 -0.81 -10.35 2.00
O1P TCJ A 6 -0.39 -10.46 3.42
O2P TCJ A 6 -1.64 -11.41 1.40
O5' TCJ A 6 -1.56 -8.94 1.78
C5' TCJ A 6 -2.76 -8.62 2.43
C4' TCJ A 6 -2.68 -7.97 3.82
O4' TCJ A 6 -1.53 -7.11 3.91
C1' TCJ A 6 -1.93 -5.78 4.31
N1 TCJ A 6 -1.78 -4.81 3.17
C6 TCJ A 6 -1.42 -5.21 1.89
C5 TCJ A 6 -1.22 -4.30 0.90
C7 TCJ A 6 -0.86 -4.74 -0.51
C4 TCJ A 6 -1.39 -2.90 1.25
N4 TCJ A 6 -1.15 -1.93 0.37
N3 TCJ A 6 -1.76 -2.52 2.48
C2 TCJ A 6 -1.99 -3.45 3.47
O2 TCJ A 6 -2.36 -3.07 4.57
C3' TCJ A 6 -3.91 -7.12 4.02
C2' TCJ A 6 -3.38 -5.92 4.78
C7' TCJ A 6 -4.40 -6.80 2.58
C6' TCJ A 6 -3.81 -7.85 1.65
C8' TCJ A 6 -4.06 -9.30 1.99
O3' TCJ A 6 -4.88 -7.84 4.75
H4' TCJ A 6 -2.63 -8.74 4.60
H1' TCJ A 6 -1.30 -5.45 5.15
H6 TCJ A 6 -1.28 -6.26 1.69
H73 TCJ A 6 -1.33 -4.07 -1.24
H71 TCJ A 6 -1.21 -5.76 -0.68
H72 TCJ A 6 0.22 -4.71 -0.64
H41 TCJ A 6 -1.28 -0.97 0.66
H42 TCJ A 6 -0.87 -2.13 -0.57
H2' TCJ A 6 -3.95 -5.02 4.60
H2'' TCJ A 6 -3.37 -6.16 5.85
H7' TCJ A 6 -4.05 -5.81 2.27
H7'' TCJ A 6 -5.48 -6.83 2.54
H6' TCJ A 6 -3.61 -7.59 0.62
H8' TCJ A 6 -4.81 -9.52 2.74
H8'' TCJ A 6 -3.97 -10.02 1.18
C7 EAN A 7 -5.07 -3.71 0.65
C6 EAN A 7 -5.53 -2.78 2.91
C5 EAN A 7 -5.23 -2.55 1.60
C4 EAN A 7 -5.05 -1.18 1.10
C2 EAN A 7 -5.61 -0.39 3.39
P EAN A 7 -6.24 -7.21 5.33
O1P EAN A 7 -5.99 -6.81 6.74
O2P EAN A 7 -7.32 -8.16 5.01
O5' EAN A 7 -6.53 -5.86 4.48
C5' EAN A 7 -7.59 -5.01 4.85
C4' EAN A 7 -7.27 -3.87 5.82
O4' EAN A 7 -5.94 -3.37 5.56
C1' EAN A 7 -5.99 -1.96 5.27
N1 EAN A 7 -5.72 -1.73 3.81
O4 EAN A 7 -4.74 -0.88 -0.04
N3 EAN A 7 -5.29 -0.19 2.06
O2 EAN A 7 -5.80 0.57 4.13
C3' EAN A 7 -8.24 -2.75 5.57
C2' EAN A 7 -7.37 -1.50 5.70
C7' EAN A 7 -8.79 -3.00 4.14
C6' EAN A 7 -8.48 -4.45 3.79
C8' EAN A 7 -9.03 -5.49 4.70
O3' EAN A 7 -9.27 -2.78 6.55
H73 EAN A 7 -4.03 -4.05 0.64
H71 EAN A 7 -5.36 -3.41 -0.36
H72 EAN A 7 -5.71 -4.54 0.97
H6 EAN A 7 -5.63 -3.80 3.25
H4' EAN A 7 -7.35 -4.21 6.85
H1' EAN A 7 -5.23 -1.44 5.85
H3 EAN A 7 -5.19 0.76 1.75
H2' EAN A 7 -7.75 -0.68 5.07
H2'' EAN A 7 -7.32 -1.19 6.74
H7' EAN A 7 -8.29 -2.34 3.42
H7'' EAN A 7 -9.86 -2.85 4.10
H6' EAN A 7 -8.33 -4.71 2.74
H8' EAN A 7 -9.76 -5.16 5.45
H8'' EAN A 7 -9.19 -6.49 4.29
C7 EAN A 8 -8.84 -1.19 0.99
C6 EAN A 8 -9.07 0.78 2.51
C5 EAN A 8 -8.74 0.30 1.28
C4 EAN A 8 -8.30 1.22 0.23
C2 EAN A 8 -8.63 3.07 1.83
P EAN A 8 -10.32 -1.58 6.78
O1P EAN A 8 -9.69 -0.55 7.62
O2P EAN A 8 -11.60 -2.19 7.20
O5' EAN A 8 -10.52 -0.99 5.31
C5' EAN A 8 -11.43 0.04 5.08
C4' EAN A 8 -10.96 1.46 5.39
O4' EAN A 8 -9.56 1.59 5.09
C1' EAN A 8 -9.37 2.67 4.18
N1 EAN A 8 -9.02 2.14 2.81
O4 EAN A 8 -7.96 0.89 -0.91
N3 EAN A 8 -8.29 2.55 0.60
O2 EAN A 8 -8.59 4.28 2.06
C3' EAN A 8 -11.73 2.41 4.52
C2' EAN A 8 -10.67 3.46 4.20
C7' EAN A 8 -12.21 1.56 3.32
C6' EAN A 8 -12.14 0.10 3.75
C8' EAN A 8 -12.91 -0.28 4.97
O3' EAN A 8 -12.81 2.92 5.28
H73 EAN A 8 -9.11 -1.33 -0.06
H71 EAN A 8 -9.61 -1.64 1.62
H72 EAN A 8 -7.88 -1.67 1.18
H6 EAN A 8 -9.35 0.08 3.28
H4' EAN A 8 -11.14 1.69 6.45
H1' EAN A 8 -8.55 3.30 4.52
H3 EAN A 8 -8.01 3.21 -0.11
H2' EAN A 8 -10.87 3.97 3.26
H2'' EAN A 8 -10.64 4.20 5.01
H7' EAN A 8 -11.57 1.71 2.46
H7'' EAN A 8 -13.24 1.79 3.06
H6' EAN A 8 -11.94 -0.66 3.00
H8' EAN A 8 -13.63 0.44 5.36
H8'' EAN A 8 -13.20 -1.33 5.08
O1P TCY A 9 -13.32 5.37 5.27
P TCY A 9 -13.84 4.06 4.78
O2P TCY A 9 -15.19 3.62 5.18
C8' TCY A 9 -15.97 4.84 2.22
O5' TCY A 9 -13.77 4.05 3.19
C5' TCY A 9 -14.47 4.98 2.41
C6' TCY A 9 -15.04 4.56 1.09
C4' TCY A 9 -13.81 6.35 2.22
C3' TCY A 9 -14.22 6.89 0.87
C7' TCY A 9 -14.81 5.69 0.09
O3' TCY A 9 -15.17 7.91 1.06
C2' TCY A 9 -12.90 7.42 0.30
C1' TCY A 9 -11.83 6.57 0.97
O4' TCY A 9 -12.37 6.21 2.25
N9 TCY A 9 -11.55 5.32 0.22
C4 TCY A 9 -11.02 5.27 -1.03
N3 TCY A 9 -10.63 6.35 -1.79
C2 TCY A 9 -10.15 5.96 -2.96
N1 TCY A 9 -10.00 4.71 -3.43
C6 TCY A 9 -10.39 3.67 -2.67
N6 TCY A 9 -10.27 2.47 -3.22
C5 TCY A 9 -10.92 3.94 -1.38
N7 TCY A 9 -11.40 3.14 -0.34
C8 TCY A 9 -11.76 4.01 0.58
H8' TCY A 9 -16.57 5.74 2.17
H8'A TCY A 9 -16.43 3.98 2.71
H6' TCY A 9 -14.92 3.53 0.75
H4' TCY A 9 -14.13 7.04 3.01
H7' TCY A 9 -14.12 5.35 -0.69
H7'A TCY A 9 -15.76 5.95 -0.36
H2' TCY A 9 -12.86 7.37 -0.78
H2'A TCY A 9 -12.75 8.46 0.62
H1' TCY A 9 -10.91 7.13 1.09
H2 TCY A 9 -9.81 6.74 -3.61
HN6 TCY A 9 -9.87 2.41 -4.15
HN6A TCY A 9 -10.57 1.64 -2.74
H8 TCY A 9 -12.17 3.71 1.52
P TCJ A 10 -15.66 8.94 -0.08
O1P TCJ A 10 -14.65 10.00 -0.21
O2P TCJ A 10 -17.06 9.30 0.27
O5' TCJ A 10 -15.69 8.07 -1.44
C5' TCJ A 10 -15.93 8.70 -2.68
C4' TCJ A 10 -14.74 9.38 -3.38
O4' TCJ A 10 -13.57 8.54 -3.25
C1' TCJ A 10 -12.95 8.34 -4.54
N1 TCJ A 10 -12.95 6.89 -4.91
C6 TCJ A 10 -13.54 5.93 -4.11
C5 TCJ A 10 -13.39 4.59 -4.36
C7 TCJ A 10 -14.05 3.55 -3.48
C4 TCJ A 10 -12.58 4.23 -5.52
N4 TCJ A 10 -12.30 2.97 -5.82
N3 TCJ A 10 -12.06 5.18 -6.32
C2 TCJ A 10 -12.24 6.51 -6.07
O2 TCJ A 10 -11.78 7.35 -6.84
C3' TCJ A 10 -15.05 9.48 -4.86
C2' TCJ A 10 -13.71 9.21 -5.53
C7' TCJ A 10 -16.11 8.39 -5.12
C6' TCJ A 10 -16.72 8.00 -3.77
C8' TCJ A 10 -17.37 9.10 -3.01
O3' TCJ A 10 -15.53 10.77 -5.19
H4' TCJ A 10 -14.54 10.35 -2.95
H1' TCJ A 10 -11.92 8.68 -4.51
H6 TCJ A 10 -14.13 6.23 -3.26
H73 TCJ A 10 -14.98 3.96 -3.05
H71 TCJ A 10 -13.37 3.28 -2.66
H72 TCJ A 10 -14.28 2.67 -4.06
H41 TCJ A 10 -11.72 2.79 -6.63
H42 TCJ A 10 -12.64 2.22 -5.26
H2' TCJ A 10 -13.85 8.72 -6.49
H2'' TCJ A 10 -13.17 10.15 -5.65
H7' TCJ A 10 -15.65 7.51 -5.58
H7'' TCJ A 10 -16.89 8.78 -5.78
H6' TCJ A 10 -17.07 6.98 -3.62
H8' TCJ A 10 -17.53 10.04 -3.53
H8'' TCJ A 10 -18.13 8.82 -2.28
H3T TCJ A 10 -15.24 10.97 -6.08
#